data_5QXU
# 
_entry.id   5QXU 
# 
_audit_conform.dict_name       mmcif_pdbx.dic 
_audit_conform.dict_version    5.387 
_audit_conform.dict_location   http://mmcif.pdb.org/dictionaries/ascii/mmcif_pdbx.dic 
# 
loop_
_database_2.database_id 
_database_2.database_code 
_database_2.pdbx_database_accession 
_database_2.pdbx_DOI 
PDB   5QXU         pdb_00005qxu 10.2210/pdb5qxu/pdb 
WWPDB D_1001402458 ?            ?                   
# 
loop_
_pdbx_audit_revision_history.ordinal 
_pdbx_audit_revision_history.data_content_type 
_pdbx_audit_revision_history.major_revision 
_pdbx_audit_revision_history.minor_revision 
_pdbx_audit_revision_history.revision_date 
1 'Structure model' 1 0 2020-04-08 
2 'Structure model' 1 1 2024-03-06 
# 
_pdbx_audit_revision_details.ordinal             1 
_pdbx_audit_revision_details.revision_ordinal    1 
_pdbx_audit_revision_details.data_content_type   'Structure model' 
_pdbx_audit_revision_details.provider            repository 
_pdbx_audit_revision_details.type                'Initial release' 
_pdbx_audit_revision_details.description         ? 
_pdbx_audit_revision_details.details             ? 
# 
loop_
_pdbx_audit_revision_group.ordinal 
_pdbx_audit_revision_group.revision_ordinal 
_pdbx_audit_revision_group.data_content_type 
_pdbx_audit_revision_group.group 
1 2 'Structure model' 'Data collection'     
2 2 'Structure model' 'Database references' 
# 
loop_
_pdbx_audit_revision_category.ordinal 
_pdbx_audit_revision_category.revision_ordinal 
_pdbx_audit_revision_category.data_content_type 
_pdbx_audit_revision_category.category 
1 2 'Structure model' chem_comp_atom 
2 2 'Structure model' chem_comp_bond 
3 2 'Structure model' database_2     
# 
loop_
_pdbx_audit_revision_item.ordinal 
_pdbx_audit_revision_item.revision_ordinal 
_pdbx_audit_revision_item.data_content_type 
_pdbx_audit_revision_item.item 
1 2 'Structure model' '_database_2.pdbx_DOI'                
2 2 'Structure model' '_database_2.pdbx_database_accession' 
# 
_pdbx_database_status.entry_id                        5QXU 
_pdbx_database_status.status_code                     REL 
_pdbx_database_status.status_code_sf                  REL 
_pdbx_database_status.status_code_mr                  ? 
_pdbx_database_status.status_code_cs                  ? 
_pdbx_database_status.recvd_initial_deposition_date   2020-02-11 
_pdbx_database_status.deposit_site                    RCSB 
_pdbx_database_status.process_site                    RCSB 
_pdbx_database_status.SG_entry                        ? 
_pdbx_database_status.pdb_format_compatible           Y 
_pdbx_database_status.methods_development_category    ? 
_pdbx_database_status.status_code_nmr_data            ? 
# 
loop_
_audit_author.name 
_audit_author.pdbx_ordinal 
'Snee, M.'         1 
'Talon, R.'        2 
'Fowley, D.'       3 
'Collins, P.'      4 
'Nelson, A.'       5 
'Arrowsmith, C.H.' 6 
'Bountra, C.'      7 
'Edwards, A.'      8 
'Von-Delft, F.'    9 
# 
_citation.id                        primary 
_citation.title                     'PanDDA analysis group deposition - Bromodomain of human ATAD2 fragment screening' 
_citation.journal_abbrev            'To Be Published' 
_citation.journal_volume            ? 
_citation.page_first                ? 
_citation.page_last                 ? 
_citation.year                      ? 
_citation.journal_id_ASTM           ? 
_citation.country                   ? 
_citation.journal_id_ISSN           ? 
_citation.journal_id_CSD            0353 
_citation.book_publisher            ? 
_citation.pdbx_database_id_PubMed   ? 
_citation.pdbx_database_id_DOI      ? 
# 
loop_
_citation_author.citation_id 
_citation_author.name 
_citation_author.identifier_ORCID 
_citation_author.ordinal 
primary 'Snee, M.'         ? 1 
primary 'Talon, R.'        ? 2 
primary 'Fowley, D.'       ? 3 
primary 'Collins, P.'      ? 4 
primary 'Nelson, A.'       ? 5 
primary 'Arrowsmith, C.H.' ? 6 
primary 'Bountra, C.'      ? 7 
primary 'Edwards, A.'      ? 8 
primary 'Von-Delft, F.'    ? 9 
# 
loop_
_entity.id 
_entity.type 
_entity.src_method 
_entity.pdbx_description 
_entity.formula_weight 
_entity.pdbx_number_of_molecules 
_entity.pdbx_ec 
_entity.pdbx_mutation 
_entity.pdbx_fragment 
_entity.details 
1 polymer     man 'ATPase family AAA domain-containing protein 2'                                              15512.562 1   
3.6.1.3 ? ? ? 
2 non-polymer syn 'SULFATE ION'                                                                                96.063    2   ? ? ? 
? 
3 non-polymer syn 1,2-ETHANEDIOL                                                                               62.068    5   ? ? ? 
? 
4 non-polymer syn '(3S,6S)-N~3~-cyclopropyl-N~1~-(cyclopropylmethyl)-3,6-dimethylpiperazine-1,3-dicarboxamide' 294.393   1   ? ? ? 
? 
5 water       nat water                                                                                        18.015    222 ? ? ? 
? 
# 
_entity_name_com.entity_id   1 
_entity_name_com.name        'AAA nuclear coregulator cancer-associated protein,ANCCA' 
# 
_entity_poly.entity_id                      1 
_entity_poly.type                           'polypeptide(L)' 
_entity_poly.nstd_linkage                   no 
_entity_poly.nstd_monomer                   no 
_entity_poly.pdbx_seq_one_letter_code       
;SMQEEDTFRELRIFLRNVTHRLAIDKRFRVFTKPVDPDEVPDYRTVIKEPMDLSSVISKIDLHKYLTVKDYLRDIDLICS
NALEYNPDRDPGDRLIRHRACALRDTAYAIIKEELDEDFEQLCEEIQESR
;
_entity_poly.pdbx_seq_one_letter_code_can   
;SMQEEDTFRELRIFLRNVTHRLAIDKRFRVFTKPVDPDEVPDYRTVIKEPMDLSSVISKIDLHKYLTVKDYLRDIDLICS
NALEYNPDRDPGDRLIRHRACALRDTAYAIIKEELDEDFEQLCEEIQESR
;
_entity_poly.pdbx_strand_id                 A 
_entity_poly.pdbx_target_identifier         ? 
# 
loop_
_pdbx_entity_nonpoly.entity_id 
_pdbx_entity_nonpoly.name 
_pdbx_entity_nonpoly.comp_id 
2 'SULFATE ION'                                                                                SO4 
3 1,2-ETHANEDIOL                                                                               EDO 
4 '(3S,6S)-N~3~-cyclopropyl-N~1~-(cyclopropylmethyl)-3,6-dimethylpiperazine-1,3-dicarboxamide' RJD 
5 water                                                                                        HOH 
# 
loop_
_entity_poly_seq.entity_id 
_entity_poly_seq.num 
_entity_poly_seq.mon_id 
_entity_poly_seq.hetero 
1 1   SER n 
1 2   MET n 
1 3   GLN n 
1 4   GLU n 
1 5   GLU n 
1 6   ASP n 
1 7   THR n 
1 8   PHE n 
1 9   ARG n 
1 10  GLU n 
1 11  LEU n 
1 12  ARG n 
1 13  ILE n 
1 14  PHE n 
1 15  LEU n 
1 16  ARG n 
1 17  ASN n 
1 18  VAL n 
1 19  THR n 
1 20  HIS n 
1 21  ARG n 
1 22  LEU n 
1 23  ALA n 
1 24  ILE n 
1 25  ASP n 
1 26  LYS n 
1 27  ARG n 
1 28  PHE n 
1 29  ARG n 
1 30  VAL n 
1 31  PHE n 
1 32  THR n 
1 33  LYS n 
1 34  PRO n 
1 35  VAL n 
1 36  ASP n 
1 37  PRO n 
1 38  ASP n 
1 39  GLU n 
1 40  VAL n 
1 41  PRO n 
1 42  ASP n 
1 43  TYR n 
1 44  ARG n 
1 45  THR n 
1 46  VAL n 
1 47  ILE n 
1 48  LYS n 
1 49  GLU n 
1 50  PRO n 
1 51  MET n 
1 52  ASP n 
1 53  LEU n 
1 54  SER n 
1 55  SER n 
1 56  VAL n 
1 57  ILE n 
1 58  SER n 
1 59  LYS n 
1 60  ILE n 
1 61  ASP n 
1 62  LEU n 
1 63  HIS n 
1 64  LYS n 
1 65  TYR n 
1 66  LEU n 
1 67  THR n 
1 68  VAL n 
1 69  LYS n 
1 70  ASP n 
1 71  TYR n 
1 72  LEU n 
1 73  ARG n 
1 74  ASP n 
1 75  ILE n 
1 76  ASP n 
1 77  LEU n 
1 78  ILE n 
1 79  CYS n 
1 80  SER n 
1 81  ASN n 
1 82  ALA n 
1 83  LEU n 
1 84  GLU n 
1 85  TYR n 
1 86  ASN n 
1 87  PRO n 
1 88  ASP n 
1 89  ARG n 
1 90  ASP n 
1 91  PRO n 
1 92  GLY n 
1 93  ASP n 
1 94  ARG n 
1 95  LEU n 
1 96  ILE n 
1 97  ARG n 
1 98  HIS n 
1 99  ARG n 
1 100 ALA n 
1 101 CYS n 
1 102 ALA n 
1 103 LEU n 
1 104 ARG n 
1 105 ASP n 
1 106 THR n 
1 107 ALA n 
1 108 TYR n 
1 109 ALA n 
1 110 ILE n 
1 111 ILE n 
1 112 LYS n 
1 113 GLU n 
1 114 GLU n 
1 115 LEU n 
1 116 ASP n 
1 117 GLU n 
1 118 ASP n 
1 119 PHE n 
1 120 GLU n 
1 121 GLN n 
1 122 LEU n 
1 123 CYS n 
1 124 GLU n 
1 125 GLU n 
1 126 ILE n 
1 127 GLN n 
1 128 GLU n 
1 129 SER n 
1 130 ARG n 
# 
_entity_src_gen.entity_id                          1 
_entity_src_gen.pdbx_src_id                        1 
_entity_src_gen.pdbx_alt_source_flag               sample 
_entity_src_gen.pdbx_seq_type                      'Biological sequence' 
_entity_src_gen.pdbx_beg_seq_num                   1 
_entity_src_gen.pdbx_end_seq_num                   130 
_entity_src_gen.gene_src_common_name               Human 
_entity_src_gen.gene_src_genus                     ? 
_entity_src_gen.pdbx_gene_src_gene                 'ATAD2, L16, PRO2000' 
_entity_src_gen.gene_src_species                   ? 
_entity_src_gen.gene_src_strain                    ? 
_entity_src_gen.gene_src_tissue                    ? 
_entity_src_gen.gene_src_tissue_fraction           ? 
_entity_src_gen.gene_src_details                   ? 
_entity_src_gen.pdbx_gene_src_fragment             ? 
_entity_src_gen.pdbx_gene_src_scientific_name      'Homo sapiens' 
_entity_src_gen.pdbx_gene_src_ncbi_taxonomy_id     9606 
_entity_src_gen.pdbx_gene_src_variant              ? 
_entity_src_gen.pdbx_gene_src_cell_line            ? 
_entity_src_gen.pdbx_gene_src_atcc                 ? 
_entity_src_gen.pdbx_gene_src_organ                ? 
_entity_src_gen.pdbx_gene_src_organelle            ? 
_entity_src_gen.pdbx_gene_src_cell                 ? 
_entity_src_gen.pdbx_gene_src_cellular_location    ? 
_entity_src_gen.host_org_common_name               ? 
_entity_src_gen.pdbx_host_org_scientific_name      'Escherichia coli' 
_entity_src_gen.pdbx_host_org_ncbi_taxonomy_id     562 
_entity_src_gen.host_org_genus                     ? 
_entity_src_gen.pdbx_host_org_gene                 ? 
_entity_src_gen.pdbx_host_org_organ                ? 
_entity_src_gen.host_org_species                   ? 
_entity_src_gen.pdbx_host_org_tissue               ? 
_entity_src_gen.pdbx_host_org_tissue_fraction      ? 
_entity_src_gen.pdbx_host_org_strain               ? 
_entity_src_gen.pdbx_host_org_variant              ? 
_entity_src_gen.pdbx_host_org_cell_line            ? 
_entity_src_gen.pdbx_host_org_atcc                 ? 
_entity_src_gen.pdbx_host_org_culture_collection   ? 
_entity_src_gen.pdbx_host_org_cell                 ? 
_entity_src_gen.pdbx_host_org_organelle            ? 
_entity_src_gen.pdbx_host_org_cellular_location    ? 
_entity_src_gen.pdbx_host_org_vector_type          ? 
_entity_src_gen.pdbx_host_org_vector               ? 
_entity_src_gen.host_org_details                   ? 
_entity_src_gen.expression_system_id               ? 
_entity_src_gen.plasmid_name                       ? 
_entity_src_gen.plasmid_details                    ? 
_entity_src_gen.pdbx_description                   ? 
# 
loop_
_chem_comp.id 
_chem_comp.type 
_chem_comp.mon_nstd_flag 
_chem_comp.name 
_chem_comp.pdbx_synonyms 
_chem_comp.formula 
_chem_comp.formula_weight 
ALA 'L-peptide linking' y ALANINE                                                                                      ? 
'C3 H7 N O2'     89.093  
ARG 'L-peptide linking' y ARGININE                                                                                     ? 
'C6 H15 N4 O2 1' 175.209 
ASN 'L-peptide linking' y ASPARAGINE                                                                                   ? 
'C4 H8 N2 O3'    132.118 
ASP 'L-peptide linking' y 'ASPARTIC ACID'                                                                              ? 
'C4 H7 N O4'     133.103 
CYS 'L-peptide linking' y CYSTEINE                                                                                     ? 
'C3 H7 N O2 S'   121.158 
EDO non-polymer         . 1,2-ETHANEDIOL                                                                               
'ETHYLENE GLYCOL' 'C2 H6 O2'       62.068  
GLN 'L-peptide linking' y GLUTAMINE                                                                                    ? 
'C5 H10 N2 O3'   146.144 
GLU 'L-peptide linking' y 'GLUTAMIC ACID'                                                                              ? 
'C5 H9 N O4'     147.129 
GLY 'peptide linking'   y GLYCINE                                                                                      ? 
'C2 H5 N O2'     75.067  
HIS 'L-peptide linking' y HISTIDINE                                                                                    ? 
'C6 H10 N3 O2 1' 156.162 
HOH non-polymer         . WATER                                                                                        ? 'H2 O' 
18.015  
ILE 'L-peptide linking' y ISOLEUCINE                                                                                   ? 
'C6 H13 N O2'    131.173 
LEU 'L-peptide linking' y LEUCINE                                                                                      ? 
'C6 H13 N O2'    131.173 
LYS 'L-peptide linking' y LYSINE                                                                                       ? 
'C6 H15 N2 O2 1' 147.195 
MET 'L-peptide linking' y METHIONINE                                                                                   ? 
'C5 H11 N O2 S'  149.211 
PHE 'L-peptide linking' y PHENYLALANINE                                                                                ? 
'C9 H11 N O2'    165.189 
PRO 'L-peptide linking' y PROLINE                                                                                      ? 
'C5 H9 N O2'     115.130 
RJD non-polymer         . '(3S,6S)-N~3~-cyclopropyl-N~1~-(cyclopropylmethyl)-3,6-dimethylpiperazine-1,3-dicarboxamide' ? 
'C15 H26 N4 O2'  294.393 
SER 'L-peptide linking' y SERINE                                                                                       ? 
'C3 H7 N O3'     105.093 
SO4 non-polymer         . 'SULFATE ION'                                                                                ? 'O4 S -2' 
96.063  
THR 'L-peptide linking' y THREONINE                                                                                    ? 
'C4 H9 N O3'     119.119 
TYR 'L-peptide linking' y TYROSINE                                                                                     ? 
'C9 H11 N O3'    181.189 
VAL 'L-peptide linking' y VALINE                                                                                       ? 
'C5 H11 N O2'    117.146 
# 
loop_
_pdbx_poly_seq_scheme.asym_id 
_pdbx_poly_seq_scheme.entity_id 
_pdbx_poly_seq_scheme.seq_id 
_pdbx_poly_seq_scheme.mon_id 
_pdbx_poly_seq_scheme.ndb_seq_num 
_pdbx_poly_seq_scheme.pdb_seq_num 
_pdbx_poly_seq_scheme.auth_seq_num 
_pdbx_poly_seq_scheme.pdb_mon_id 
_pdbx_poly_seq_scheme.auth_mon_id 
_pdbx_poly_seq_scheme.pdb_strand_id 
_pdbx_poly_seq_scheme.pdb_ins_code 
_pdbx_poly_seq_scheme.hetero 
A 1 1   SER 1   979  979  SER SER A . n 
A 1 2   MET 2   980  980  MET MET A . n 
A 1 3   GLN 3   981  981  GLN GLN A . n 
A 1 4   GLU 4   982  982  GLU GLU A . n 
A 1 5   GLU 5   983  983  GLU GLU A . n 
A 1 6   ASP 6   984  984  ASP ASP A . n 
A 1 7   THR 7   985  985  THR THR A . n 
A 1 8   PHE 8   986  986  PHE PHE A . n 
A 1 9   ARG 9   987  987  ARG ARG A . n 
A 1 10  GLU 10  988  988  GLU GLU A . n 
A 1 11  LEU 11  989  989  LEU LEU A . n 
A 1 12  ARG 12  990  990  ARG ARG A . n 
A 1 13  ILE 13  991  991  ILE ILE A . n 
A 1 14  PHE 14  992  992  PHE PHE A . n 
A 1 15  LEU 15  993  993  LEU LEU A . n 
A 1 16  ARG 16  994  994  ARG ARG A . n 
A 1 17  ASN 17  995  995  ASN ASN A . n 
A 1 18  VAL 18  996  996  VAL VAL A . n 
A 1 19  THR 19  997  997  THR THR A . n 
A 1 20  HIS 20  998  998  HIS HIS A . n 
A 1 21  ARG 21  999  999  ARG ARG A . n 
A 1 22  LEU 22  1000 1000 LEU LEU A . n 
A 1 23  ALA 23  1001 1001 ALA ALA A . n 
A 1 24  ILE 24  1002 1002 ILE ILE A . n 
A 1 25  ASP 25  1003 1003 ASP ASP A . n 
A 1 26  LYS 26  1004 1004 LYS LYS A . n 
A 1 27  ARG 27  1005 1005 ARG ARG A . n 
A 1 28  PHE 28  1006 1006 PHE PHE A . n 
A 1 29  ARG 29  1007 1007 ARG ARG A . n 
A 1 30  VAL 30  1008 1008 VAL VAL A . n 
A 1 31  PHE 31  1009 1009 PHE PHE A . n 
A 1 32  THR 32  1010 1010 THR THR A . n 
A 1 33  LYS 33  1011 1011 LYS LYS A . n 
A 1 34  PRO 34  1012 1012 PRO PRO A . n 
A 1 35  VAL 35  1013 1013 VAL VAL A . n 
A 1 36  ASP 36  1014 1014 ASP ASP A . n 
A 1 37  PRO 37  1015 1015 PRO PRO A . n 
A 1 38  ASP 38  1016 1016 ASP ASP A . n 
A 1 39  GLU 39  1017 1017 GLU GLU A . n 
A 1 40  VAL 40  1018 1018 VAL VAL A . n 
A 1 41  PRO 41  1019 1019 PRO PRO A . n 
A 1 42  ASP 42  1020 1020 ASP ASP A . n 
A 1 43  TYR 43  1021 1021 TYR TYR A . n 
A 1 44  ARG 44  1022 1022 ARG ARG A . n 
A 1 45  THR 45  1023 1023 THR THR A . n 
A 1 46  VAL 46  1024 1024 VAL VAL A . n 
A 1 47  ILE 47  1025 1025 ILE ILE A . n 
A 1 48  LYS 48  1026 1026 LYS LYS A . n 
A 1 49  GLU 49  1027 1027 GLU GLU A . n 
A 1 50  PRO 50  1028 1028 PRO PRO A . n 
A 1 51  MET 51  1029 1029 MET MET A . n 
A 1 52  ASP 52  1030 1030 ASP ASP A . n 
A 1 53  LEU 53  1031 1031 LEU LEU A . n 
A 1 54  SER 54  1032 1032 SER SER A . n 
A 1 55  SER 55  1033 1033 SER SER A . n 
A 1 56  VAL 56  1034 1034 VAL VAL A . n 
A 1 57  ILE 57  1035 1035 ILE ILE A . n 
A 1 58  SER 58  1036 1036 SER SER A . n 
A 1 59  LYS 59  1037 1037 LYS LYS A . n 
A 1 60  ILE 60  1038 1038 ILE ILE A . n 
A 1 61  ASP 61  1039 1039 ASP ASP A . n 
A 1 62  LEU 62  1040 1040 LEU LEU A . n 
A 1 63  HIS 63  1041 1041 HIS HIS A . n 
A 1 64  LYS 64  1042 1042 LYS LYS A . n 
A 1 65  TYR 65  1043 1043 TYR TYR A . n 
A 1 66  LEU 66  1044 1044 LEU LEU A . n 
A 1 67  THR 67  1045 1045 THR THR A . n 
A 1 68  VAL 68  1046 1046 VAL VAL A . n 
A 1 69  LYS 69  1047 1047 LYS LYS A . n 
A 1 70  ASP 70  1048 1048 ASP ASP A . n 
A 1 71  TYR 71  1049 1049 TYR TYR A . n 
A 1 72  LEU 72  1050 1050 LEU LEU A . n 
A 1 73  ARG 73  1051 1051 ARG ARG A . n 
A 1 74  ASP 74  1052 1052 ASP ASP A . n 
A 1 75  ILE 75  1053 1053 ILE ILE A . n 
A 1 76  ASP 76  1054 1054 ASP ASP A . n 
A 1 77  LEU 77  1055 1055 LEU LEU A . n 
A 1 78  ILE 78  1056 1056 ILE ILE A . n 
A 1 79  CYS 79  1057 1057 CYS CYS A . n 
A 1 80  SER 80  1058 1058 SER SER A . n 
A 1 81  ASN 81  1059 1059 ASN ASN A . n 
A 1 82  ALA 82  1060 1060 ALA ALA A . n 
A 1 83  LEU 83  1061 1061 LEU LEU A . n 
A 1 84  GLU 84  1062 1062 GLU GLU A . n 
A 1 85  TYR 85  1063 1063 TYR TYR A . n 
A 1 86  ASN 86  1064 1064 ASN ASN A . n 
A 1 87  PRO 87  1065 1065 PRO PRO A . n 
A 1 88  ASP 88  1066 1066 ASP ASP A . n 
A 1 89  ARG 89  1067 1067 ARG ARG A . n 
A 1 90  ASP 90  1068 1068 ASP ASP A . n 
A 1 91  PRO 91  1069 1069 PRO PRO A . n 
A 1 92  GLY 92  1070 1070 GLY GLY A . n 
A 1 93  ASP 93  1071 1071 ASP ASP A . n 
A 1 94  ARG 94  1072 1072 ARG ARG A . n 
A 1 95  LEU 95  1073 1073 LEU LEU A . n 
A 1 96  ILE 96  1074 1074 ILE ILE A . n 
A 1 97  ARG 97  1075 1075 ARG ARG A . n 
A 1 98  HIS 98  1076 1076 HIS HIS A . n 
A 1 99  ARG 99  1077 1077 ARG ARG A . n 
A 1 100 ALA 100 1078 1078 ALA ALA A . n 
A 1 101 CYS 101 1079 1079 CYS CYS A . n 
A 1 102 ALA 102 1080 1080 ALA ALA A . n 
A 1 103 LEU 103 1081 1081 LEU LEU A . n 
A 1 104 ARG 104 1082 1082 ARG ARG A . n 
A 1 105 ASP 105 1083 1083 ASP ASP A . n 
A 1 106 THR 106 1084 1084 THR THR A . n 
A 1 107 ALA 107 1085 1085 ALA ALA A . n 
A 1 108 TYR 108 1086 1086 TYR TYR A . n 
A 1 109 ALA 109 1087 1087 ALA ALA A . n 
A 1 110 ILE 110 1088 1088 ILE ILE A . n 
A 1 111 ILE 111 1089 1089 ILE ILE A . n 
A 1 112 LYS 112 1090 1090 LYS LYS A . n 
A 1 113 GLU 113 1091 1091 GLU GLU A . n 
A 1 114 GLU 114 1092 1092 GLU GLU A . n 
A 1 115 LEU 115 1093 1093 LEU LEU A . n 
A 1 116 ASP 116 1094 1094 ASP ASP A . n 
A 1 117 GLU 117 1095 1095 GLU GLU A . n 
A 1 118 ASP 118 1096 1096 ASP ASP A . n 
A 1 119 PHE 119 1097 1097 PHE PHE A . n 
A 1 120 GLU 120 1098 1098 GLU GLU A . n 
A 1 121 GLN 121 1099 1099 GLN GLN A . n 
A 1 122 LEU 122 1100 1100 LEU LEU A . n 
A 1 123 CYS 123 1101 1101 CYS CYS A . n 
A 1 124 GLU 124 1102 1102 GLU GLU A . n 
A 1 125 GLU 125 1103 1103 GLU GLU A . n 
A 1 126 ILE 126 1104 1104 ILE ILE A . n 
A 1 127 GLN 127 1105 1105 GLN GLN A . n 
A 1 128 GLU 128 1106 1106 GLU GLU A . n 
A 1 129 SER 129 1107 1107 SER SER A . n 
A 1 130 ARG 130 1108 1108 ARG ARG A . n 
# 
loop_
_pdbx_nonpoly_scheme.asym_id 
_pdbx_nonpoly_scheme.entity_id 
_pdbx_nonpoly_scheme.mon_id 
_pdbx_nonpoly_scheme.ndb_seq_num 
_pdbx_nonpoly_scheme.pdb_seq_num 
_pdbx_nonpoly_scheme.auth_seq_num 
_pdbx_nonpoly_scheme.pdb_mon_id 
_pdbx_nonpoly_scheme.auth_mon_id 
_pdbx_nonpoly_scheme.pdb_strand_id 
_pdbx_nonpoly_scheme.pdb_ins_code 
B 2 SO4 1   1201 1   SO4 SO4 A . 
C 2 SO4 1   1202 2   SO4 SO4 A . 
D 3 EDO 1   1203 3   EDO EDO A . 
E 3 EDO 1   1204 5   EDO EDO A . 
F 3 EDO 1   1205 6   EDO EDO A . 
G 4 RJD 1   1206 1   RJD LIG A . 
H 3 EDO 1   1207 101 EDO EDO A . 
I 3 EDO 1   1208 101 EDO EDO A . 
J 5 HOH 1   1301 158 HOH HOH A . 
J 5 HOH 2   1302 134 HOH HOH A . 
J 5 HOH 3   1303 256 HOH HOH A . 
J 5 HOH 4   1304 32  HOH HOH A . 
J 5 HOH 5   1305 79  HOH HOH A . 
J 5 HOH 6   1306 128 HOH HOH A . 
J 5 HOH 7   1307 59  HOH HOH A . 
J 5 HOH 8   1308 197 HOH HOH A . 
J 5 HOH 9   1309 118 HOH HOH A . 
J 5 HOH 10  1310 162 HOH HOH A . 
J 5 HOH 11  1311 184 HOH HOH A . 
J 5 HOH 12  1312 221 HOH HOH A . 
J 5 HOH 13  1313 129 HOH HOH A . 
J 5 HOH 14  1314 116 HOH HOH A . 
J 5 HOH 15  1315 201 HOH HOH A . 
J 5 HOH 16  1316 144 HOH HOH A . 
J 5 HOH 17  1317 206 HOH HOH A . 
J 5 HOH 18  1318 98  HOH HOH A . 
J 5 HOH 19  1319 68  HOH HOH A . 
J 5 HOH 20  1320 106 HOH HOH A . 
J 5 HOH 21  1321 80  HOH HOH A . 
J 5 HOH 22  1322 111 HOH HOH A . 
J 5 HOH 23  1323 257 HOH HOH A . 
J 5 HOH 24  1324 161 HOH HOH A . 
J 5 HOH 25  1325 43  HOH HOH A . 
J 5 HOH 26  1326 88  HOH HOH A . 
J 5 HOH 27  1327 27  HOH HOH A . 
J 5 HOH 28  1328 87  HOH HOH A . 
J 5 HOH 29  1329 155 HOH HOH A . 
J 5 HOH 30  1330 109 HOH HOH A . 
J 5 HOH 31  1331 9   HOH HOH A . 
J 5 HOH 32  1332 50  HOH HOH A . 
J 5 HOH 33  1333 200 HOH HOH A . 
J 5 HOH 34  1334 23  HOH HOH A . 
J 5 HOH 35  1335 99  HOH HOH A . 
J 5 HOH 36  1336 5   HOH HOH A . 
J 5 HOH 37  1337 253 HOH HOH A . 
J 5 HOH 38  1338 171 HOH HOH A . 
J 5 HOH 39  1339 56  HOH HOH A . 
J 5 HOH 40  1340 189 HOH HOH A . 
J 5 HOH 41  1341 163 HOH HOH A . 
J 5 HOH 42  1342 191 HOH HOH A . 
J 5 HOH 43  1343 51  HOH HOH A . 
J 5 HOH 44  1344 47  HOH HOH A . 
J 5 HOH 45  1345 22  HOH HOH A . 
J 5 HOH 46  1346 28  HOH HOH A . 
J 5 HOH 47  1347 34  HOH HOH A . 
J 5 HOH 48  1348 61  HOH HOH A . 
J 5 HOH 49  1349 33  HOH HOH A . 
J 5 HOH 50  1350 172 HOH HOH A . 
J 5 HOH 51  1351 194 HOH HOH A . 
J 5 HOH 52  1352 19  HOH HOH A . 
J 5 HOH 53  1353 236 HOH HOH A . 
J 5 HOH 54  1354 42  HOH HOH A . 
J 5 HOH 55  1355 75  HOH HOH A . 
J 5 HOH 56  1356 25  HOH HOH A . 
J 5 HOH 57  1357 139 HOH HOH A . 
J 5 HOH 58  1358 13  HOH HOH A . 
J 5 HOH 59  1359 160 HOH HOH A . 
J 5 HOH 60  1360 21  HOH HOH A . 
J 5 HOH 61  1361 17  HOH HOH A . 
J 5 HOH 62  1362 192 HOH HOH A . 
J 5 HOH 63  1363 31  HOH HOH A . 
J 5 HOH 64  1364 1   HOH HOH A . 
J 5 HOH 65  1365 2   HOH HOH A . 
J 5 HOH 66  1366 105 HOH HOH A . 
J 5 HOH 67  1367 141 HOH HOH A . 
J 5 HOH 68  1368 131 HOH HOH A . 
J 5 HOH 69  1369 77  HOH HOH A . 
J 5 HOH 70  1370 165 HOH HOH A . 
J 5 HOH 71  1371 7   HOH HOH A . 
J 5 HOH 72  1372 58  HOH HOH A . 
J 5 HOH 73  1373 261 HOH HOH A . 
J 5 HOH 74  1374 24  HOH HOH A . 
J 5 HOH 75  1375 104 HOH HOH A . 
J 5 HOH 76  1376 46  HOH HOH A . 
J 5 HOH 77  1377 140 HOH HOH A . 
J 5 HOH 78  1378 20  HOH HOH A . 
J 5 HOH 79  1379 16  HOH HOH A . 
J 5 HOH 80  1380 203 HOH HOH A . 
J 5 HOH 81  1381 142 HOH HOH A . 
J 5 HOH 82  1382 190 HOH HOH A . 
J 5 HOH 83  1383 64  HOH HOH A . 
J 5 HOH 84  1384 260 HOH HOH A . 
J 5 HOH 85  1385 92  HOH HOH A . 
J 5 HOH 86  1386 70  HOH HOH A . 
J 5 HOH 87  1387 36  HOH HOH A . 
J 5 HOH 88  1388 40  HOH HOH A . 
J 5 HOH 89  1389 187 HOH HOH A . 
J 5 HOH 90  1390 85  HOH HOH A . 
J 5 HOH 91  1391 52  HOH HOH A . 
J 5 HOH 92  1392 120 HOH HOH A . 
J 5 HOH 93  1393 15  HOH HOH A . 
J 5 HOH 94  1394 154 HOH HOH A . 
J 5 HOH 95  1395 48  HOH HOH A . 
J 5 HOH 96  1396 6   HOH HOH A . 
J 5 HOH 97  1397 30  HOH HOH A . 
J 5 HOH 98  1398 83  HOH HOH A . 
J 5 HOH 99  1399 216 HOH HOH A . 
J 5 HOH 100 1400 62  HOH HOH A . 
J 5 HOH 101 1401 82  HOH HOH A . 
J 5 HOH 102 1402 102 HOH HOH A . 
J 5 HOH 103 1403 45  HOH HOH A . 
J 5 HOH 104 1404 38  HOH HOH A . 
J 5 HOH 105 1405 147 HOH HOH A . 
J 5 HOH 106 1406 3   HOH HOH A . 
J 5 HOH 107 1407 4   HOH HOH A . 
J 5 HOH 108 1408 49  HOH HOH A . 
J 5 HOH 109 1409 12  HOH HOH A . 
J 5 HOH 110 1410 176 HOH HOH A . 
J 5 HOH 111 1411 76  HOH HOH A . 
J 5 HOH 112 1412 130 HOH HOH A . 
J 5 HOH 113 1413 89  HOH HOH A . 
J 5 HOH 114 1414 175 HOH HOH A . 
J 5 HOH 115 1415 29  HOH HOH A . 
J 5 HOH 116 1416 53  HOH HOH A . 
J 5 HOH 117 1417 73  HOH HOH A . 
J 5 HOH 118 1418 209 HOH HOH A . 
J 5 HOH 119 1419 54  HOH HOH A . 
J 5 HOH 120 1420 86  HOH HOH A . 
J 5 HOH 121 1421 207 HOH HOH A . 
J 5 HOH 122 1422 132 HOH HOH A . 
J 5 HOH 123 1423 18  HOH HOH A . 
J 5 HOH 124 1424 39  HOH HOH A . 
J 5 HOH 125 1425 247 HOH HOH A . 
J 5 HOH 126 1426 72  HOH HOH A . 
J 5 HOH 127 1427 90  HOH HOH A . 
J 5 HOH 128 1428 107 HOH HOH A . 
J 5 HOH 129 1429 237 HOH HOH A . 
J 5 HOH 130 1430 10  HOH HOH A . 
J 5 HOH 131 1431 101 HOH HOH A . 
J 5 HOH 132 1432 215 HOH HOH A . 
J 5 HOH 133 1433 11  HOH HOH A . 
J 5 HOH 134 1434 95  HOH HOH A . 
J 5 HOH 135 1435 67  HOH HOH A . 
J 5 HOH 136 1436 78  HOH HOH A . 
J 5 HOH 137 1437 254 HOH HOH A . 
J 5 HOH 138 1438 180 HOH HOH A . 
J 5 HOH 139 1439 26  HOH HOH A . 
J 5 HOH 140 1440 179 HOH HOH A . 
J 5 HOH 141 1441 196 HOH HOH A . 
J 5 HOH 142 1442 123 HOH HOH A . 
J 5 HOH 143 1443 122 HOH HOH A . 
J 5 HOH 144 1444 97  HOH HOH A . 
J 5 HOH 145 1445 262 HOH HOH A . 
J 5 HOH 146 1446 230 HOH HOH A . 
J 5 HOH 147 1447 258 HOH HOH A . 
J 5 HOH 148 1448 188 HOH HOH A . 
J 5 HOH 149 1449 240 HOH HOH A . 
J 5 HOH 150 1450 178 HOH HOH A . 
J 5 HOH 151 1451 199 HOH HOH A . 
J 5 HOH 152 1452 57  HOH HOH A . 
J 5 HOH 153 1453 234 HOH HOH A . 
J 5 HOH 154 1454 145 HOH HOH A . 
J 5 HOH 155 1455 96  HOH HOH A . 
J 5 HOH 156 1456 246 HOH HOH A . 
J 5 HOH 157 1457 93  HOH HOH A . 
J 5 HOH 158 1458 181 HOH HOH A . 
J 5 HOH 159 1459 41  HOH HOH A . 
J 5 HOH 160 1460 143 HOH HOH A . 
J 5 HOH 161 1461 100 HOH HOH A . 
J 5 HOH 162 1462 81  HOH HOH A . 
J 5 HOH 163 1463 263 HOH HOH A . 
J 5 HOH 164 1464 114 HOH HOH A . 
J 5 HOH 165 1465 224 HOH HOH A . 
J 5 HOH 166 1466 225 HOH HOH A . 
J 5 HOH 167 1467 164 HOH HOH A . 
J 5 HOH 168 1468 186 HOH HOH A . 
J 5 HOH 169 1469 152 HOH HOH A . 
J 5 HOH 170 1470 60  HOH HOH A . 
J 5 HOH 171 1471 69  HOH HOH A . 
J 5 HOH 172 1472 135 HOH HOH A . 
J 5 HOH 173 1473 167 HOH HOH A . 
J 5 HOH 174 1474 220 HOH HOH A . 
J 5 HOH 175 1475 259 HOH HOH A . 
J 5 HOH 176 1476 248 HOH HOH A . 
J 5 HOH 177 1477 91  HOH HOH A . 
J 5 HOH 178 1478 217 HOH HOH A . 
J 5 HOH 179 1479 115 HOH HOH A . 
J 5 HOH 180 1480 250 HOH HOH A . 
J 5 HOH 181 1481 150 HOH HOH A . 
J 5 HOH 182 1482 37  HOH HOH A . 
J 5 HOH 183 1483 159 HOH HOH A . 
J 5 HOH 184 1484 151 HOH HOH A . 
J 5 HOH 185 1485 66  HOH HOH A . 
J 5 HOH 186 1486 112 HOH HOH A . 
J 5 HOH 187 1487 210 HOH HOH A . 
J 5 HOH 188 1488 103 HOH HOH A . 
J 5 HOH 189 1489 244 HOH HOH A . 
J 5 HOH 190 1490 84  HOH HOH A . 
J 5 HOH 191 1491 137 HOH HOH A . 
J 5 HOH 192 1492 8   HOH HOH A . 
J 5 HOH 193 1493 157 HOH HOH A . 
J 5 HOH 194 1494 63  HOH HOH A . 
J 5 HOH 195 1495 146 HOH HOH A . 
J 5 HOH 196 1496 233 HOH HOH A . 
J 5 HOH 197 1497 119 HOH HOH A . 
J 5 HOH 198 1498 149 HOH HOH A . 
J 5 HOH 199 1499 174 HOH HOH A . 
J 5 HOH 200 1500 168 HOH HOH A . 
J 5 HOH 201 1501 205 HOH HOH A . 
J 5 HOH 202 1502 44  HOH HOH A . 
J 5 HOH 203 1503 71  HOH HOH A . 
J 5 HOH 204 1504 74  HOH HOH A . 
J 5 HOH 205 1505 249 HOH HOH A . 
J 5 HOH 206 1506 125 HOH HOH A . 
J 5 HOH 207 1507 127 HOH HOH A . 
J 5 HOH 208 1508 185 HOH HOH A . 
J 5 HOH 209 1509 148 HOH HOH A . 
J 5 HOH 210 1510 35  HOH HOH A . 
J 5 HOH 211 1511 251 HOH HOH A . 
J 5 HOH 212 1512 211 HOH HOH A . 
J 5 HOH 213 1513 117 HOH HOH A . 
J 5 HOH 214 1514 245 HOH HOH A . 
J 5 HOH 215 1515 183 HOH HOH A . 
J 5 HOH 216 1516 255 HOH HOH A . 
J 5 HOH 217 1517 219 HOH HOH A . 
J 5 HOH 218 1518 213 HOH HOH A . 
J 5 HOH 219 1519 121 HOH HOH A . 
J 5 HOH 220 1520 136 HOH HOH A . 
J 5 HOH 221 1521 214 HOH HOH A . 
J 5 HOH 222 1522 204 HOH HOH A . 
# 
loop_
_pdbx_unobs_or_zero_occ_atoms.id 
_pdbx_unobs_or_zero_occ_atoms.PDB_model_num 
_pdbx_unobs_or_zero_occ_atoms.polymer_flag 
_pdbx_unobs_or_zero_occ_atoms.occupancy_flag 
_pdbx_unobs_or_zero_occ_atoms.auth_asym_id 
_pdbx_unobs_or_zero_occ_atoms.auth_comp_id 
_pdbx_unobs_or_zero_occ_atoms.auth_seq_id 
_pdbx_unobs_or_zero_occ_atoms.PDB_ins_code 
_pdbx_unobs_or_zero_occ_atoms.auth_atom_id 
_pdbx_unobs_or_zero_occ_atoms.label_alt_id 
_pdbx_unobs_or_zero_occ_atoms.label_asym_id 
_pdbx_unobs_or_zero_occ_atoms.label_comp_id 
_pdbx_unobs_or_zero_occ_atoms.label_seq_id 
_pdbx_unobs_or_zero_occ_atoms.label_atom_id 
1 1 Y 1 A LYS 1004 ? CG ? A LYS 26 CG 
2 1 Y 1 A LYS 1004 ? CD ? A LYS 26 CD 
3 1 Y 1 A LYS 1004 ? CE ? A LYS 26 CE 
4 1 Y 1 A LYS 1004 ? NZ ? A LYS 26 NZ 
# 
loop_
_software.pdbx_ordinal 
_software.name 
_software.version 
_software.date 
_software.type 
_software.contact_author 
_software.contact_author_email 
_software.classification 
_software.location 
_software.language 
_software.citation_id 
1 REFMAC      5.8.0238 ?               program 'Garib N. Murshudov' garib@ysbl.york.ac.uk    refinement        
http://www.ccp4.ac.uk/dist/html/refmac5.html        Fortran_77 ? 
2 Aimless     0.5.23   02/02/16        program 'Phil Evans'         ?                        'data scaling'    
http://www.mrc-lmb.cam.ac.uk/harry/pre/aimless.html ?          ? 
3 PDB_EXTRACT 3.23     'SEP. 23, 2016' package PDB                  deposit@deposit.rcsb.org 'data extraction' 
http://sw-tools.pdb.org/apps/PDB_EXTRACT/           C++        ? 
4 XDS         .        ?               program ?                    ?                        'data reduction'  ? ?          ? 
5 REFMAC      .        ?               program ?                    ?                        phasing           ? ?          ? 
# 
_cell.entry_id           5QXU 
_cell.length_a           80.670 
_cell.length_b           80.670 
_cell.length_c           140.410 
_cell.angle_alpha        90.000 
_cell.angle_beta         90.000 
_cell.angle_gamma        120.000 
_cell.Z_PDB              12 
_cell.pdbx_unique_axis   ? 
# 
_symmetry.entry_id                         5QXU 
_symmetry.Int_Tables_number                179 
_symmetry.space_group_name_H-M             'P 65 2 2' 
_symmetry.pdbx_full_space_group_name_H-M   ? 
_symmetry.cell_setting                     ? 
# 
_exptl.crystals_number   1 
_exptl.entry_id          5QXU 
_exptl.method            'X-RAY DIFFRACTION' 
# 
_exptl_crystal.id                    1 
_exptl_crystal.pdbx_mosaicity        0.000 
_exptl_crystal.pdbx_mosaicity_esd    ? 
_exptl_crystal.density_Matthews      4.2 
_exptl_crystal.density_diffrn        ? 
_exptl_crystal.density_meas          ? 
_exptl_crystal.density_meas_temp     ? 
_exptl_crystal.density_percent_sol   70.7 
_exptl_crystal.size_max              ? 
_exptl_crystal.size_mid              ? 
_exptl_crystal.size_min              ? 
_exptl_crystal.size_rad              ? 
_exptl_crystal.description           ? 
# 
_exptl_crystal_grow.crystal_id      1 
_exptl_crystal_grow.method          'VAPOR DIFFUSION, SITTING DROP' 
_exptl_crystal_grow.pH              5.5 
_exptl_crystal_grow.temp            277 
_exptl_crystal_grow.pdbx_details    '1.6M Ammonium Sulfate, 0.1M bis-tris pH 5.5' 
_exptl_crystal_grow.temp_details    ? 
_exptl_crystal_grow.pdbx_pH_range   ? 
# 
_diffrn.id                     1 
_diffrn.ambient_temp           100 
_diffrn.crystal_id             1 
_diffrn.ambient_temp_details   ? 
# 
_diffrn_detector.detector               PIXEL 
_diffrn_detector.type                   'DECTRIS PILATUS 6M' 
_diffrn_detector.pdbx_collection_date   2016-04-23 
_diffrn_detector.diffrn_id              1 
_diffrn_detector.details                ? 
# 
_diffrn_radiation.diffrn_id                        1 
_diffrn_radiation.wavelength_id                    1 
_diffrn_radiation.pdbx_diffrn_protocol             'SINGLE WAVELENGTH' 
_diffrn_radiation.pdbx_monochromatic_or_laue_m_l   ? 
_diffrn_radiation.monochromator                    ? 
_diffrn_radiation.pdbx_scattering_type             x-ray 
# 
_diffrn_radiation_wavelength.id           1 
_diffrn_radiation_wavelength.wavelength   0.92819 
_diffrn_radiation_wavelength.wt           1.0 
# 
_diffrn_source.diffrn_id                   1 
_diffrn_source.source                      SYNCHROTRON 
_diffrn_source.type                        'DIAMOND BEAMLINE I04-1' 
_diffrn_source.pdbx_wavelength_list        0.92819 
_diffrn_source.pdbx_synchrotron_site       Diamond 
_diffrn_source.pdbx_synchrotron_beamline   I04-1 
_diffrn_source.pdbx_wavelength             ? 
# 
_reflns.entry_id                     5QXU 
_reflns.pdbx_diffrn_id               1 
_reflns.pdbx_ordinal                 1 
_reflns.observed_criterion_sigma_I   ? 
_reflns.observed_criterion_sigma_F   ? 
_reflns.d_resolution_low             70.210 
_reflns.d_resolution_high            1.650 
_reflns.number_obs                   33276 
_reflns.number_all                   ? 
_reflns.percent_possible_obs         100.000 
_reflns.pdbx_Rmerge_I_obs            0.144 
_reflns.pdbx_Rsym_value              ? 
_reflns.pdbx_netI_over_sigmaI        13.400 
_reflns.B_iso_Wilson_estimate        ? 
_reflns.pdbx_redundancy              17.000 
_reflns.pdbx_Rrim_I_all              0.149 
_reflns.pdbx_Rpim_I_all              0.035 
_reflns.pdbx_CC_half                 0.999 
_reflns.pdbx_netI_over_av_sigmaI     ? 
_reflns.pdbx_number_measured_all     566390 
_reflns.pdbx_scaling_rejects         16 
_reflns.pdbx_chi_squared             ? 
_reflns.Rmerge_F_all                 ? 
_reflns.Rmerge_F_obs                 ? 
_reflns.observed_criterion_F_max     ? 
_reflns.observed_criterion_F_min     ? 
_reflns.observed_criterion_I_max     ? 
_reflns.observed_criterion_I_min     ? 
_reflns.pdbx_d_res_high_opt          ? 
_reflns.pdbx_d_res_low_opt           ? 
_reflns.details                      ? 
# 
loop_
_reflns_shell.pdbx_diffrn_id 
_reflns_shell.pdbx_ordinal 
_reflns_shell.d_res_high 
_reflns_shell.d_res_low 
_reflns_shell.number_measured_obs 
_reflns_shell.number_measured_all 
_reflns_shell.number_unique_obs 
_reflns_shell.pdbx_rejects 
_reflns_shell.Rmerge_I_obs 
_reflns_shell.meanI_over_sigI_obs 
_reflns_shell.pdbx_Rsym_value 
_reflns_shell.pdbx_chi_squared 
_reflns_shell.pdbx_redundancy 
_reflns_shell.percent_possible_obs 
_reflns_shell.pdbx_netI_over_sigmaI_obs 
_reflns_shell.number_possible 
_reflns_shell.number_unique_all 
_reflns_shell.Rmerge_F_all 
_reflns_shell.Rmerge_F_obs 
_reflns_shell.Rmerge_I_all 
_reflns_shell.meanI_over_sigI_all 
_reflns_shell.percent_possible_all 
_reflns_shell.pdbx_Rrim_I_all 
_reflns_shell.pdbx_Rpim_I_all 
_reflns_shell.pdbx_CC_half 
1 1 1.650 1.690  ? 36325 ? ? 2.052 ? ? ? 15.200 ? 1.400  ? 2397 ? ? ? ? 99.900 2.122 0.528 0.514 
1 2 7.380 70.210 ? 7757  ? ? 0.042 ? ? ? 16.400 ? 45.800 ? 474  ? ? ? ? 99.900 0.043 0.010 1.000 
# 
_refine.entry_id                                 5QXU 
_refine.pdbx_refine_id                           'X-RAY DIFFRACTION' 
_refine.ls_d_res_high                            1.6500 
_refine.ls_d_res_low                             62.6300 
_refine.pdbx_ls_sigma_F                          0.000 
_refine.pdbx_data_cutoff_high_absF               ? 
_refine.pdbx_data_cutoff_low_absF                ? 
_refine.ls_percent_reflns_obs                    99.9200 
_refine.ls_number_reflns_obs                     31548 
_refine.ls_number_reflns_all                     ? 
_refine.pdbx_ls_cross_valid_method               THROUGHOUT 
_refine.ls_matrix_type                           ? 
_refine.pdbx_R_Free_selection_details            RANDOM 
_refine.details                                  
'HYDROGENS HAVE BEEN ADDED IN THE RIDING POSITIONS U VALUES      : REFINED INDIVIDUALLY' 
_refine.ls_R_factor_all                          ? 
_refine.ls_R_factor_obs                          0.1716 
_refine.ls_R_factor_R_work                       0.1704 
_refine.ls_wR_factor_R_work                      ? 
_refine.ls_R_factor_R_free                       0.1958 
_refine.ls_wR_factor_R_free                      ? 
_refine.ls_percent_reflns_R_free                 5.0000 
_refine.ls_number_reflns_R_free                  1662 
_refine.ls_number_reflns_R_work                  ? 
_refine.ls_R_factor_R_free_error                 ? 
_refine.B_iso_mean                               27.4910 
_refine.solvent_model_param_bsol                 ? 
_refine.solvent_model_param_ksol                 ? 
_refine.pdbx_isotropic_thermal_model             ? 
_refine.aniso_B[1][1]                            0.2200 
_refine.aniso_B[2][2]                            0.2200 
_refine.aniso_B[3][3]                            -0.7200 
_refine.aniso_B[1][2]                            0.1100 
_refine.aniso_B[1][3]                            0.0000 
_refine.aniso_B[2][3]                            -0.0000 
_refine.correlation_coeff_Fo_to_Fc               0.9670 
_refine.correlation_coeff_Fo_to_Fc_free          0.9470 
_refine.overall_SU_R_Cruickshank_DPI             ? 
_refine.pdbx_overall_SU_R_free_Cruickshank_DPI   ? 
_refine.pdbx_overall_SU_R_Blow_DPI               ? 
_refine.pdbx_overall_SU_R_free_Blow_DPI          ? 
_refine.overall_SU_R_free                        ? 
_refine.pdbx_overall_ESU_R                       0.0890 
_refine.pdbx_overall_ESU_R_Free                  0.0870 
_refine.overall_SU_ML                            0.0670 
_refine.overall_SU_B                             2.1110 
_refine.solvent_model_details                    MASK 
_refine.pdbx_solvent_vdw_probe_radii             1.2000 
_refine.pdbx_solvent_ion_probe_radii             0.8000 
_refine.pdbx_solvent_shrinkage_radii             0.8000 
_refine.ls_number_parameters                     ? 
_refine.ls_number_restraints                     ? 
_refine.pdbx_starting_model                      3DAI 
_refine.pdbx_method_to_determine_struct          'FOURIER SYNTHESIS' 
_refine.pdbx_stereochemistry_target_values       'MAXIMUM LIKELIHOOD' 
_refine.pdbx_stereochem_target_val_spec_case     ? 
_refine.overall_FOM_work_R_set                   ? 
_refine.B_iso_max                                76.530 
_refine.B_iso_min                                14.110 
_refine.pdbx_overall_phase_error                 ? 
_refine.occupancy_max                            ? 
_refine.occupancy_min                            ? 
_refine.pdbx_diffrn_id                           1 
_refine.pdbx_TLS_residual_ADP_flag               ? 
_refine.pdbx_ls_sigma_I                          ? 
_refine.pdbx_data_cutoff_high_rms_absF           ? 
_refine.ls_R_factor_R_free_error_details         ? 
# 
_refine_hist.cycle_id                         final 
_refine_hist.pdbx_refine_id                   'X-RAY DIFFRACTION' 
_refine_hist.d_res_high                       1.6500 
_refine_hist.d_res_low                        62.6300 
_refine_hist.pdbx_number_atoms_ligand         51 
_refine_hist.number_atoms_solvent             222 
_refine_hist.number_atoms_total               1357 
_refine_hist.pdbx_number_residues_total       130 
_refine_hist.pdbx_B_iso_mean_ligand           36.51 
_refine_hist.pdbx_B_iso_mean_solvent          42.17 
_refine_hist.pdbx_number_atoms_protein        1084 
_refine_hist.pdbx_number_atoms_nucleic_acid   0 
# 
loop_
_refine_ls_restr.pdbx_refine_id 
_refine_ls_restr.type 
_refine_ls_restr.number 
_refine_ls_restr.dev_ideal 
_refine_ls_restr.dev_ideal_target 
_refine_ls_restr.weight 
_refine_ls_restr.pdbx_restraint_function 
'X-RAY DIFFRACTION' r_bond_refined_d       3023 0.010  0.016  ? ? 
'X-RAY DIFFRACTION' r_bond_other_d         1770 0.001  0.017  ? ? 
'X-RAY DIFFRACTION' r_angle_refined_deg    2761 1.931  1.705  ? ? 
'X-RAY DIFFRACTION' r_angle_other_deg      4167 1.386  1.652  ? ? 
'X-RAY DIFFRACTION' r_dihedral_angle_1_deg 274  4.741  5.000  ? ? 
'X-RAY DIFFRACTION' r_dihedral_angle_2_deg 136  32.476 21.985 ? ? 
'X-RAY DIFFRACTION' r_dihedral_angle_3_deg 356  14.681 15.000 ? ? 
'X-RAY DIFFRACTION' r_dihedral_angle_4_deg 24   16.809 15.000 ? ? 
'X-RAY DIFFRACTION' r_chiral_restr         248  0.383  0.200  ? ? 
'X-RAY DIFFRACTION' r_gen_planes_refined   2510 0.008  0.020  ? ? 
'X-RAY DIFFRACTION' r_gen_planes_other     440  0.003  0.020  ? ? 
'X-RAY DIFFRACTION' r_mcbond_it            1391 1.508  2.545  ? ? 
'X-RAY DIFFRACTION' r_mcbond_other         1303 1.546  2.498  ? ? 
'X-RAY DIFFRACTION' r_mcangle_it           1242 2.784  3.591  ? ? 
# 
_refine_ls_shell.d_res_high                       1.6500 
_refine_ls_shell.d_res_low                        1.6930 
_refine_ls_shell.pdbx_total_number_of_bins_used   20 
_refine_ls_shell.percent_reflns_obs               99.5400 
_refine_ls_shell.number_reflns_R_work             2268 
_refine_ls_shell.R_factor_all                     ? 
_refine_ls_shell.R_factor_R_work                  0.3030 
_refine_ls_shell.R_factor_R_free                  0.3260 
_refine_ls_shell.percent_reflns_R_free            ? 
_refine_ls_shell.number_reflns_R_free             124 
_refine_ls_shell.R_factor_R_free_error            ? 
_refine_ls_shell.number_reflns_all                2392 
_refine_ls_shell.number_reflns_obs                ? 
_refine_ls_shell.pdbx_refine_id                   'X-RAY DIFFRACTION' 
# 
_struct.entry_id                  5QXU 
_struct.title                     'PanDDA analysis group deposition -- Crystal Structure of ATAD2 in complex with RZ373' 
_struct.pdbx_model_details        ? 
_struct.pdbx_CASP_flag            ? 
_struct.pdbx_model_type_details   ? 
# 
_struct_keywords.entry_id        5QXU 
_struct_keywords.text            
'SGC - Diamond I04-1 fragment screening, PanDDA, XChemExplorer, HYDROLASE-HYDROLASE INHIBITOR complex' 
_struct_keywords.pdbx_keywords   'HYDROLASE/HYDROLASE INHIBITOR' 
# 
loop_
_struct_asym.id 
_struct_asym.pdbx_blank_PDB_chainid_flag 
_struct_asym.pdbx_modified 
_struct_asym.entity_id 
_struct_asym.details 
A N N 1 ? 
B N N 2 ? 
C N N 2 ? 
D N N 3 ? 
E N N 3 ? 
F N N 3 ? 
G N N 4 ? 
H N N 3 ? 
I N N 3 ? 
J N N 5 ? 
# 
_struct_ref.id                         1 
_struct_ref.db_name                    UNP 
_struct_ref.db_code                    ATAD2_HUMAN 
_struct_ref.pdbx_db_accession          Q6PL18 
_struct_ref.pdbx_db_isoform            ? 
_struct_ref.entity_id                  1 
_struct_ref.pdbx_seq_one_letter_code   
;QEEDTFRELRIFLRNVTHRLAIDKRFRVFTKPVDPDEVPDYVTVIKQPMDLSSVISKIDLHKYLTVKDYLRDIDLICSNA
LEYNPDRDPGDRLIRHRACALRDTAYAIIKEELDEDFEQLCEEIQESR
;
_struct_ref.pdbx_align_begin           981 
# 
_struct_ref_seq.align_id                      1 
_struct_ref_seq.ref_id                        1 
_struct_ref_seq.pdbx_PDB_id_code              5QXU 
_struct_ref_seq.pdbx_strand_id                A 
_struct_ref_seq.seq_align_beg                 3 
_struct_ref_seq.pdbx_seq_align_beg_ins_code   ? 
_struct_ref_seq.seq_align_end                 130 
_struct_ref_seq.pdbx_seq_align_end_ins_code   ? 
_struct_ref_seq.pdbx_db_accession             Q6PL18 
_struct_ref_seq.db_align_beg                  981 
_struct_ref_seq.pdbx_db_align_beg_ins_code    ? 
_struct_ref_seq.db_align_end                  1108 
_struct_ref_seq.pdbx_db_align_end_ins_code    ? 
_struct_ref_seq.pdbx_auth_seq_align_beg       981 
_struct_ref_seq.pdbx_auth_seq_align_end       1108 
# 
loop_
_struct_ref_seq_dif.align_id 
_struct_ref_seq_dif.pdbx_pdb_id_code 
_struct_ref_seq_dif.mon_id 
_struct_ref_seq_dif.pdbx_pdb_strand_id 
_struct_ref_seq_dif.seq_num 
_struct_ref_seq_dif.pdbx_pdb_ins_code 
_struct_ref_seq_dif.pdbx_seq_db_name 
_struct_ref_seq_dif.pdbx_seq_db_accession_code 
_struct_ref_seq_dif.db_mon_id 
_struct_ref_seq_dif.pdbx_seq_db_seq_num 
_struct_ref_seq_dif.details 
_struct_ref_seq_dif.pdbx_auth_seq_num 
_struct_ref_seq_dif.pdbx_ordinal 
1 5QXU SER A 1  ? UNP Q6PL18 ?   ?    'expression tag' 979  1 
1 5QXU MET A 2  ? UNP Q6PL18 ?   ?    'expression tag' 980  2 
1 5QXU ARG A 44 ? UNP Q6PL18 VAL 1022 conflict         1022 3 
1 5QXU GLU A 49 ? UNP Q6PL18 GLN 1027 conflict         1027 4 
# 
_pdbx_struct_assembly.id                   1 
_pdbx_struct_assembly.details              author_and_software_defined_assembly 
_pdbx_struct_assembly.method_details       PISA 
_pdbx_struct_assembly.oligomeric_details   monomeric 
_pdbx_struct_assembly.oligomeric_count     1 
# 
_pdbx_struct_assembly_gen.assembly_id       1 
_pdbx_struct_assembly_gen.oper_expression   1 
_pdbx_struct_assembly_gen.asym_id_list      A,B,C,D,E,F,G,H,I,J 
# 
_pdbx_struct_oper_list.id                   1 
_pdbx_struct_oper_list.type                 'identity operation' 
_pdbx_struct_oper_list.name                 1_555 
_pdbx_struct_oper_list.symmetry_operation   x,y,z 
_pdbx_struct_oper_list.matrix[1][1]         1.0000000000 
_pdbx_struct_oper_list.matrix[1][2]         0.0000000000 
_pdbx_struct_oper_list.matrix[1][3]         0.0000000000 
_pdbx_struct_oper_list.vector[1]            0.0000000000 
_pdbx_struct_oper_list.matrix[2][1]         0.0000000000 
_pdbx_struct_oper_list.matrix[2][2]         1.0000000000 
_pdbx_struct_oper_list.matrix[2][3]         0.0000000000 
_pdbx_struct_oper_list.vector[2]            0.0000000000 
_pdbx_struct_oper_list.matrix[3][1]         0.0000000000 
_pdbx_struct_oper_list.matrix[3][2]         0.0000000000 
_pdbx_struct_oper_list.matrix[3][3]         1.0000000000 
_pdbx_struct_oper_list.vector[3]            0.0000000000 
# 
loop_
_struct_conf.conf_type_id 
_struct_conf.id 
_struct_conf.pdbx_PDB_helix_id 
_struct_conf.beg_label_comp_id 
_struct_conf.beg_label_asym_id 
_struct_conf.beg_label_seq_id 
_struct_conf.pdbx_beg_PDB_ins_code 
_struct_conf.end_label_comp_id 
_struct_conf.end_label_asym_id 
_struct_conf.end_label_seq_id 
_struct_conf.pdbx_end_PDB_ins_code 
_struct_conf.beg_auth_comp_id 
_struct_conf.beg_auth_asym_id 
_struct_conf.beg_auth_seq_id 
_struct_conf.end_auth_comp_id 
_struct_conf.end_auth_asym_id 
_struct_conf.end_auth_seq_id 
_struct_conf.pdbx_PDB_helix_class 
_struct_conf.details 
_struct_conf.pdbx_PDB_helix_length 
HELX_P HELX_P1 AA1 SER A 1   ? ILE A 24  ? SER A 979  ILE A 1002 1 ? 24 
HELX_P HELX_P2 AA2 ASP A 25  ? THR A 32  ? ASP A 1003 THR A 1010 5 ? 8  
HELX_P HELX_P3 AA3 ASP A 42  ? ILE A 47  ? ASP A 1020 ILE A 1025 1 ? 6  
HELX_P HELX_P4 AA4 ASP A 52  ? LEU A 62  ? ASP A 1030 LEU A 1040 1 ? 11 
HELX_P HELX_P5 AA5 THR A 67  ? ASN A 86  ? THR A 1045 ASN A 1064 1 ? 20 
HELX_P HELX_P6 AA6 ASP A 90  ? LEU A 115 ? ASP A 1068 LEU A 1093 1 ? 26 
HELX_P HELX_P7 AA7 ASP A 116 ? SER A 129 ? ASP A 1094 SER A 1107 1 ? 14 
# 
_struct_conf_type.id          HELX_P 
_struct_conf_type.criteria    ? 
_struct_conf_type.reference   ? 
# 
loop_
_struct_site.id 
_struct_site.pdbx_evidence_code 
_struct_site.pdbx_auth_asym_id 
_struct_site.pdbx_auth_comp_id 
_struct_site.pdbx_auth_seq_id 
_struct_site.pdbx_auth_ins_code 
_struct_site.pdbx_num_residues 
_struct_site.details 
AC1 Software A SO4 1201 ? 8  'binding site for residue SO4 A 1201' 
AC2 Software A SO4 1202 ? 8  'binding site for residue SO4 A 1202' 
AC3 Software A EDO 1203 ? 4  'binding site for residue EDO A 1203' 
AC4 Software A EDO 1204 ? 4  'binding site for residue EDO A 1204' 
AC5 Software A EDO 1205 ? 4  'binding site for residue EDO A 1205' 
AC6 Software A RJD 1206 ? 11 'binding site for residue RJD A 1206' 
AC7 Software A EDO 1207 ? 3  'binding site for residue EDO A 1207' 
AC8 Software A EDO 1208 ? 4  'binding site for residue EDO A 1208' 
# 
loop_
_struct_site_gen.id 
_struct_site_gen.site_id 
_struct_site_gen.pdbx_num_res 
_struct_site_gen.label_comp_id 
_struct_site_gen.label_asym_id 
_struct_site_gen.label_seq_id 
_struct_site_gen.pdbx_auth_ins_code 
_struct_site_gen.auth_comp_id 
_struct_site_gen.auth_asym_id 
_struct_site_gen.auth_seq_id 
_struct_site_gen.label_atom_id 
_struct_site_gen.label_alt_id 
_struct_site_gen.symmetry 
_struct_site_gen.details 
1  AC1 8  ARG A 9   ? ARG A 987  . ? 6_654  ? 
2  AC1 8  ARG A 12  ? ARG A 990  . ? 6_654  ? 
3  AC1 8  ARG A 16  ? ARG A 994  . ? 6_654  ? 
4  AC1 8  ARG A 89  ? ARG A 1067 . ? 1_555  ? 
5  AC1 8  ARG A 94  ? ARG A 1072 . ? 1_555  ? 
6  AC1 8  HOH J .   ? HOH A 1303 . ? 1_555  ? 
7  AC1 8  HOH J .   ? HOH A 1317 . ? 1_555  ? 
8  AC1 8  HOH J .   ? HOH A 1412 . ? 1_555  ? 
9  AC2 8  LYS A 64  ? LYS A 1042 . ? 12_564 ? 
10 AC2 8  LYS A 64  ? LYS A 1042 . ? 1_555  ? 
11 AC2 8  HOH J .   ? HOH A 1347 . ? 1_555  ? 
12 AC2 8  HOH J .   ? HOH A 1347 . ? 12_564 ? 
13 AC2 8  HOH J .   ? HOH A 1381 . ? 1_555  ? 
14 AC2 8  HOH J .   ? HOH A 1381 . ? 12_564 ? 
15 AC2 8  HOH J .   ? HOH A 1422 . ? 12_564 ? 
16 AC2 8  HOH J .   ? HOH A 1422 . ? 1_555  ? 
17 AC3 4  GLU A 10  ? GLU A 988  . ? 1_555  ? 
18 AC3 4  ASP A 116 ? ASP A 1094 . ? 1_555  ? 
19 AC3 4  HOH J .   ? HOH A 1365 . ? 1_555  ? 
20 AC3 4  HOH J .   ? HOH A 1425 . ? 1_555  ? 
21 AC4 4  HIS A 20  ? HIS A 998  . ? 10_665 ? 
22 AC4 4  GLU A 114 ? GLU A 1092 . ? 1_555  ? 
23 AC4 4  LEU A 115 ? LEU A 1093 . ? 1_555  ? 
24 AC4 4  ASP A 116 ? ASP A 1094 . ? 1_555  ? 
25 AC5 4  PRO A 50  ? PRO A 1028 . ? 12_564 ? 
26 AC5 4  SER A 58  ? SER A 1036 . ? 1_555  ? 
27 AC5 4  HOH J .   ? HOH A 1334 . ? 1_555  ? 
28 AC5 4  HOH J .   ? HOH A 1411 . ? 1_555  ? 
29 AC6 11 ARG A 29  ? ARG A 1007 . ? 1_555  ? 
30 AC6 11 VAL A 30  ? VAL A 1008 . ? 1_555  ? 
31 AC6 11 LYS A 33  ? LYS A 1011 . ? 1_555  ? 
32 AC6 11 VAL A 35  ? VAL A 1013 . ? 1_555  ? 
33 AC6 11 GLU A 39  ? GLU A 1017 . ? 1_555  ? 
34 AC6 11 TYR A 85  ? TYR A 1063 . ? 1_555  ? 
35 AC6 11 ASN A 86  ? ASN A 1064 . ? 1_555  ? 
36 AC6 11 EDO H .   ? EDO A 1207 . ? 1_555  ? 
37 AC6 11 EDO I .   ? EDO A 1208 . ? 1_555  ? 
38 AC6 11 HOH J .   ? HOH A 1329 . ? 1_555  ? 
39 AC6 11 HOH J .   ? HOH A 1337 . ? 1_555  ? 
40 AC7 3  ASN A 86  ? ASN A 1064 . ? 1_555  ? 
41 AC7 3  RJD G .   ? RJD A 1206 . ? 1_555  ? 
42 AC7 3  HOH J .   ? HOH A 1314 . ? 1_555  ? 
43 AC8 4  ARG A 29  ? ARG A 1007 . ? 1_555  ? 
44 AC8 4  GLU A 39  ? GLU A 1017 . ? 1_555  ? 
45 AC8 4  RJD G .   ? RJD A 1206 . ? 1_555  ? 
46 AC8 4  HOH J .   ? HOH A 1373 . ? 1_555  ? 
# 
loop_
_pdbx_validate_close_contact.id 
_pdbx_validate_close_contact.PDB_model_num 
_pdbx_validate_close_contact.auth_atom_id_1 
_pdbx_validate_close_contact.auth_asym_id_1 
_pdbx_validate_close_contact.auth_comp_id_1 
_pdbx_validate_close_contact.auth_seq_id_1 
_pdbx_validate_close_contact.PDB_ins_code_1 
_pdbx_validate_close_contact.label_alt_id_1 
_pdbx_validate_close_contact.auth_atom_id_2 
_pdbx_validate_close_contact.auth_asym_id_2 
_pdbx_validate_close_contact.auth_comp_id_2 
_pdbx_validate_close_contact.auth_seq_id_2 
_pdbx_validate_close_contact.PDB_ins_code_2 
_pdbx_validate_close_contact.label_alt_id_2 
_pdbx_validate_close_contact.dist 
1 1 OD2 A ASP 1020 ? ? O A HOH 1301 ? ? 1.97 
2 1 O   A HOH 1405 ? ? O A HOH 1436 ? ? 2.13 
# 
loop_
_pdbx_validate_symm_contact.id 
_pdbx_validate_symm_contact.PDB_model_num 
_pdbx_validate_symm_contact.auth_atom_id_1 
_pdbx_validate_symm_contact.auth_asym_id_1 
_pdbx_validate_symm_contact.auth_comp_id_1 
_pdbx_validate_symm_contact.auth_seq_id_1 
_pdbx_validate_symm_contact.PDB_ins_code_1 
_pdbx_validate_symm_contact.label_alt_id_1 
_pdbx_validate_symm_contact.site_symmetry_1 
_pdbx_validate_symm_contact.auth_atom_id_2 
_pdbx_validate_symm_contact.auth_asym_id_2 
_pdbx_validate_symm_contact.auth_comp_id_2 
_pdbx_validate_symm_contact.auth_seq_id_2 
_pdbx_validate_symm_contact.PDB_ins_code_2 
_pdbx_validate_symm_contact.label_alt_id_2 
_pdbx_validate_symm_contact.site_symmetry_2 
_pdbx_validate_symm_contact.dist 
1 1 O A HOH 1400 ? ? 1_555 O A HOH 1428 ? ? 8_565  2.17 
2 1 O A HOH 1436 ? ? 1_555 O A HOH 1458 ? ? 10_665 2.17 
# 
loop_
_pdbx_validate_rmsd_bond.id 
_pdbx_validate_rmsd_bond.PDB_model_num 
_pdbx_validate_rmsd_bond.auth_atom_id_1 
_pdbx_validate_rmsd_bond.auth_asym_id_1 
_pdbx_validate_rmsd_bond.auth_comp_id_1 
_pdbx_validate_rmsd_bond.auth_seq_id_1 
_pdbx_validate_rmsd_bond.PDB_ins_code_1 
_pdbx_validate_rmsd_bond.label_alt_id_1 
_pdbx_validate_rmsd_bond.auth_atom_id_2 
_pdbx_validate_rmsd_bond.auth_asym_id_2 
_pdbx_validate_rmsd_bond.auth_comp_id_2 
_pdbx_validate_rmsd_bond.auth_seq_id_2 
_pdbx_validate_rmsd_bond.PDB_ins_code_2 
_pdbx_validate_rmsd_bond.label_alt_id_2 
_pdbx_validate_rmsd_bond.bond_value 
_pdbx_validate_rmsd_bond.bond_target_value 
_pdbx_validate_rmsd_bond.bond_deviation 
_pdbx_validate_rmsd_bond.bond_standard_deviation 
_pdbx_validate_rmsd_bond.linker_flag 
1 1 CD A GLU 1098 ? ? OE2 A GLU 1098 ? ? 1.323 1.252 0.071 0.011 N 
2 1 CD A GLU 1102 ? ? OE2 A GLU 1102 ? ? 1.337 1.252 0.085 0.011 N 
# 
loop_
_pdbx_validate_rmsd_angle.id 
_pdbx_validate_rmsd_angle.PDB_model_num 
_pdbx_validate_rmsd_angle.auth_atom_id_1 
_pdbx_validate_rmsd_angle.auth_asym_id_1 
_pdbx_validate_rmsd_angle.auth_comp_id_1 
_pdbx_validate_rmsd_angle.auth_seq_id_1 
_pdbx_validate_rmsd_angle.PDB_ins_code_1 
_pdbx_validate_rmsd_angle.label_alt_id_1 
_pdbx_validate_rmsd_angle.auth_atom_id_2 
_pdbx_validate_rmsd_angle.auth_asym_id_2 
_pdbx_validate_rmsd_angle.auth_comp_id_2 
_pdbx_validate_rmsd_angle.auth_seq_id_2 
_pdbx_validate_rmsd_angle.PDB_ins_code_2 
_pdbx_validate_rmsd_angle.label_alt_id_2 
_pdbx_validate_rmsd_angle.auth_atom_id_3 
_pdbx_validate_rmsd_angle.auth_asym_id_3 
_pdbx_validate_rmsd_angle.auth_comp_id_3 
_pdbx_validate_rmsd_angle.auth_seq_id_3 
_pdbx_validate_rmsd_angle.PDB_ins_code_3 
_pdbx_validate_rmsd_angle.label_alt_id_3 
_pdbx_validate_rmsd_angle.angle_value 
_pdbx_validate_rmsd_angle.angle_target_value 
_pdbx_validate_rmsd_angle.angle_deviation 
_pdbx_validate_rmsd_angle.angle_standard_deviation 
_pdbx_validate_rmsd_angle.linker_flag 
1 1 NE A ARG 994 ? ? CZ A ARG 994 ? ? NH1 A ARG 994 ? ? 123.59 120.30 3.29  0.50 N 
2 1 NE A ARG 994 ? ? CZ A ARG 994 ? ? NH2 A ARG 994 ? ? 117.14 120.30 -3.16 0.50 N 
# 
loop_
_pdbx_struct_special_symmetry.id 
_pdbx_struct_special_symmetry.PDB_model_num 
_pdbx_struct_special_symmetry.auth_asym_id 
_pdbx_struct_special_symmetry.auth_comp_id 
_pdbx_struct_special_symmetry.auth_seq_id 
_pdbx_struct_special_symmetry.PDB_ins_code 
_pdbx_struct_special_symmetry.label_asym_id 
_pdbx_struct_special_symmetry.label_comp_id 
_pdbx_struct_special_symmetry.label_seq_id 
1 1 A SO4 1202 ? C SO4 . 
2 1 A HOH 1383 ? J HOH . 
# 
_phasing.method   MR 
# 
_pdbx_entry_details.entry_id                 5QXU 
_pdbx_entry_details.has_ligand_of_interest   Y 
_pdbx_entry_details.compound_details         ? 
_pdbx_entry_details.source_details           ? 
_pdbx_entry_details.nonpolymer_details       ? 
_pdbx_entry_details.sequence_details         ? 
# 
loop_
_pdbx_distant_solvent_atoms.id 
_pdbx_distant_solvent_atoms.PDB_model_num 
_pdbx_distant_solvent_atoms.auth_atom_id 
_pdbx_distant_solvent_atoms.label_alt_id 
_pdbx_distant_solvent_atoms.auth_asym_id 
_pdbx_distant_solvent_atoms.auth_comp_id 
_pdbx_distant_solvent_atoms.auth_seq_id 
_pdbx_distant_solvent_atoms.PDB_ins_code 
_pdbx_distant_solvent_atoms.neighbor_macromolecule_distance 
_pdbx_distant_solvent_atoms.neighbor_ligand_distance 
1 1 O ? A HOH 1521 ? 5.82 . 
2 1 O ? A HOH 1522 ? 6.35 . 
# 
loop_
_chem_comp_atom.comp_id 
_chem_comp_atom.atom_id 
_chem_comp_atom.type_symbol 
_chem_comp_atom.pdbx_aromatic_flag 
_chem_comp_atom.pdbx_stereo_config 
_chem_comp_atom.pdbx_ordinal 
ALA N    N N N 1   
ALA CA   C N S 2   
ALA C    C N N 3   
ALA O    O N N 4   
ALA CB   C N N 5   
ALA OXT  O N N 6   
ALA H    H N N 7   
ALA H2   H N N 8   
ALA HA   H N N 9   
ALA HB1  H N N 10  
ALA HB2  H N N 11  
ALA HB3  H N N 12  
ALA HXT  H N N 13  
ARG N    N N N 14  
ARG CA   C N S 15  
ARG C    C N N 16  
ARG O    O N N 17  
ARG CB   C N N 18  
ARG CG   C N N 19  
ARG CD   C N N 20  
ARG NE   N N N 21  
ARG CZ   C N N 22  
ARG NH1  N N N 23  
ARG NH2  N N N 24  
ARG OXT  O N N 25  
ARG H    H N N 26  
ARG H2   H N N 27  
ARG HA   H N N 28  
ARG HB2  H N N 29  
ARG HB3  H N N 30  
ARG HG2  H N N 31  
ARG HG3  H N N 32  
ARG HD2  H N N 33  
ARG HD3  H N N 34  
ARG HE   H N N 35  
ARG HH11 H N N 36  
ARG HH12 H N N 37  
ARG HH21 H N N 38  
ARG HH22 H N N 39  
ARG HXT  H N N 40  
ASN N    N N N 41  
ASN CA   C N S 42  
ASN C    C N N 43  
ASN O    O N N 44  
ASN CB   C N N 45  
ASN CG   C N N 46  
ASN OD1  O N N 47  
ASN ND2  N N N 48  
ASN OXT  O N N 49  
ASN H    H N N 50  
ASN H2   H N N 51  
ASN HA   H N N 52  
ASN HB2  H N N 53  
ASN HB3  H N N 54  
ASN HD21 H N N 55  
ASN HD22 H N N 56  
ASN HXT  H N N 57  
ASP N    N N N 58  
ASP CA   C N S 59  
ASP C    C N N 60  
ASP O    O N N 61  
ASP CB   C N N 62  
ASP CG   C N N 63  
ASP OD1  O N N 64  
ASP OD2  O N N 65  
ASP OXT  O N N 66  
ASP H    H N N 67  
ASP H2   H N N 68  
ASP HA   H N N 69  
ASP HB2  H N N 70  
ASP HB3  H N N 71  
ASP HD2  H N N 72  
ASP HXT  H N N 73  
CYS N    N N N 74  
CYS CA   C N R 75  
CYS C    C N N 76  
CYS O    O N N 77  
CYS CB   C N N 78  
CYS SG   S N N 79  
CYS OXT  O N N 80  
CYS H    H N N 81  
CYS H2   H N N 82  
CYS HA   H N N 83  
CYS HB2  H N N 84  
CYS HB3  H N N 85  
CYS HG   H N N 86  
CYS HXT  H N N 87  
EDO C1   C N N 88  
EDO O1   O N N 89  
EDO C2   C N N 90  
EDO O2   O N N 91  
EDO H11  H N N 92  
EDO H12  H N N 93  
EDO HO1  H N N 94  
EDO H21  H N N 95  
EDO H22  H N N 96  
EDO HO2  H N N 97  
GLN N    N N N 98  
GLN CA   C N S 99  
GLN C    C N N 100 
GLN O    O N N 101 
GLN CB   C N N 102 
GLN CG   C N N 103 
GLN CD   C N N 104 
GLN OE1  O N N 105 
GLN NE2  N N N 106 
GLN OXT  O N N 107 
GLN H    H N N 108 
GLN H2   H N N 109 
GLN HA   H N N 110 
GLN HB2  H N N 111 
GLN HB3  H N N 112 
GLN HG2  H N N 113 
GLN HG3  H N N 114 
GLN HE21 H N N 115 
GLN HE22 H N N 116 
GLN HXT  H N N 117 
GLU N    N N N 118 
GLU CA   C N S 119 
GLU C    C N N 120 
GLU O    O N N 121 
GLU CB   C N N 122 
GLU CG   C N N 123 
GLU CD   C N N 124 
GLU OE1  O N N 125 
GLU OE2  O N N 126 
GLU OXT  O N N 127 
GLU H    H N N 128 
GLU H2   H N N 129 
GLU HA   H N N 130 
GLU HB2  H N N 131 
GLU HB3  H N N 132 
GLU HG2  H N N 133 
GLU HG3  H N N 134 
GLU HE2  H N N 135 
GLU HXT  H N N 136 
GLY N    N N N 137 
GLY CA   C N N 138 
GLY C    C N N 139 
GLY O    O N N 140 
GLY OXT  O N N 141 
GLY H    H N N 142 
GLY H2   H N N 143 
GLY HA2  H N N 144 
GLY HA3  H N N 145 
GLY HXT  H N N 146 
HIS N    N N N 147 
HIS CA   C N S 148 
HIS C    C N N 149 
HIS O    O N N 150 
HIS CB   C N N 151 
HIS CG   C Y N 152 
HIS ND1  N Y N 153 
HIS CD2  C Y N 154 
HIS CE1  C Y N 155 
HIS NE2  N Y N 156 
HIS OXT  O N N 157 
HIS H    H N N 158 
HIS H2   H N N 159 
HIS HA   H N N 160 
HIS HB2  H N N 161 
HIS HB3  H N N 162 
HIS HD1  H N N 163 
HIS HD2  H N N 164 
HIS HE1  H N N 165 
HIS HE2  H N N 166 
HIS HXT  H N N 167 
HOH O    O N N 168 
HOH H1   H N N 169 
HOH H2   H N N 170 
ILE N    N N N 171 
ILE CA   C N S 172 
ILE C    C N N 173 
ILE O    O N N 174 
ILE CB   C N S 175 
ILE CG1  C N N 176 
ILE CG2  C N N 177 
ILE CD1  C N N 178 
ILE OXT  O N N 179 
ILE H    H N N 180 
ILE H2   H N N 181 
ILE HA   H N N 182 
ILE HB   H N N 183 
ILE HG12 H N N 184 
ILE HG13 H N N 185 
ILE HG21 H N N 186 
ILE HG22 H N N 187 
ILE HG23 H N N 188 
ILE HD11 H N N 189 
ILE HD12 H N N 190 
ILE HD13 H N N 191 
ILE HXT  H N N 192 
LEU N    N N N 193 
LEU CA   C N S 194 
LEU C    C N N 195 
LEU O    O N N 196 
LEU CB   C N N 197 
LEU CG   C N N 198 
LEU CD1  C N N 199 
LEU CD2  C N N 200 
LEU OXT  O N N 201 
LEU H    H N N 202 
LEU H2   H N N 203 
LEU HA   H N N 204 
LEU HB2  H N N 205 
LEU HB3  H N N 206 
LEU HG   H N N 207 
LEU HD11 H N N 208 
LEU HD12 H N N 209 
LEU HD13 H N N 210 
LEU HD21 H N N 211 
LEU HD22 H N N 212 
LEU HD23 H N N 213 
LEU HXT  H N N 214 
LYS N    N N N 215 
LYS CA   C N S 216 
LYS C    C N N 217 
LYS O    O N N 218 
LYS CB   C N N 219 
LYS CG   C N N 220 
LYS CD   C N N 221 
LYS CE   C N N 222 
LYS NZ   N N N 223 
LYS OXT  O N N 224 
LYS H    H N N 225 
LYS H2   H N N 226 
LYS HA   H N N 227 
LYS HB2  H N N 228 
LYS HB3  H N N 229 
LYS HG2  H N N 230 
LYS HG3  H N N 231 
LYS HD2  H N N 232 
LYS HD3  H N N 233 
LYS HE2  H N N 234 
LYS HE3  H N N 235 
LYS HZ1  H N N 236 
LYS HZ2  H N N 237 
LYS HZ3  H N N 238 
LYS HXT  H N N 239 
MET N    N N N 240 
MET CA   C N S 241 
MET C    C N N 242 
MET O    O N N 243 
MET CB   C N N 244 
MET CG   C N N 245 
MET SD   S N N 246 
MET CE   C N N 247 
MET OXT  O N N 248 
MET H    H N N 249 
MET H2   H N N 250 
MET HA   H N N 251 
MET HB2  H N N 252 
MET HB3  H N N 253 
MET HG2  H N N 254 
MET HG3  H N N 255 
MET HE1  H N N 256 
MET HE2  H N N 257 
MET HE3  H N N 258 
MET HXT  H N N 259 
PHE N    N N N 260 
PHE CA   C N S 261 
PHE C    C N N 262 
PHE O    O N N 263 
PHE CB   C N N 264 
PHE CG   C Y N 265 
PHE CD1  C Y N 266 
PHE CD2  C Y N 267 
PHE CE1  C Y N 268 
PHE CE2  C Y N 269 
PHE CZ   C Y N 270 
PHE OXT  O N N 271 
PHE H    H N N 272 
PHE H2   H N N 273 
PHE HA   H N N 274 
PHE HB2  H N N 275 
PHE HB3  H N N 276 
PHE HD1  H N N 277 
PHE HD2  H N N 278 
PHE HE1  H N N 279 
PHE HE2  H N N 280 
PHE HZ   H N N 281 
PHE HXT  H N N 282 
PRO N    N N N 283 
PRO CA   C N S 284 
PRO C    C N N 285 
PRO O    O N N 286 
PRO CB   C N N 287 
PRO CG   C N N 288 
PRO CD   C N N 289 
PRO OXT  O N N 290 
PRO H    H N N 291 
PRO HA   H N N 292 
PRO HB2  H N N 293 
PRO HB3  H N N 294 
PRO HG2  H N N 295 
PRO HG3  H N N 296 
PRO HD2  H N N 297 
PRO HD3  H N N 298 
PRO HXT  H N N 299 
RJD C10  C N N 300 
RJD C13  C N N 301 
RJD C15  C N N 302 
RJD C20  C N N 303 
RJD C21  C N N 304 
RJD C01  C N N 305 
RJD C02  C N S 306 
RJD C03  C N N 307 
RJD C05  C N S 308 
RJD C06  C N N 309 
RJD C07  C N N 310 
RJD C11  C N N 311 
RJD C12  C N N 312 
RJD C18  C N N 313 
RJD C19  C N N 314 
RJD N04  N N N 315 
RJD N09  N N N 316 
RJD N14  N N N 317 
RJD N17  N N N 318 
RJD O08  O N N 319 
RJD O16  O N N 320 
RJD H1   H N N 321 
RJD H2   H N N 322 
RJD H3   H N N 323 
RJD H4   H N N 324 
RJD H5   H N N 325 
RJD H6   H N N 326 
RJD H7   H N N 327 
RJD H8   H N N 328 
RJD H9   H N N 329 
RJD H10  H N N 330 
RJD H11  H N N 331 
RJD H12  H N N 332 
RJD H13  H N N 333 
RJD H14  H N N 334 
RJD H15  H N N 335 
RJD H16  H N N 336 
RJD H17  H N N 337 
RJD H18  H N N 338 
RJD H19  H N N 339 
RJD H20  H N N 340 
RJD H21  H N N 341 
RJD H22  H N N 342 
RJD H23  H N N 343 
RJD H24  H N N 344 
RJD H26  H N N 345 
RJD H27  H N N 346 
SER N    N N N 347 
SER CA   C N S 348 
SER C    C N N 349 
SER O    O N N 350 
SER CB   C N N 351 
SER OG   O N N 352 
SER OXT  O N N 353 
SER H    H N N 354 
SER H2   H N N 355 
SER HA   H N N 356 
SER HB2  H N N 357 
SER HB3  H N N 358 
SER HG   H N N 359 
SER HXT  H N N 360 
SO4 S    S N N 361 
SO4 O1   O N N 362 
SO4 O2   O N N 363 
SO4 O3   O N N 364 
SO4 O4   O N N 365 
THR N    N N N 366 
THR CA   C N S 367 
THR C    C N N 368 
THR O    O N N 369 
THR CB   C N R 370 
THR OG1  O N N 371 
THR CG2  C N N 372 
THR OXT  O N N 373 
THR H    H N N 374 
THR H2   H N N 375 
THR HA   H N N 376 
THR HB   H N N 377 
THR HG1  H N N 378 
THR HG21 H N N 379 
THR HG22 H N N 380 
THR HG23 H N N 381 
THR HXT  H N N 382 
TYR N    N N N 383 
TYR CA   C N S 384 
TYR C    C N N 385 
TYR O    O N N 386 
TYR CB   C N N 387 
TYR CG   C Y N 388 
TYR CD1  C Y N 389 
TYR CD2  C Y N 390 
TYR CE1  C Y N 391 
TYR CE2  C Y N 392 
TYR CZ   C Y N 393 
TYR OH   O N N 394 
TYR OXT  O N N 395 
TYR H    H N N 396 
TYR H2   H N N 397 
TYR HA   H N N 398 
TYR HB2  H N N 399 
TYR HB3  H N N 400 
TYR HD1  H N N 401 
TYR HD2  H N N 402 
TYR HE1  H N N 403 
TYR HE2  H N N 404 
TYR HH   H N N 405 
TYR HXT  H N N 406 
VAL N    N N N 407 
VAL CA   C N S 408 
VAL C    C N N 409 
VAL O    O N N 410 
VAL CB   C N N 411 
VAL CG1  C N N 412 
VAL CG2  C N N 413 
VAL OXT  O N N 414 
VAL H    H N N 415 
VAL H2   H N N 416 
VAL HA   H N N 417 
VAL HB   H N N 418 
VAL HG11 H N N 419 
VAL HG12 H N N 420 
VAL HG13 H N N 421 
VAL HG21 H N N 422 
VAL HG22 H N N 423 
VAL HG23 H N N 424 
VAL HXT  H N N 425 
# 
loop_
_chem_comp_bond.comp_id 
_chem_comp_bond.atom_id_1 
_chem_comp_bond.atom_id_2 
_chem_comp_bond.value_order 
_chem_comp_bond.pdbx_aromatic_flag 
_chem_comp_bond.pdbx_stereo_config 
_chem_comp_bond.pdbx_ordinal 
ALA N   CA   sing N N 1   
ALA N   H    sing N N 2   
ALA N   H2   sing N N 3   
ALA CA  C    sing N N 4   
ALA CA  CB   sing N N 5   
ALA CA  HA   sing N N 6   
ALA C   O    doub N N 7   
ALA C   OXT  sing N N 8   
ALA CB  HB1  sing N N 9   
ALA CB  HB2  sing N N 10  
ALA CB  HB3  sing N N 11  
ALA OXT HXT  sing N N 12  
ARG N   CA   sing N N 13  
ARG N   H    sing N N 14  
ARG N   H2   sing N N 15  
ARG CA  C    sing N N 16  
ARG CA  CB   sing N N 17  
ARG CA  HA   sing N N 18  
ARG C   O    doub N N 19  
ARG C   OXT  sing N N 20  
ARG CB  CG   sing N N 21  
ARG CB  HB2  sing N N 22  
ARG CB  HB3  sing N N 23  
ARG CG  CD   sing N N 24  
ARG CG  HG2  sing N N 25  
ARG CG  HG3  sing N N 26  
ARG CD  NE   sing N N 27  
ARG CD  HD2  sing N N 28  
ARG CD  HD3  sing N N 29  
ARG NE  CZ   sing N N 30  
ARG NE  HE   sing N N 31  
ARG CZ  NH1  sing N N 32  
ARG CZ  NH2  doub N N 33  
ARG NH1 HH11 sing N N 34  
ARG NH1 HH12 sing N N 35  
ARG NH2 HH21 sing N N 36  
ARG NH2 HH22 sing N N 37  
ARG OXT HXT  sing N N 38  
ASN N   CA   sing N N 39  
ASN N   H    sing N N 40  
ASN N   H2   sing N N 41  
ASN CA  C    sing N N 42  
ASN CA  CB   sing N N 43  
ASN CA  HA   sing N N 44  
ASN C   O    doub N N 45  
ASN C   OXT  sing N N 46  
ASN CB  CG   sing N N 47  
ASN CB  HB2  sing N N 48  
ASN CB  HB3  sing N N 49  
ASN CG  OD1  doub N N 50  
ASN CG  ND2  sing N N 51  
ASN ND2 HD21 sing N N 52  
ASN ND2 HD22 sing N N 53  
ASN OXT HXT  sing N N 54  
ASP N   CA   sing N N 55  
ASP N   H    sing N N 56  
ASP N   H2   sing N N 57  
ASP CA  C    sing N N 58  
ASP CA  CB   sing N N 59  
ASP CA  HA   sing N N 60  
ASP C   O    doub N N 61  
ASP C   OXT  sing N N 62  
ASP CB  CG   sing N N 63  
ASP CB  HB2  sing N N 64  
ASP CB  HB3  sing N N 65  
ASP CG  OD1  doub N N 66  
ASP CG  OD2  sing N N 67  
ASP OD2 HD2  sing N N 68  
ASP OXT HXT  sing N N 69  
CYS N   CA   sing N N 70  
CYS N   H    sing N N 71  
CYS N   H2   sing N N 72  
CYS CA  C    sing N N 73  
CYS CA  CB   sing N N 74  
CYS CA  HA   sing N N 75  
CYS C   O    doub N N 76  
CYS C   OXT  sing N N 77  
CYS CB  SG   sing N N 78  
CYS CB  HB2  sing N N 79  
CYS CB  HB3  sing N N 80  
CYS SG  HG   sing N N 81  
CYS OXT HXT  sing N N 82  
EDO C1  O1   sing N N 83  
EDO C1  C2   sing N N 84  
EDO C1  H11  sing N N 85  
EDO C1  H12  sing N N 86  
EDO O1  HO1  sing N N 87  
EDO C2  O2   sing N N 88  
EDO C2  H21  sing N N 89  
EDO C2  H22  sing N N 90  
EDO O2  HO2  sing N N 91  
GLN N   CA   sing N N 92  
GLN N   H    sing N N 93  
GLN N   H2   sing N N 94  
GLN CA  C    sing N N 95  
GLN CA  CB   sing N N 96  
GLN CA  HA   sing N N 97  
GLN C   O    doub N N 98  
GLN C   OXT  sing N N 99  
GLN CB  CG   sing N N 100 
GLN CB  HB2  sing N N 101 
GLN CB  HB3  sing N N 102 
GLN CG  CD   sing N N 103 
GLN CG  HG2  sing N N 104 
GLN CG  HG3  sing N N 105 
GLN CD  OE1  doub N N 106 
GLN CD  NE2  sing N N 107 
GLN NE2 HE21 sing N N 108 
GLN NE2 HE22 sing N N 109 
GLN OXT HXT  sing N N 110 
GLU N   CA   sing N N 111 
GLU N   H    sing N N 112 
GLU N   H2   sing N N 113 
GLU CA  C    sing N N 114 
GLU CA  CB   sing N N 115 
GLU CA  HA   sing N N 116 
GLU C   O    doub N N 117 
GLU C   OXT  sing N N 118 
GLU CB  CG   sing N N 119 
GLU CB  HB2  sing N N 120 
GLU CB  HB3  sing N N 121 
GLU CG  CD   sing N N 122 
GLU CG  HG2  sing N N 123 
GLU CG  HG3  sing N N 124 
GLU CD  OE1  doub N N 125 
GLU CD  OE2  sing N N 126 
GLU OE2 HE2  sing N N 127 
GLU OXT HXT  sing N N 128 
GLY N   CA   sing N N 129 
GLY N   H    sing N N 130 
GLY N   H2   sing N N 131 
GLY CA  C    sing N N 132 
GLY CA  HA2  sing N N 133 
GLY CA  HA3  sing N N 134 
GLY C   O    doub N N 135 
GLY C   OXT  sing N N 136 
GLY OXT HXT  sing N N 137 
HIS N   CA   sing N N 138 
HIS N   H    sing N N 139 
HIS N   H2   sing N N 140 
HIS CA  C    sing N N 141 
HIS CA  CB   sing N N 142 
HIS CA  HA   sing N N 143 
HIS C   O    doub N N 144 
HIS C   OXT  sing N N 145 
HIS CB  CG   sing N N 146 
HIS CB  HB2  sing N N 147 
HIS CB  HB3  sing N N 148 
HIS CG  ND1  sing Y N 149 
HIS CG  CD2  doub Y N 150 
HIS ND1 CE1  doub Y N 151 
HIS ND1 HD1  sing N N 152 
HIS CD2 NE2  sing Y N 153 
HIS CD2 HD2  sing N N 154 
HIS CE1 NE2  sing Y N 155 
HIS CE1 HE1  sing N N 156 
HIS NE2 HE2  sing N N 157 
HIS OXT HXT  sing N N 158 
HOH O   H1   sing N N 159 
HOH O   H2   sing N N 160 
ILE N   CA   sing N N 161 
ILE N   H    sing N N 162 
ILE N   H2   sing N N 163 
ILE CA  C    sing N N 164 
ILE CA  CB   sing N N 165 
ILE CA  HA   sing N N 166 
ILE C   O    doub N N 167 
ILE C   OXT  sing N N 168 
ILE CB  CG1  sing N N 169 
ILE CB  CG2  sing N N 170 
ILE CB  HB   sing N N 171 
ILE CG1 CD1  sing N N 172 
ILE CG1 HG12 sing N N 173 
ILE CG1 HG13 sing N N 174 
ILE CG2 HG21 sing N N 175 
ILE CG2 HG22 sing N N 176 
ILE CG2 HG23 sing N N 177 
ILE CD1 HD11 sing N N 178 
ILE CD1 HD12 sing N N 179 
ILE CD1 HD13 sing N N 180 
ILE OXT HXT  sing N N 181 
LEU N   CA   sing N N 182 
LEU N   H    sing N N 183 
LEU N   H2   sing N N 184 
LEU CA  C    sing N N 185 
LEU CA  CB   sing N N 186 
LEU CA  HA   sing N N 187 
LEU C   O    doub N N 188 
LEU C   OXT  sing N N 189 
LEU CB  CG   sing N N 190 
LEU CB  HB2  sing N N 191 
LEU CB  HB3  sing N N 192 
LEU CG  CD1  sing N N 193 
LEU CG  CD2  sing N N 194 
LEU CG  HG   sing N N 195 
LEU CD1 HD11 sing N N 196 
LEU CD1 HD12 sing N N 197 
LEU CD1 HD13 sing N N 198 
LEU CD2 HD21 sing N N 199 
LEU CD2 HD22 sing N N 200 
LEU CD2 HD23 sing N N 201 
LEU OXT HXT  sing N N 202 
LYS N   CA   sing N N 203 
LYS N   H    sing N N 204 
LYS N   H2   sing N N 205 
LYS CA  C    sing N N 206 
LYS CA  CB   sing N N 207 
LYS CA  HA   sing N N 208 
LYS C   O    doub N N 209 
LYS C   OXT  sing N N 210 
LYS CB  CG   sing N N 211 
LYS CB  HB2  sing N N 212 
LYS CB  HB3  sing N N 213 
LYS CG  CD   sing N N 214 
LYS CG  HG2  sing N N 215 
LYS CG  HG3  sing N N 216 
LYS CD  CE   sing N N 217 
LYS CD  HD2  sing N N 218 
LYS CD  HD3  sing N N 219 
LYS CE  NZ   sing N N 220 
LYS CE  HE2  sing N N 221 
LYS CE  HE3  sing N N 222 
LYS NZ  HZ1  sing N N 223 
LYS NZ  HZ2  sing N N 224 
LYS NZ  HZ3  sing N N 225 
LYS OXT HXT  sing N N 226 
MET N   CA   sing N N 227 
MET N   H    sing N N 228 
MET N   H2   sing N N 229 
MET CA  C    sing N N 230 
MET CA  CB   sing N N 231 
MET CA  HA   sing N N 232 
MET C   O    doub N N 233 
MET C   OXT  sing N N 234 
MET CB  CG   sing N N 235 
MET CB  HB2  sing N N 236 
MET CB  HB3  sing N N 237 
MET CG  SD   sing N N 238 
MET CG  HG2  sing N N 239 
MET CG  HG3  sing N N 240 
MET SD  CE   sing N N 241 
MET CE  HE1  sing N N 242 
MET CE  HE2  sing N N 243 
MET CE  HE3  sing N N 244 
MET OXT HXT  sing N N 245 
PHE N   CA   sing N N 246 
PHE N   H    sing N N 247 
PHE N   H2   sing N N 248 
PHE CA  C    sing N N 249 
PHE CA  CB   sing N N 250 
PHE CA  HA   sing N N 251 
PHE C   O    doub N N 252 
PHE C   OXT  sing N N 253 
PHE CB  CG   sing N N 254 
PHE CB  HB2  sing N N 255 
PHE CB  HB3  sing N N 256 
PHE CG  CD1  doub Y N 257 
PHE CG  CD2  sing Y N 258 
PHE CD1 CE1  sing Y N 259 
PHE CD1 HD1  sing N N 260 
PHE CD2 CE2  doub Y N 261 
PHE CD2 HD2  sing N N 262 
PHE CE1 CZ   doub Y N 263 
PHE CE1 HE1  sing N N 264 
PHE CE2 CZ   sing Y N 265 
PHE CE2 HE2  sing N N 266 
PHE CZ  HZ   sing N N 267 
PHE OXT HXT  sing N N 268 
PRO N   CA   sing N N 269 
PRO N   CD   sing N N 270 
PRO N   H    sing N N 271 
PRO CA  C    sing N N 272 
PRO CA  CB   sing N N 273 
PRO CA  HA   sing N N 274 
PRO C   O    doub N N 275 
PRO C   OXT  sing N N 276 
PRO CB  CG   sing N N 277 
PRO CB  HB2  sing N N 278 
PRO CB  HB3  sing N N 279 
PRO CG  CD   sing N N 280 
PRO CG  HG2  sing N N 281 
PRO CG  HG3  sing N N 282 
PRO CD  HD2  sing N N 283 
PRO CD  HD3  sing N N 284 
PRO OXT HXT  sing N N 285 
RJD C06 C05  sing N N 286 
RJD C13 C05  sing N N 287 
RJD C13 N14  sing N N 288 
RJD C05 C07  sing N N 289 
RJD C05 N04  sing N N 290 
RJD O08 C07  doub N N 291 
RJD C07 N09  sing N N 292 
RJD N09 C10  sing N N 293 
RJD N04 C03  sing N N 294 
RJD C10 C12  sing N N 295 
RJD C10 C11  sing N N 296 
RJD C12 C11  sing N N 297 
RJD N14 C15  sing N N 298 
RJD N14 C02  sing N N 299 
RJD O16 C15  doub N N 300 
RJD C01 C02  sing N N 301 
RJD C03 C02  sing N N 302 
RJD C15 N17  sing N N 303 
RJD N17 C18  sing N N 304 
RJD C18 C19  sing N N 305 
RJD C19 C20  sing N N 306 
RJD C19 C21  sing N N 307 
RJD C20 C21  sing N N 308 
RJD C10 H1   sing N N 309 
RJD C13 H2   sing N N 310 
RJD C13 H3   sing N N 311 
RJD C20 H4   sing N N 312 
RJD C20 H5   sing N N 313 
RJD C21 H6   sing N N 314 
RJD C21 H7   sing N N 315 
RJD C01 H8   sing N N 316 
RJD C01 H9   sing N N 317 
RJD C01 H10  sing N N 318 
RJD C02 H11  sing N N 319 
RJD C03 H12  sing N N 320 
RJD C03 H13  sing N N 321 
RJD C06 H14  sing N N 322 
RJD C06 H15  sing N N 323 
RJD C06 H16  sing N N 324 
RJD C11 H17  sing N N 325 
RJD C11 H18  sing N N 326 
RJD C12 H19  sing N N 327 
RJD C12 H20  sing N N 328 
RJD C18 H21  sing N N 329 
RJD C18 H22  sing N N 330 
RJD C19 H23  sing N N 331 
RJD N04 H24  sing N N 332 
RJD N09 H26  sing N N 333 
RJD N17 H27  sing N N 334 
SER N   CA   sing N N 335 
SER N   H    sing N N 336 
SER N   H2   sing N N 337 
SER CA  C    sing N N 338 
SER CA  CB   sing N N 339 
SER CA  HA   sing N N 340 
SER C   O    doub N N 341 
SER C   OXT  sing N N 342 
SER CB  OG   sing N N 343 
SER CB  HB2  sing N N 344 
SER CB  HB3  sing N N 345 
SER OG  HG   sing N N 346 
SER OXT HXT  sing N N 347 
SO4 S   O1   doub N N 348 
SO4 S   O2   doub N N 349 
SO4 S   O3   sing N N 350 
SO4 S   O4   sing N N 351 
THR N   CA   sing N N 352 
THR N   H    sing N N 353 
THR N   H2   sing N N 354 
THR CA  C    sing N N 355 
THR CA  CB   sing N N 356 
THR CA  HA   sing N N 357 
THR C   O    doub N N 358 
THR C   OXT  sing N N 359 
THR CB  OG1  sing N N 360 
THR CB  CG2  sing N N 361 
THR CB  HB   sing N N 362 
THR OG1 HG1  sing N N 363 
THR CG2 HG21 sing N N 364 
THR CG2 HG22 sing N N 365 
THR CG2 HG23 sing N N 366 
THR OXT HXT  sing N N 367 
TYR N   CA   sing N N 368 
TYR N   H    sing N N 369 
TYR N   H2   sing N N 370 
TYR CA  C    sing N N 371 
TYR CA  CB   sing N N 372 
TYR CA  HA   sing N N 373 
TYR C   O    doub N N 374 
TYR C   OXT  sing N N 375 
TYR CB  CG   sing N N 376 
TYR CB  HB2  sing N N 377 
TYR CB  HB3  sing N N 378 
TYR CG  CD1  doub Y N 379 
TYR CG  CD2  sing Y N 380 
TYR CD1 CE1  sing Y N 381 
TYR CD1 HD1  sing N N 382 
TYR CD2 CE2  doub Y N 383 
TYR CD2 HD2  sing N N 384 
TYR CE1 CZ   doub Y N 385 
TYR CE1 HE1  sing N N 386 
TYR CE2 CZ   sing Y N 387 
TYR CE2 HE2  sing N N 388 
TYR CZ  OH   sing N N 389 
TYR OH  HH   sing N N 390 
TYR OXT HXT  sing N N 391 
VAL N   CA   sing N N 392 
VAL N   H    sing N N 393 
VAL N   H2   sing N N 394 
VAL CA  C    sing N N 395 
VAL CA  CB   sing N N 396 
VAL CA  HA   sing N N 397 
VAL C   O    doub N N 398 
VAL C   OXT  sing N N 399 
VAL CB  CG1  sing N N 400 
VAL CB  CG2  sing N N 401 
VAL CB  HB   sing N N 402 
VAL CG1 HG11 sing N N 403 
VAL CG1 HG12 sing N N 404 
VAL CG1 HG13 sing N N 405 
VAL CG2 HG21 sing N N 406 
VAL CG2 HG22 sing N N 407 
VAL CG2 HG23 sing N N 408 
VAL OXT HXT  sing N N 409 
# 
_pdbx_deposit_group.group_id            G_1002118 
_pdbx_deposit_group.group_description   
;Bromodomain of human ATAD2 screened against the Leeds 3D Fragment Library by X-ray Crystallography at the XChem
facility of Diamond Light Source beamline I04-1
;
_pdbx_deposit_group.group_title         'PanDDA analysis group deposition - Bromodomain of human ATAD2 fragment screening' 
_pdbx_deposit_group.group_type          'changed state' 
# 
_pdbx_entity_instance_feature.ordinal        1 
_pdbx_entity_instance_feature.comp_id        RJD 
_pdbx_entity_instance_feature.asym_id        ? 
_pdbx_entity_instance_feature.seq_num        ? 
_pdbx_entity_instance_feature.auth_comp_id   RJD 
_pdbx_entity_instance_feature.auth_asym_id   ? 
_pdbx_entity_instance_feature.auth_seq_num   ? 
_pdbx_entity_instance_feature.feature_type   'SUBJECT OF INVESTIGATION' 
_pdbx_entity_instance_feature.details        ? 
# 
_atom_sites.entry_id                    5QXU 
_atom_sites.fract_transf_matrix[1][1]   -0.01086203 
_atom_sites.fract_transf_matrix[1][2]   0.00569305 
_atom_sites.fract_transf_matrix[1][3]   -0.00738167 
_atom_sites.fract_transf_matrix[2][1]   0.00114174 
_atom_sites.fract_transf_matrix[2][2]   0.01322338 
_atom_sites.fract_transf_matrix[2][3]   -0.00535997 
_atom_sites.fract_transf_matrix[3][1]   0.00269312 
_atom_sites.fract_transf_matrix[3][2]   -0.00267514 
_atom_sites.fract_transf_matrix[3][3]   -0.00602607 
_atom_sites.fract_transf_vector[1]      0.445238 
_atom_sites.fract_transf_vector[2]      0.601329 
_atom_sites.fract_transf_vector[3]      -0.025490 
# 
loop_
_atom_type.symbol 
C 
N 
O 
S 
# 
loop_
_atom_site.group_PDB 
_atom_site.id 
_atom_site.type_symbol 
_atom_site.label_atom_id 
_atom_site.label_alt_id 
_atom_site.label_comp_id 
_atom_site.label_asym_id 
_atom_site.label_entity_id 
_atom_site.label_seq_id 
_atom_site.pdbx_PDB_ins_code 
_atom_site.Cartn_x 
_atom_site.Cartn_y 
_atom_site.Cartn_z 
_atom_site.occupancy 
_atom_site.B_iso_or_equiv 
_atom_site.pdbx_formal_charge 
_atom_site.auth_seq_id 
_atom_site.auth_comp_id 
_atom_site.auth_asym_id 
_atom_site.auth_atom_id 
_atom_site.pdbx_PDB_model_num 
ATOM   1    N N   . SER A 1 1   ? 26.214  3.463   1.891   1.00 35.16 ? 979  SER A N   1 
ATOM   2    C CA  . SER A 1 1   ? 27.089  3.097   0.752   1.00 41.38 ? 979  SER A CA  1 
ATOM   3    C C   . SER A 1 1   ? 26.284  3.148   -0.562  1.00 46.46 ? 979  SER A C   1 
ATOM   4    O O   . SER A 1 1   ? 25.005  3.275   -0.529  1.00 38.52 ? 979  SER A O   1 
ATOM   5    C CB  . SER A 1 1   ? 27.667  1.728   0.970   1.00 46.63 ? 979  SER A CB  1 
ATOM   6    O OG  . SER A 1 1   ? 26.660  0.716   0.811   1.00 43.49 ? 979  SER A OG  1 
ATOM   7    N N   . MET A 1 2   ? 26.983  3.087   -1.699  0.51 44.10 ? 980  MET A N   1 
ATOM   8    C CA  . MET A 1 2   ? 26.366  3.092   -3.054  0.51 44.92 ? 980  MET A CA  1 
ATOM   9    C C   . MET A 1 2   ? 25.576  1.792   -3.245  0.51 39.70 ? 980  MET A C   1 
ATOM   10   O O   . MET A 1 2   ? 24.479  1.846   -3.827  0.51 37.49 ? 980  MET A O   1 
ATOM   11   C CB  . MET A 1 2   ? 27.421  3.202   -4.160  0.51 48.59 ? 980  MET A CB  1 
ATOM   12   C CG  . MET A 1 2   ? 26.874  2.903   -5.549  0.51 51.70 ? 980  MET A CG  1 
ATOM   13   S SD  . MET A 1 2   ? 26.088  4.338   -6.339  0.51 59.86 ? 980  MET A SD  1 
ATOM   14   C CE  . MET A 1 2   ? 24.468  4.327   -5.573  0.51 57.69 ? 980  MET A CE  1 
ATOM   15   N N   . GLN A 1 3   ? 26.128  0.669   -2.783  0.51 36.59 ? 981  GLN A N   1 
ATOM   16   C CA  . GLN A 1 3   ? 25.449  -0.652  -2.790  0.51 35.76 ? 981  GLN A CA  1 
ATOM   17   C C   . GLN A 1 3   ? 24.086  -0.504  -2.102  0.51 33.09 ? 981  GLN A C   1 
ATOM   18   O O   . GLN A 1 3   ? 23.075  -0.951  -2.685  0.51 30.64 ? 981  GLN A O   1 
ATOM   19   C CB  . GLN A 1 3   ? 26.312  -1.702  -2.087  0.51 37.81 ? 981  GLN A CB  1 
ATOM   20   C CG  . GLN A 1 3   ? 27.773  -1.662  -2.519  0.51 41.08 ? 981  GLN A CG  1 
ATOM   21   C CD  . GLN A 1 3   ? 28.601  -0.697  -1.703  0.51 40.29 ? 981  GLN A CD  1 
ATOM   22   O OE1 . GLN A 1 3   ? 28.942  0.399   -2.151  0.51 40.69 ? 981  GLN A OE1 1 
ATOM   23   N NE2 . GLN A 1 3   ? 28.931  -1.102  -0.487  0.51 43.33 ? 981  GLN A NE2 1 
ATOM   24   N N   . GLU A 1 4   ? 24.065  0.119   -0.920  1.00 29.80 ? 982  GLU A N   1 
ATOM   25   C CA  . GLU A 1 4   ? 22.806  0.312   -0.135  1.00 28.37 ? 982  GLU A CA  1 
ATOM   26   C C   . GLU A 1 4   ? 21.801  1.163   -0.941  1.00 23.85 ? 982  GLU A C   1 
ATOM   27   O O   . GLU A 1 4   ? 20.577  0.806   -0.957  1.00 21.45 ? 982  GLU A O   1 
ATOM   28   C CB  . GLU A 1 4   ? 23.102  0.876   1.261   1.00 26.81 ? 982  GLU A CB  1 
ATOM   29   C CG  . GLU A 1 4   ? 23.786  -0.156  2.161   1.00 28.29 ? 982  GLU A CG  1 
ATOM   30   C CD  . GLU A 1 4   ? 24.277  0.363   3.509   1.00 36.19 ? 982  GLU A CD  1 
ATOM   31   O OE1 . GLU A 1 4   ? 24.365  1.596   3.625   1.00 35.07 ? 982  GLU A OE1 1 
ATOM   32   O OE2 . GLU A 1 4   ? 24.530  -0.478  4.482   1.00 31.37 ? 982  GLU A OE2 1 
ATOM   33   N N   . GLU A 1 5   ? 22.236  2.255   -1.570  1.00 23.83 ? 983  GLU A N   1 
ATOM   34   C CA  . GLU A 1 5   ? 21.326  3.120   -2.368  1.00 25.94 ? 983  GLU A CA  1 
ATOM   35   C C   . GLU A 1 5   ? 20.806  2.335   -3.593  1.00 24.18 ? 983  GLU A C   1 
ATOM   36   O O   . GLU A 1 5   ? 19.607  2.514   -3.930  1.00 21.98 ? 983  GLU A O   1 
ATOM   37   C CB  . GLU A 1 5   ? 22.007  4.420   -2.803  1.00 31.79 ? 983  GLU A CB  1 
ATOM   38   C CG  . GLU A 1 5   ? 22.325  5.345   -1.617  1.00 38.24 ? 983  GLU A CG  1 
ATOM   39   C CD  . GLU A 1 5   ? 21.204  5.583   -0.604  1.00 47.26 ? 983  GLU A CD  1 
ATOM   40   O OE1 . GLU A 1 5   ? 20.102  5.983   -1.057  1.00 52.19 ? 983  GLU A OE1 1 
ATOM   41   O OE2 . GLU A 1 5   ? 21.399  5.310   0.642   1.00 52.86 ? 983  GLU A OE2 1 
ATOM   42   N N   . ASP A 1 6   ? 21.605  1.436   -4.157  1.00 21.97 ? 984  ASP A N   1 
ATOM   43   C CA  . ASP A 1 6   ? 21.177  0.519   -5.249  1.00 22.38 ? 984  ASP A CA  1 
ATOM   44   C C   . ASP A 1 6   ? 20.073  -0.455  -4.748  1.00 21.00 ? 984  ASP A C   1 
ATOM   45   O O   . ASP A 1 6   ? 19.076  -0.699  -5.526  1.00 19.88 ? 984  ASP A O   1 
ATOM   46   C CB  . ASP A 1 6   ? 22.341  -0.265  -5.862  1.00 26.38 ? 984  ASP A CB  1 
ATOM   47   C CG  . ASP A 1 6   ? 23.297  0.526   -6.767  1.00 33.64 ? 984  ASP A CG  1 
ATOM   48   O OD1 . ASP A 1 6   ? 22.957  1.654   -7.192  1.00 36.29 ? 984  ASP A OD1 1 
ATOM   49   O OD2 . ASP A 1 6   ? 24.389  -0.014  -7.003  1.00 45.26 ? 984  ASP A OD2 1 
ATOM   50   N N   . THR A 1 7   ? 20.213  -0.971  -3.519  1.00 19.26 ? 985  THR A N   1 
ATOM   51   C CA  . THR A 1 7   ? 19.195  -1.848  -2.879  1.00 18.08 ? 985  THR A CA  1 
ATOM   52   C C   . THR A 1 7   ? 17.885  -1.064  -2.812  1.00 19.38 ? 985  THR A C   1 
ATOM   53   O O   . THR A 1 7   ? 16.831  -1.630  -3.250  1.00 17.18 ? 985  THR A O   1 
ATOM   54   C CB  . THR A 1 7   ? 19.673  -2.428  -1.542  1.00 19.37 ? 985  THR A CB  1 
ATOM   55   O OG1 . THR A 1 7   ? 20.930  -3.128  -1.755  1.00 22.21 ? 985  THR A OG1 1 
ATOM   56   C CG2 . THR A 1 7   ? 18.612  -3.279  -0.885  1.00 20.63 ? 985  THR A CG2 1 
ATOM   57   N N   . PHE A 1 8   ? 17.894  0.145   -2.237  1.00 18.41 ? 986  PHE A N   1 
ATOM   58   C CA  . PHE A 1 8   ? 16.618  0.898   -2.084  1.00 18.23 ? 986  PHE A CA  1 
ATOM   59   C C   . PHE A 1 8   ? 15.985  1.250   -3.446  1.00 17.53 ? 986  PHE A C   1 
ATOM   60   O O   . PHE A 1 8   ? 14.743  1.287   -3.536  1.00 18.26 ? 986  PHE A O   1 
ATOM   61   C CB  . PHE A 1 8   ? 16.718  2.102   -1.126  1.00 17.70 ? 986  PHE A CB  1 
ATOM   62   C CG  . PHE A 1 8   ? 17.003  1.747   0.311   1.00 18.59 ? 986  PHE A CG  1 
ATOM   63   C CD1 . PHE A 1 8   ? 16.247  0.812   0.995   1.00 20.53 ? 986  PHE A CD1 1 
ATOM   64   C CD2 . PHE A 1 8   ? 18.042  2.362   0.988   1.00 20.57 ? 986  PHE A CD2 1 
ATOM   65   C CE1 . PHE A 1 8   ? 16.549  0.434   2.305   1.00 24.52 ? 986  PHE A CE1 1 
ATOM   66   C CE2 . PHE A 1 8   ? 18.318  2.030   2.313   1.00 22.38 ? 986  PHE A CE2 1 
ATOM   67   C CZ  . PHE A 1 8   ? 17.559  1.103   2.989   1.00 22.93 ? 986  PHE A CZ  1 
ATOM   68   N N   A ARG A 1 9   ? 16.796  1.512   -4.483  0.23 18.57 ? 987  ARG A N   1 
ATOM   69   N N   B ARG A 1 9   ? 16.802  1.544   -4.463  0.23 17.97 ? 987  ARG A N   1 
ATOM   70   N N   C ARG A 1 9   ? 16.789  1.490   -4.490  0.04 17.04 ? 987  ARG A N   1 
ATOM   71   C CA  A ARG A 1 9   ? 16.304  1.825   -5.857  0.23 19.68 ? 987  ARG A CA  1 
ATOM   72   C CA  B ARG A 1 9   ? 16.296  1.806   -5.833  0.23 18.69 ? 987  ARG A CA  1 
ATOM   73   C CA  C ARG A 1 9   ? 16.268  1.822   -5.848  0.04 16.63 ? 987  ARG A CA  1 
ATOM   74   C C   A ARG A 1 9   ? 15.600  0.585   -6.453  0.23 17.52 ? 987  ARG A C   1 
ATOM   75   C C   B ARG A 1 9   ? 15.532  0.570   -6.336  0.23 17.11 ? 987  ARG A C   1 
ATOM   76   C C   C ARG A 1 9   ? 15.591  0.583   -6.457  0.04 16.40 ? 987  ARG A C   1 
ATOM   77   O O   A ARG A 1 9   ? 14.557  0.755   -7.122  0.23 16.36 ? 987  ARG A O   1 
ATOM   78   O O   B ARG A 1 9   ? 14.379  0.738   -6.798  0.23 16.26 ? 987  ARG A O   1 
ATOM   79   O O   C ARG A 1 9   ? 14.564  0.763   -7.143  0.04 16.20 ? 987  ARG A O   1 
ATOM   80   C CB  A ARG A 1 9   ? 17.455  2.331   -6.734  0.23 22.23 ? 987  ARG A CB  1 
ATOM   81   C CB  B ARG A 1 9   ? 17.428  2.153   -6.794  0.23 20.22 ? 987  ARG A CB  1 
ATOM   82   C CB  C ARG A 1 9   ? 17.365  2.367   -6.767  0.04 16.37 ? 987  ARG A CB  1 
ATOM   83   C CG  A ARG A 1 9   ? 17.025  3.225   -7.889  0.23 24.88 ? 987  ARG A CG  1 
ATOM   84   C CG  B ARG A 1 9   ? 16.932  2.469   -8.192  0.23 21.36 ? 987  ARG A CG  1 
ATOM   85   C CG  C ARG A 1 9   ? 16.836  3.076   -8.007  0.04 16.14 ? 987  ARG A CG  1 
ATOM   86   C CD  A ARG A 1 9   ? 18.218  3.829   -8.627  0.23 26.56 ? 987  ARG A CD  1 
ATOM   87   C CD  B ARG A 1 9   ? 17.871  3.438   -8.866  0.23 22.71 ? 987  ARG A CD  1 
ATOM   88   C CD  C ARG A 1 9   ? 17.743  4.223   -8.410  0.04 15.85 ? 987  ARG A CD  1 
ATOM   89   N NE  A ARG A 1 9   ? 19.060  4.669   -7.784  0.23 30.90 ? 987  ARG A NE  1 
ATOM   90   N NE  B ARG A 1 9   ? 17.284  3.966   -10.073 0.23 22.92 ? 987  ARG A NE  1 
ATOM   91   N NE  C ARG A 1 9   ? 17.513  4.831   -9.717  0.04 15.63 ? 987  ARG A NE  1 
ATOM   92   C CZ  A ARG A 1 9   ? 20.291  4.360   -7.365  0.23 26.93 ? 987  ARG A CZ  1 
ATOM   93   C CZ  B ARG A 1 9   ? 17.400  3.418   -11.287 0.23 21.95 ? 987  ARG A CZ  1 
ATOM   94   C CZ  C ARG A 1 9   ? 16.879  4.278   -10.752 0.04 15.56 ? 987  ARG A CZ  1 
ATOM   95   N NH1 A ARG A 1 9   ? 20.863  3.227   -7.720  0.23 26.85 ? 987  ARG A NH1 1 
ATOM   96   N NH1 B ARG A 1 9   ? 16.820  4.044   -12.294 0.23 25.22 ? 987  ARG A NH1 1 
ATOM   97   N NH1 C ARG A 1 9   ? 16.777  4.958   -11.882 0.04 14.87 ? 987  ARG A NH1 1 
ATOM   98   N NH2 A ARG A 1 9   ? 20.945  5.202   -6.596  0.23 25.99 ? 987  ARG A NH2 1 
ATOM   99   N NH2 B ARG A 1 9   ? 18.049  2.273   -11.488 0.23 20.52 ? 987  ARG A NH2 1 
ATOM   100  N NH2 C ARG A 1 9   ? 16.337  3.075   -10.663 0.04 15.43 ? 987  ARG A NH2 1 
ATOM   101  N N   . GLU A 1 10  ? 16.138  -0.617  -6.225  1.00 16.24 ? 988  GLU A N   1 
ATOM   102  C CA  . GLU A 1 10  ? 15.483  -1.884  -6.672  1.00 16.21 ? 988  GLU A CA  1 
ATOM   103  C C   . GLU A 1 10  ? 14.146  -2.027  -5.906  1.00 15.23 ? 988  GLU A C   1 
ATOM   104  O O   . GLU A 1 10  ? 13.117  -2.423  -6.525  1.00 14.92 ? 988  GLU A O   1 
ATOM   105  C CB  . GLU A 1 10  ? 16.406  -3.102  -6.500  1.00 16.32 ? 988  GLU A CB  1 
ATOM   106  C CG  . GLU A 1 10  ? 15.730  -4.388  -6.898  1.00 18.10 ? 988  GLU A CG  1 
ATOM   107  C CD  . GLU A 1 10  ? 16.594  -5.590  -7.210  1.00 22.52 ? 988  GLU A CD  1 
ATOM   108  O OE1 . GLU A 1 10  ? 15.998  -6.728  -7.378  1.00 20.54 ? 988  GLU A OE1 1 
ATOM   109  O OE2 . GLU A 1 10  ? 17.837  -5.406  -7.165  1.00 21.59 ? 988  GLU A OE2 1 
ATOM   110  N N   . LEU A 1 11  ? 14.136  -1.757  -4.597  1.00 15.43 ? 989  LEU A N   1 
ATOM   111  C CA  . LEU A 1 11  ? 12.882  -1.839  -3.799  1.00 15.24 ? 989  LEU A CA  1 
ATOM   112  C C   . LEU A 1 11  ? 11.828  -0.915  -4.417  1.00 15.42 ? 989  LEU A C   1 
ATOM   113  O O   . LEU A 1 11  ? 10.665  -1.398  -4.630  1.00 14.14 ? 989  LEU A O   1 
ATOM   114  C CB  . LEU A 1 11  ? 13.121  -1.470  -2.341  1.00 15.97 ? 989  LEU A CB  1 
ATOM   115  C CG  . LEU A 1 11  ? 11.859  -1.387  -1.487  1.00 14.89 ? 989  LEU A CG  1 
ATOM   116  C CD1 . LEU A 1 11  ? 11.184  -2.740  -1.311  1.00 17.64 ? 989  LEU A CD1 1 
ATOM   117  C CD2 . LEU A 1 11  ? 12.178  -0.773  -0.132  1.00 21.29 ? 989  LEU A CD2 1 
ATOM   118  N N   . ARG A 1 12  ? 12.160  0.350   -4.727  1.00 14.58 ? 990  ARG A N   1 
ATOM   119  C CA  . ARG A 1 12  ? 11.181  1.276   -5.346  1.00 14.28 ? 990  ARG A CA  1 
ATOM   120  C C   . ARG A 1 12  ? 10.639  0.766   -6.685  1.00 14.29 ? 990  ARG A C   1 
ATOM   121  O O   . ARG A 1 12  ? 9.411   0.874   -6.922  1.00 14.48 ? 990  ARG A O   1 
ATOM   122  C CB  . ARG A 1 12  ? 11.751  2.710   -5.435  1.00 14.73 ? 990  ARG A CB  1 
ATOM   123  C CG  . ARG A 1 12  ? 12.026  3.326   -4.077  1.00 15.81 ? 990  ARG A CG  1 
ATOM   124  C CD  . ARG A 1 12  ? 12.422  4.801   -4.138  1.00 16.85 ? 990  ARG A CD  1 
ATOM   125  N NE  . ARG A 1 12  ? 13.627  5.070   -4.923  1.00 18.46 ? 990  ARG A NE  1 
ATOM   126  C CZ  . ARG A 1 12  ? 14.878  5.141   -4.425  1.00 18.67 ? 990  ARG A CZ  1 
ATOM   127  N NH1 . ARG A 1 12  ? 15.893  5.442   -5.227  1.00 22.39 ? 990  ARG A NH1 1 
ATOM   128  N NH2 . ARG A 1 12  ? 15.123  4.918   -3.166  1.00 18.80 ? 990  ARG A NH2 1 
ATOM   129  N N   . ILE A 1 13  ? 11.499  0.231   -7.558  1.00 14.69 ? 991  ILE A N   1 
ATOM   130  C CA  . ILE A 1 13  ? 11.077  -0.334  -8.867  1.00 14.56 ? 991  ILE A CA  1 
ATOM   131  C C   . ILE A 1 13  ? 10.067  -1.467  -8.619  1.00 14.79 ? 991  ILE A C   1 
ATOM   132  O O   . ILE A 1 13  ? 8.998   -1.487  -9.265  1.00 14.95 ? 991  ILE A O   1 
ATOM   133  C CB  . ILE A 1 13  ? 12.276  -0.757  -9.718  1.00 17.10 ? 991  ILE A CB  1 
ATOM   134  C CG1 . ILE A 1 13  ? 13.124  0.474   -10.101 1.00 20.49 ? 991  ILE A CG1 1 
ATOM   135  C CG2 . ILE A 1 13  ? 11.819  -1.555  -10.915 1.00 18.74 ? 991  ILE A CG2 1 
ATOM   136  C CD1 . ILE A 1 13  ? 14.519  0.104   -10.525 1.00 22.27 ? 991  ILE A CD1 1 
ATOM   137  N N   . PHE A 1 14  ? 10.355  -2.382  -7.704  1.00 14.11 ? 992  PHE A N   1 
ATOM   138  C CA  . PHE A 1 14  ? 9.466   -3.530  -7.354  1.00 15.23 ? 992  PHE A CA  1 
ATOM   139  C C   . PHE A 1 14  ? 8.124   -2.960  -6.842  1.00 15.00 ? 992  PHE A C   1 
ATOM   140  O O   . PHE A 1 14  ? 7.048   -3.430  -7.326  1.00 14.45 ? 992  PHE A O   1 
ATOM   141  C CB  . PHE A 1 14  ? 10.166  -4.436  -6.324  1.00 16.09 ? 992  PHE A CB  1 
ATOM   142  C CG  . PHE A 1 14  ? 9.292   -5.550  -5.767  1.00 15.88 ? 992  PHE A CG  1 
ATOM   143  C CD1 . PHE A 1 14  ? 8.984   -6.636  -6.583  1.00 18.76 ? 992  PHE A CD1 1 
ATOM   144  C CD2 . PHE A 1 14  ? 8.772   -5.482  -4.483  1.00 18.35 ? 992  PHE A CD2 1 
ATOM   145  C CE1 . PHE A 1 14  ? 8.128   -7.648  -6.129  1.00 20.08 ? 992  PHE A CE1 1 
ATOM   146  C CE2 . PHE A 1 14  ? 7.944   -6.509  -4.027  1.00 19.56 ? 992  PHE A CE2 1 
ATOM   147  C CZ  . PHE A 1 14  ? 7.625   -7.563  -4.861  1.00 17.45 ? 992  PHE A CZ  1 
ATOM   148  N N   . LEU A 1 15  ? 8.120   -1.970  -5.925  1.00 15.14 ? 993  LEU A N   1 
ATOM   149  C CA  . LEU A 1 15  ? 6.850   -1.434  -5.334  1.00 15.18 ? 993  LEU A CA  1 
ATOM   150  C C   . LEU A 1 15  ? 6.012   -0.717  -6.384  1.00 14.81 ? 993  LEU A C   1 
ATOM   151  O O   . LEU A 1 15  ? 4.747   -0.835  -6.378  1.00 16.02 ? 993  LEU A O   1 
ATOM   152  C CB  . LEU A 1 15  ? 7.181   -0.532  -4.127  1.00 15.58 ? 993  LEU A CB  1 
ATOM   153  C CG  . LEU A 1 15  ? 7.849   -1.255  -2.954  1.00 15.99 ? 993  LEU A CG  1 
ATOM   154  C CD1 . LEU A 1 15  ? 8.115   -0.278  -1.806  1.00 16.64 ? 993  LEU A CD1 1 
ATOM   155  C CD2 . LEU A 1 15  ? 7.032   -2.453  -2.431  1.00 16.88 ? 993  LEU A CD2 1 
ATOM   156  N N   . ARG A 1 16  ? 6.635   0.077   -7.263  1.00 15.61 ? 994  ARG A N   1 
ATOM   157  C CA  . ARG A 1 16  ? 5.886   0.749   -8.347  1.00 14.35 ? 994  ARG A CA  1 
ATOM   158  C C   . ARG A 1 16  ? 5.182   -0.277  -9.241  1.00 16.97 ? 994  ARG A C   1 
ATOM   159  O O   . ARG A 1 16  ? 4.014   -0.034  -9.665  1.00 15.05 ? 994  ARG A O   1 
ATOM   160  C CB  . ARG A 1 16  ? 6.741   1.663   -9.263  1.00 17.49 ? 994  ARG A CB  1 
ATOM   161  C CG  . ARG A 1 16  ? 7.380   2.855   -8.585  1.00 17.48 ? 994  ARG A CG  1 
ATOM   162  C CD  . ARG A 1 16  ? 7.935   3.852   -9.635  1.00 18.21 ? 994  ARG A CD  1 
ATOM   163  N NE  . ARG A 1 16  ? 8.779   4.795   -8.929  1.00 19.26 ? 994  ARG A NE  1 
ATOM   164  C CZ  . ARG A 1 16  ? 10.062  4.646   -8.630  1.00 21.99 ? 994  ARG A CZ  1 
ATOM   165  N NH1 . ARG A 1 16  ? 10.832  3.697   -9.151  1.00 20.35 ? 994  ARG A NH1 1 
ATOM   166  N NH2 . ARG A 1 16  ? 10.619  5.581   -7.867  1.00 24.61 ? 994  ARG A NH2 1 
ATOM   167  N N   . ASN A 1 17  ? 5.827   -1.411  -9.562  1.00 14.92 ? 995  ASN A N   1 
ATOM   168  C CA  . ASN A 1 17  ? 5.261   -2.429  -10.457 1.00 15.30 ? 995  ASN A CA  1 
ATOM   169  C C   . ASN A 1 17  ? 4.064   -3.127  -9.773  1.00 14.64 ? 995  ASN A C   1 
ATOM   170  O O   . ASN A 1 17  ? 3.000   -3.277  -10.434 1.00 14.64 ? 995  ASN A O   1 
ATOM   171  C CB  . ASN A 1 17  ? 6.336   -3.392  -10.923 1.00 15.65 ? 995  ASN A CB  1 
ATOM   172  C CG  . ASN A 1 17  ? 5.707   -4.516  -11.727 1.00 20.41 ? 995  ASN A CG  1 
ATOM   173  O OD1 . ASN A 1 17  ? 5.514   -5.565  -11.179 1.00 20.30 ? 995  ASN A OD1 1 
ATOM   174  N ND2 . ASN A 1 17  ? 5.460   -4.274  -13.005 1.00 23.38 ? 995  ASN A ND2 1 
ATOM   175  N N   . VAL A 1 18  ? 4.192   -3.544  -8.530  1.00 15.63 ? 996  VAL A N   1 
ATOM   176  C CA  . VAL A 1 18  ? 3.044   -4.136  -7.775  1.00 15.55 ? 996  VAL A CA  1 
ATOM   177  C C   . VAL A 1 18  ? 1.876   -3.129  -7.716  1.00 16.26 ? 996  VAL A C   1 
ATOM   178  O O   . VAL A 1 18  ? 0.701   -3.482  -8.041  1.00 14.97 ? 996  VAL A O   1 
ATOM   179  C CB  . VAL A 1 18  ? 3.441   -4.532  -6.359  1.00 16.13 ? 996  VAL A CB  1 
ATOM   180  C CG1 . VAL A 1 18  ? 2.239   -5.029  -5.547  1.00 17.95 ? 996  VAL A CG1 1 
ATOM   181  C CG2 . VAL A 1 18  ? 4.555   -5.569  -6.352  1.00 17.10 ? 996  VAL A CG2 1 
ATOM   182  N N   . THR A 1 19  ? 2.153   -1.878  -7.373  1.00 15.01 ? 997  THR A N   1 
ATOM   183  C CA  . THR A 1 19  ? 1.072   -0.855  -7.216  1.00 15.22 ? 997  THR A CA  1 
ATOM   184  C C   . THR A 1 19  ? 0.366   -0.617  -8.561  1.00 17.37 ? 997  THR A C   1 
ATOM   185  O O   . THR A 1 19  ? -0.929  -0.470  -8.601  1.00 15.96 ? 997  THR A O   1 
ATOM   186  C CB  . THR A 1 19  ? 1.634   0.432   -6.606  1.00 14.38 ? 997  THR A CB  1 
ATOM   187  O OG1 . THR A 1 19  ? 2.387   0.118   -5.432  1.00 15.35 ? 997  THR A OG1 1 
ATOM   188  C CG2 . THR A 1 19  ? 0.539   1.391   -6.226  1.00 16.48 ? 997  THR A CG2 1 
ATOM   189  N N   . HIS A 1 20  ? 1.117   -0.486  -9.667  1.00 15.79 ? 998  HIS A N   1 
ATOM   190  C CA  . HIS A 1 20  ? 0.505   -0.362  -11.019 1.00 16.31 ? 998  HIS A CA  1 
ATOM   191  C C   . HIS A 1 20  ? -0.440  -1.532  -11.309 1.00 16.16 ? 998  HIS A C   1 
ATOM   192  O O   . HIS A 1 20  ? -1.548  -1.290  -11.864 1.00 16.10 ? 998  HIS A O   1 
ATOM   193  C CB  . HIS A 1 20  ? 1.607   -0.292  -12.091 1.00 19.26 ? 998  HIS A CB  1 
ATOM   194  C CG  . HIS A 1 20  ? 1.080   -0.126  -13.470 1.00 22.45 ? 998  HIS A CG  1 
ATOM   195  N ND1 . HIS A 1 20  ? 1.170   -1.126  -14.489 1.00 31.38 ? 998  HIS A ND1 1 
ATOM   196  C CD2 . HIS A 1 20  ? 0.451   0.933   -14.035 1.00 24.35 ? 998  HIS A CD2 1 
ATOM   197  C CE1 . HIS A 1 20  ? 0.598   -0.654  -15.604 1.00 25.91 ? 998  HIS A CE1 1 
ATOM   198  N NE2 . HIS A 1 20  ? 0.159   0.609   -15.353 1.00 29.68 ? 998  HIS A NE2 1 
ATOM   199  N N   . ARG A 1 21  ? -0.027  -2.785  -11.049 1.00 15.46 ? 999  ARG A N   1 
ATOM   200  C CA  . ARG A 1 21  ? -0.908  -3.959  -11.311 1.00 16.49 ? 999  ARG A CA  1 
ATOM   201  C C   . ARG A 1 21  ? -2.217  -3.893  -10.461 1.00 17.23 ? 999  ARG A C   1 
ATOM   202  O O   . ARG A 1 21  ? -3.279  -4.336  -10.974 1.00 19.14 ? 999  ARG A O   1 
ATOM   203  C CB  . ARG A 1 21  ? -0.119  -5.253  -11.113 1.00 17.20 ? 999  ARG A CB  1 
ATOM   204  C CG  . ARG A 1 21  ? 0.929   -5.405  -12.237 1.00 19.81 ? 999  ARG A CG  1 
ATOM   205  C CD  . ARG A 1 21  ? 2.172   -6.223  -11.839 1.00 19.83 ? 999  ARG A CD  1 
ATOM   206  N NE  . ARG A 1 21  ? 1.834   -7.584  -11.552 1.00 18.48 ? 999  ARG A NE  1 
ATOM   207  C CZ  . ARG A 1 21  ? 2.663   -8.439  -11.008 1.00 17.58 ? 999  ARG A CZ  1 
ATOM   208  N NH1 . ARG A 1 21  ? 2.243   -9.669  -10.762 1.00 18.51 ? 999  ARG A NH1 1 
ATOM   209  N NH2 . ARG A 1 21  ? 3.891   -8.063  -10.664 1.00 18.63 ? 999  ARG A NH2 1 
ATOM   210  N N   . LEU A 1 22  ? -2.174  -3.374  -9.230  1.00 15.80 ? 1000 LEU A N   1 
ATOM   211  C CA  . LEU A 1 22  ? -3.411  -3.188  -8.423  1.00 15.09 ? 1000 LEU A CA  1 
ATOM   212  C C   . LEU A 1 22  ? -4.248  -2.078  -9.053  1.00 16.84 ? 1000 LEU A C   1 
ATOM   213  O O   . LEU A 1 22  ? -5.500  -2.251  -9.171  1.00 17.57 ? 1000 LEU A O   1 
ATOM   214  C CB  . LEU A 1 22  ? -3.037  -2.872  -6.971  1.00 14.22 ? 1000 LEU A CB  1 
ATOM   215  C CG  . LEU A 1 22  ? -2.239  -3.958  -6.255  1.00 16.29 ? 1000 LEU A CG  1 
ATOM   216  C CD1 . LEU A 1 22  ? -1.800  -3.420  -4.903  1.00 17.48 ? 1000 LEU A CD1 1 
ATOM   217  C CD2 . LEU A 1 22  ? -2.981  -5.280  -6.121  1.00 17.89 ? 1000 LEU A CD2 1 
ATOM   218  N N   . ALA A 1 23  ? -3.637  -0.955  -9.466  1.00 16.28 ? 1001 ALA A N   1 
ATOM   219  C CA  . ALA A 1 23  ? -4.372  0.249   -9.861  1.00 17.32 ? 1001 ALA A CA  1 
ATOM   220  C C   . ALA A 1 23  ? -5.153  0.056   -11.191 1.00 19.85 ? 1001 ALA A C   1 
ATOM   221  O O   . ALA A 1 23  ? -6.162  0.769   -11.393 1.00 19.54 ? 1001 ALA A O   1 
ATOM   222  C CB  . ALA A 1 23  ? -3.439  1.422   -9.918  1.00 18.99 ? 1001 ALA A CB  1 
ATOM   223  N N   . ILE A 1 24  ? -4.675  -0.807  -12.097 1.00 19.50 ? 1002 ILE A N   1 
ATOM   224  C CA  . ILE A 1 24  ? -5.362  -1.057  -13.394 1.00 21.22 ? 1002 ILE A CA  1 
ATOM   225  C C   . ILE A 1 24  ? -6.499  -2.093  -13.229 1.00 24.36 ? 1002 ILE A C   1 
ATOM   226  O O   . ILE A 1 24  ? -7.209  -2.339  -14.218 1.00 24.25 ? 1002 ILE A O   1 
ATOM   227  C CB  . ILE A 1 24  ? -4.348  -1.442  -14.500 1.00 21.27 ? 1002 ILE A CB  1 
ATOM   228  C CG1 . ILE A 1 24  ? -3.704  -2.807  -14.270 1.00 24.01 ? 1002 ILE A CG1 1 
ATOM   229  C CG2 . ILE A 1 24  ? -3.317  -0.326  -14.692 1.00 25.60 ? 1002 ILE A CG2 1 
ATOM   230  C CD1 . ILE A 1 24  ? -2.697  -3.238  -15.378 1.00 28.48 ? 1002 ILE A CD1 1 
ATOM   231  N N   . ASP A 1 25  ? -6.617  -2.815  -12.120 1.00 20.80 ? 1003 ASP A N   1 
ATOM   232  C CA  . ASP A 1 25  ? -7.653  -3.858  -11.927 1.00 22.10 ? 1003 ASP A CA  1 
ATOM   233  C C   . ASP A 1 25  ? -9.003  -3.159  -11.697 1.00 23.84 ? 1003 ASP A C   1 
ATOM   234  O O   . ASP A 1 25  ? -9.121  -2.321  -10.747 1.00 22.95 ? 1003 ASP A O   1 
ATOM   235  C CB  . ASP A 1 25  ? -7.291  -4.795  -10.786 1.00 21.93 ? 1003 ASP A CB  1 
ATOM   236  C CG  . ASP A 1 25  ? -8.157  -6.030  -10.646 1.00 24.13 ? 1003 ASP A CG  1 
ATOM   237  O OD1 . ASP A 1 25  ? -9.406  -5.884  -10.561 1.00 26.61 ? 1003 ASP A OD1 1 
ATOM   238  O OD2 . ASP A 1 25  ? -7.562  -7.105  -10.462 1.00 25.24 ? 1003 ASP A OD2 1 
ATOM   239  N N   . LYS A 1 26  ? -10.032 -3.449  -12.520 1.00 21.74 ? 1004 LYS A N   1 
ATOM   240  C CA  . LYS A 1 26  ? -11.322 -2.730  -12.442 1.00 22.78 ? 1004 LYS A CA  1 
ATOM   241  C C   . LYS A 1 26  ? -11.998 -2.886  -11.063 1.00 19.85 ? 1004 LYS A C   1 
ATOM   242  O O   . LYS A 1 26  ? -12.776 -1.963  -10.685 1.00 22.44 ? 1004 LYS A O   1 
ATOM   243  C CB  . LYS A 1 26  ? -12.296 -3.192  -13.569 1.00 25.74 ? 1004 LYS A CB  1 
ATOM   244  N N   . ARG A 1 27  ? -11.734 -3.952  -10.332 1.00 20.93 ? 1005 ARG A N   1 
ATOM   245  C CA  . ARG A 1 27  ? -12.351 -4.189  -8.995  1.00 20.94 ? 1005 ARG A CA  1 
ATOM   246  C C   . ARG A 1 27  ? -11.900 -3.082  -8.038  1.00 19.65 ? 1005 ARG A C   1 
ATOM   247  O O   . ARG A 1 27  ? -12.638 -2.787  -7.065  1.00 21.09 ? 1005 ARG A O   1 
ATOM   248  C CB  . ARG A 1 27  ? -11.967 -5.527  -8.379  1.00 20.83 ? 1005 ARG A CB  1 
ATOM   249  C CG  . ARG A 1 27  ? -12.566 -6.762  -9.054  1.00 25.02 ? 1005 ARG A CG  1 
ATOM   250  C CD  . ARG A 1 27  ? -11.995 -8.070  -8.541  1.00 24.05 ? 1005 ARG A CD  1 
ATOM   251  N NE  . ARG A 1 27  ? -10.556 -8.204  -8.827  1.00 25.10 ? 1005 ARG A NE  1 
ATOM   252  C CZ  . ARG A 1 27  ? -9.748  -9.116  -8.317  1.00 25.17 ? 1005 ARG A CZ  1 
ATOM   253  N NH1 . ARG A 1 27  ? -10.194 -9.989  -7.417  1.00 26.58 ? 1005 ARG A NH1 1 
ATOM   254  N NH2 . ARG A 1 27  ? -8.469  -9.124  -8.665  1.00 25.99 ? 1005 ARG A NH2 1 
ATOM   255  N N   . PHE A 1 28  ? -10.701 -2.523  -8.270  1.00 18.56 ? 1006 PHE A N   1 
ATOM   256  C CA  . PHE A 1 28  ? -10.072 -1.623  -7.265  1.00 18.51 ? 1006 PHE A CA  1 
ATOM   257  C C   . PHE A 1 28  ? -10.184 -0.137  -7.593  1.00 20.35 ? 1006 PHE A C   1 
ATOM   258  O O   . PHE A 1 28  ? -9.495  0.702   -6.911  1.00 20.31 ? 1006 PHE A O   1 
ATOM   259  C CB  . PHE A 1 28  ? -8.631  -2.073  -7.019  1.00 17.60 ? 1006 PHE A CB  1 
ATOM   260  C CG  . PHE A 1 28  ? -8.481  -3.544  -6.684  1.00 18.49 ? 1006 PHE A CG  1 
ATOM   261  C CD1 . PHE A 1 28  ? -9.438  -4.239  -5.930  1.00 18.52 ? 1006 PHE A CD1 1 
ATOM   262  C CD2 . PHE A 1 28  ? -7.402  -4.267  -7.168  1.00 16.24 ? 1006 PHE A CD2 1 
ATOM   263  C CE1 . PHE A 1 28  ? -9.278  -5.587  -5.689  1.00 18.56 ? 1006 PHE A CE1 1 
ATOM   264  C CE2 . PHE A 1 28  ? -7.225  -5.611  -6.903  1.00 17.07 ? 1006 PHE A CE2 1 
ATOM   265  C CZ  . PHE A 1 28  ? -8.162  -6.284  -6.157  1.00 18.18 ? 1006 PHE A CZ  1 
ATOM   266  N N   . ARG A 1 29  ? -11.043 0.216   -8.560  0.65 20.33 ? 1007 ARG A N   1 
ATOM   267  C CA  . ARG A 1 29  ? -11.245 1.618   -9.020  0.65 21.13 ? 1007 ARG A CA  1 
ATOM   268  C C   . ARG A 1 29  ? -11.505 2.562   -7.833  0.65 20.36 ? 1007 ARG A C   1 
ATOM   269  O O   . ARG A 1 29  ? -10.888 3.643   -7.806  0.65 21.22 ? 1007 ARG A O   1 
ATOM   270  C CB  . ARG A 1 29  ? -12.396 1.698   -10.031 0.65 24.19 ? 1007 ARG A CB  1 
ATOM   271  C CG  . ARG A 1 29  ? -12.622 3.092   -10.596 0.65 27.54 ? 1007 ARG A CG  1 
ATOM   272  C CD  . ARG A 1 29  ? -13.992 3.286   -11.240 0.65 32.06 ? 1007 ARG A CD  1 
ATOM   273  N NE  . ARG A 1 29  ? -15.078 3.452   -10.273 0.65 37.22 ? 1007 ARG A NE  1 
ATOM   274  C CZ  . ARG A 1 29  ? -15.269 4.523   -9.493  0.65 39.69 ? 1007 ARG A CZ  1 
ATOM   275  N NH1 . ARG A 1 29  ? -14.437 5.551   -9.521  0.65 43.00 ? 1007 ARG A NH1 1 
ATOM   276  N NH2 . ARG A 1 29  ? -16.296 4.553   -8.667  0.65 44.62 ? 1007 ARG A NH2 1 
ATOM   277  N N   . VAL A 1 30  ? -12.390 2.215   -6.891  0.65 19.83 ? 1008 VAL A N   1 
ATOM   278  C CA  . VAL A 1 30  ? -12.781 3.153   -5.794  0.65 19.65 ? 1008 VAL A CA  1 
ATOM   279  C C   . VAL A 1 30  ? -11.620 3.332   -4.796  0.65 18.76 ? 1008 VAL A C   1 
ATOM   280  O O   . VAL A 1 30  ? -11.786 4.161   -3.883  0.65 19.02 ? 1008 VAL A O   1 
ATOM   281  C CB  . VAL A 1 30  ? -14.083 2.749   -5.068  0.65 19.97 ? 1008 VAL A CB  1 
ATOM   282  C CG1 . VAL A 1 30  ? -15.271 2.623   -6.018  0.65 20.17 ? 1008 VAL A CG1 1 
ATOM   283  C CG2 . VAL A 1 30  ? -13.935 1.497   -4.217  0.65 20.13 ? 1008 VAL A CG2 1 
ATOM   284  N N   . PHE A 1 31  ? -10.501 2.601   -4.935  1.00 19.22 ? 1009 PHE A N   1 
ATOM   285  C CA  . PHE A 1 31  ? -9.295  2.824   -4.075  1.00 17.81 ? 1009 PHE A CA  1 
ATOM   286  C C   . PHE A 1 31  ? -8.130  3.553   -4.788  1.00 19.16 ? 1009 PHE A C   1 
ATOM   287  O O   . PHE A 1 31  ? -7.024  3.696   -4.164  1.00 18.47 ? 1009 PHE A O   1 
ATOM   288  C CB  . PHE A 1 31  ? -8.823  1.462   -3.551  1.00 16.96 ? 1009 PHE A CB  1 
ATOM   289  C CG  . PHE A 1 31  ? -9.878  0.623   -2.877  1.00 17.74 ? 1009 PHE A CG  1 
ATOM   290  C CD1 . PHE A 1 31  ? -10.576 1.087   -1.763  1.00 17.67 ? 1009 PHE A CD1 1 
ATOM   291  C CD2 . PHE A 1 31  ? -10.224 -0.625  -3.390  1.00 20.93 ? 1009 PHE A CD2 1 
ATOM   292  C CE1 . PHE A 1 31  ? -11.571 0.309   -1.176  1.00 18.88 ? 1009 PHE A CE1 1 
ATOM   293  C CE2 . PHE A 1 31  ? -11.232 -1.402  -2.813  1.00 22.30 ? 1009 PHE A CE2 1 
ATOM   294  C CZ  . PHE A 1 31  ? -11.937 -0.920  -1.722  1.00 20.10 ? 1009 PHE A CZ  1 
ATOM   295  N N   . THR A 1 32  ? -8.319  4.052   -6.015  1.00 18.74 ? 1010 THR A N   1 
ATOM   296  C CA  . THR A 1 32  ? -7.233  4.607   -6.865  1.00 19.76 ? 1010 THR A CA  1 
ATOM   297  C C   . THR A 1 32  ? -6.904  6.080   -6.554  1.00 20.79 ? 1010 THR A C   1 
ATOM   298  O O   . THR A 1 32  ? -5.798  6.469   -6.961  1.00 25.29 ? 1010 THR A O   1 
ATOM   299  C CB  . THR A 1 32  ? -7.533  4.459   -8.359  1.00 21.37 ? 1010 THR A CB  1 
ATOM   300  O OG1 . THR A 1 32  ? -8.791  5.054   -8.748  1.00 21.78 ? 1010 THR A OG1 1 
ATOM   301  C CG2 . THR A 1 32  ? -7.480  3.002   -8.761  1.00 22.76 ? 1010 THR A CG2 1 
ATOM   302  N N   . LYS A 1 33  ? -7.844  6.848   -5.974  1.00 21.27 ? 1011 LYS A N   1 
ATOM   303  C CA  . LYS A 1 33  ? -7.690  8.307   -5.718  1.00 24.83 ? 1011 LYS A CA  1 
ATOM   304  C C   . LYS A 1 33  ? -8.245  8.626   -4.340  1.00 22.59 ? 1011 LYS A C   1 
ATOM   305  O O   . LYS A 1 33  ? -9.118  7.914   -3.818  1.00 19.50 ? 1011 LYS A O   1 
ATOM   306  C CB  . LYS A 1 33  ? -8.422  9.161   -6.773  1.00 28.58 ? 1011 LYS A CB  1 
ATOM   307  C CG  . LYS A 1 33  ? -7.923  9.018   -8.205  1.00 35.31 ? 1011 LYS A CG  1 
ATOM   308  C CD  . LYS A 1 33  ? -8.563  10.004  -9.185  1.00 50.24 ? 1011 LYS A CD  1 
ATOM   309  C CE  . LYS A 1 33  ? -10.064 9.857   -9.312  1.00 58.08 ? 1011 LYS A CE  1 
ATOM   310  N NZ  . LYS A 1 33  ? -10.610 10.588  -10.485 1.00 69.90 ? 1011 LYS A NZ  1 
ATOM   311  N N   . PRO A 1 34  ? -7.799  9.746   -3.712  1.00 23.33 ? 1012 PRO A N   1 
ATOM   312  C CA  . PRO A 1 34  ? -8.341  10.144  -2.417  1.00 25.13 ? 1012 PRO A CA  1 
ATOM   313  C C   . PRO A 1 34  ? -9.851  10.447  -2.476  1.00 26.10 ? 1012 PRO A C   1 
ATOM   314  O O   . PRO A 1 34  ? -10.353 10.889  -3.511  1.00 27.50 ? 1012 PRO A O   1 
ATOM   315  C CB  . PRO A 1 34  ? -7.595  11.416  -2.001  1.00 26.46 ? 1012 PRO A CB  1 
ATOM   316  C CG  . PRO A 1 34  ? -6.476  11.577  -3.003  1.00 29.43 ? 1012 PRO A CG  1 
ATOM   317  C CD  . PRO A 1 34  ? -6.800  10.706  -4.211  1.00 27.26 ? 1012 PRO A CD  1 
ATOM   318  N N   . VAL A 1 35  ? -10.539 10.193  -1.376  1.00 26.08 ? 1013 VAL A N   1 
ATOM   319  C CA  . VAL A 1 35  ? -11.982 10.567  -1.218  1.00 29.03 ? 1013 VAL A CA  1 
ATOM   320  C C   . VAL A 1 35  ? -12.143 12.097  -1.342  1.00 33.74 ? 1013 VAL A C   1 
ATOM   321  O O   . VAL A 1 35  ? -11.434 12.847  -0.661  1.00 34.58 ? 1013 VAL A O   1 
ATOM   322  C CB  . VAL A 1 35  ? -12.568 10.009  0.099   1.00 29.21 ? 1013 VAL A CB  1 
ATOM   323  C CG1 . VAL A 1 35  ? -14.016 10.452  0.286   1.00 30.60 ? 1013 VAL A CG1 1 
ATOM   324  C CG2 . VAL A 1 35  ? -12.484 8.498   0.161   1.00 26.81 ? 1013 VAL A CG2 1 
ATOM   325  N N   . ASP A 1 36  ? -13.081 12.526  -2.181  1.00 35.40 ? 1014 ASP A N   1 
ATOM   326  C CA  . ASP A 1 36  ? -13.391 13.953  -2.441  1.00 38.77 ? 1014 ASP A CA  1 
ATOM   327  C C   . ASP A 1 36  ? -14.197 14.462  -1.251  1.00 38.79 ? 1014 ASP A C   1 
ATOM   328  O O   . ASP A 1 36  ? -15.291 13.985  -1.001  1.00 39.13 ? 1014 ASP A O   1 
ATOM   329  C CB  . ASP A 1 36  ? -14.100 14.090  -3.794  1.00 44.16 ? 1014 ASP A CB  1 
ATOM   330  C CG  . ASP A 1 36  ? -14.399 15.537  -4.191  1.00 52.09 ? 1014 ASP A CG  1 
ATOM   331  O OD1 . ASP A 1 36  ? -14.283 16.418  -3.324  1.00 47.87 ? 1014 ASP A OD1 1 
ATOM   332  O OD2 . ASP A 1 36  ? -14.784 15.754  -5.355  1.00 58.10 ? 1014 ASP A OD2 1 
ATOM   333  N N   . PRO A 1 37  ? -13.716 15.450  -0.468  1.00 42.88 ? 1015 PRO A N   1 
ATOM   334  C CA  . PRO A 1 37  ? -14.510 15.983  0.644   1.00 51.40 ? 1015 PRO A CA  1 
ATOM   335  C C   . PRO A 1 37  ? -15.837 16.683  0.270   1.00 52.97 ? 1015 PRO A C   1 
ATOM   336  O O   . PRO A 1 37  ? -16.691 16.804  1.114   1.00 59.20 ? 1015 PRO A O   1 
ATOM   337  C CB  . PRO A 1 37  ? -13.548 16.950  1.348   1.00 47.74 ? 1015 PRO A CB  1 
ATOM   338  C CG  . PRO A 1 37  ? -12.583 17.367  0.265   1.00 48.17 ? 1015 PRO A CG  1 
ATOM   339  C CD  . PRO A 1 37  ? -12.437 16.159  -0.639  1.00 46.30 ? 1015 PRO A CD  1 
ATOM   340  N N   . ASP A 1 38  ? -15.962 17.119  -0.988  0.65 57.05 ? 1016 ASP A N   1 
ATOM   341  C CA  . ASP A 1 38  ? -17.161 17.812  -1.539  0.65 57.63 ? 1016 ASP A CA  1 
ATOM   342  C C   . ASP A 1 38  ? -18.055 16.796  -2.267  0.65 59.01 ? 1016 ASP A C   1 
ATOM   343  O O   . ASP A 1 38  ? -18.936 17.229  -3.039  0.65 63.21 ? 1016 ASP A O   1 
ATOM   344  C CB  . ASP A 1 38  ? -16.743 18.987  -2.430  0.65 57.15 ? 1016 ASP A CB  1 
ATOM   345  C CG  . ASP A 1 38  ? -15.884 20.017  -1.713  0.65 55.36 ? 1016 ASP A CG  1 
ATOM   346  O OD1 . ASP A 1 38  ? -16.240 20.390  -0.582  0.65 53.57 ? 1016 ASP A OD1 1 
ATOM   347  O OD2 . ASP A 1 38  ? -14.855 20.425  -2.283  0.65 57.68 ? 1016 ASP A OD2 1 
ATOM   348  N N   . GLU A 1 39  ? -17.834 15.496  -2.041  0.65 56.34 ? 1017 GLU A N   1 
ATOM   349  C CA  . GLU A 1 39  ? -18.783 14.406  -2.399  0.65 54.31 ? 1017 GLU A CA  1 
ATOM   350  C C   . GLU A 1 39  ? -19.125 13.582  -1.147  0.65 51.16 ? 1017 GLU A C   1 
ATOM   351  O O   . GLU A 1 39  ? -20.279 13.125  -1.045  0.65 51.84 ? 1017 GLU A O   1 
ATOM   352  C CB  . GLU A 1 39  ? -18.197 13.534  -3.509  0.65 56.87 ? 1017 GLU A CB  1 
ATOM   353  C CG  . GLU A 1 39  ? -19.107 12.392  -3.930  0.65 58.41 ? 1017 GLU A CG  1 
ATOM   354  C CD  . GLU A 1 39  ? -18.623 11.611  -5.138  0.65 61.18 ? 1017 GLU A CD  1 
ATOM   355  O OE1 . GLU A 1 39  ? -17.399 11.596  -5.381  0.65 63.29 ? 1017 GLU A OE1 1 
ATOM   356  O OE2 . GLU A 1 39  ? -19.471 11.020  -5.834  0.65 62.09 ? 1017 GLU A OE2 1 
ATOM   357  N N   . VAL A 1 40  ? -18.160 13.388  -0.241  1.00 45.28 ? 1018 VAL A N   1 
ATOM   358  C CA  . VAL A 1 40  ? -18.358 12.606  1.028   1.00 41.60 ? 1018 VAL A CA  1 
ATOM   359  C C   . VAL A 1 40  ? -17.861 13.447  2.203   1.00 42.67 ? 1018 VAL A C   1 
ATOM   360  O O   . VAL A 1 40  ? -16.804 13.200  2.787   1.00 31.63 ? 1018 VAL A O   1 
ATOM   361  C CB  . VAL A 1 40  ? -17.668 11.224  0.986   1.00 39.44 ? 1018 VAL A CB  1 
ATOM   362  C CG1 . VAL A 1 40  ? -18.171 10.335  2.105   1.00 38.36 ? 1018 VAL A CG1 1 
ATOM   363  C CG2 . VAL A 1 40  ? -17.788 10.508  -0.363  1.00 38.95 ? 1018 VAL A CG2 1 
ATOM   364  N N   . PRO A 1 41  ? -18.615 14.501  2.605   1.00 44.13 ? 1019 PRO A N   1 
ATOM   365  C CA  . PRO A 1 41  ? -18.154 15.385  3.674   1.00 37.22 ? 1019 PRO A CA  1 
ATOM   366  C C   . PRO A 1 41  ? -17.939 14.754  5.060   1.00 33.92 ? 1019 PRO A C   1 
ATOM   367  O O   . PRO A 1 41  ? -17.147 15.255  5.859   1.00 39.49 ? 1019 PRO A O   1 
ATOM   368  C CB  . PRO A 1 41  ? -19.244 16.494  3.716   1.00 46.78 ? 1019 PRO A CB  1 
ATOM   369  C CG  . PRO A 1 41  ? -20.435 15.921  2.969   1.00 45.41 ? 1019 PRO A CG  1 
ATOM   370  C CD  . PRO A 1 41  ? -19.862 14.957  1.952   1.00 47.24 ? 1019 PRO A CD  1 
ATOM   371  N N   . ASP A 1 42  ? -18.641 13.679  5.363   1.00 31.55 ? 1020 ASP A N   1 
ATOM   372  C CA  . ASP A 1 42  ? -18.547 12.956  6.648   1.00 33.98 ? 1020 ASP A CA  1 
ATOM   373  C C   . ASP A 1 42  ? -17.241 12.100  6.729   1.00 30.30 ? 1020 ASP A C   1 
ATOM   374  O O   . ASP A 1 42  ? -16.916 11.607  7.829   1.00 31.03 ? 1020 ASP A O   1 
ATOM   375  C CB  . ASP A 1 42  ? -19.803 12.082  6.698   1.00 43.80 ? 1020 ASP A CB  1 
ATOM   376  C CG  . ASP A 1 42  ? -19.850 11.128  7.865   1.00 55.45 ? 1020 ASP A CG  1 
ATOM   377  O OD1 . ASP A 1 42  ? -19.856 11.619  9.018   1.00 65.45 ? 1020 ASP A OD1 1 
ATOM   378  O OD2 . ASP A 1 42  ? -19.858 9.896   7.612   1.00 60.31 ? 1020 ASP A OD2 1 
ATOM   379  N N   . TYR A 1 43  ? -16.562 11.842  5.614   1.00 30.28 ? 1021 TYR A N   1 
ATOM   380  C CA  . TYR A 1 43  ? -15.529 10.751  5.542   1.00 27.71 ? 1021 TYR A CA  1 
ATOM   381  C C   . TYR A 1 43  ? -14.418 11.006  6.553   1.00 27.13 ? 1021 TYR A C   1 
ATOM   382  O O   . TYR A 1 43  ? -14.073 10.101  7.364   1.00 28.04 ? 1021 TYR A O   1 
ATOM   383  C CB  . TYR A 1 43  ? -15.003 10.570  4.120   1.00 26.22 ? 1021 TYR A CB  1 
ATOM   384  C CG  . TYR A 1 43  ? -14.082 9.369   3.960   1.00 24.28 ? 1021 TYR A CG  1 
ATOM   385  C CD1 . TYR A 1 43  ? -14.571 8.062   3.943   1.00 24.83 ? 1021 TYR A CD1 1 
ATOM   386  C CD2 . TYR A 1 43  ? -12.701 9.538   3.948   1.00 26.99 ? 1021 TYR A CD2 1 
ATOM   387  C CE1 . TYR A 1 43  ? -13.704 6.959   3.834   1.00 23.13 ? 1021 TYR A CE1 1 
ATOM   388  C CE2 . TYR A 1 43  ? -11.831 8.457   3.832   1.00 24.99 ? 1021 TYR A CE2 1 
ATOM   389  C CZ  . TYR A 1 43  ? -12.322 7.172   3.785   1.00 22.58 ? 1021 TYR A CZ  1 
ATOM   390  O OH  . TYR A 1 43  ? -11.470 6.095   3.692   1.00 20.97 ? 1021 TYR A OH  1 
ATOM   391  N N   . ARG A 1 44  ? -13.890 12.230  6.538   1.00 29.96 ? 1022 ARG A N   1 
ATOM   392  C CA  . ARG A 1 44  ? -12.734 12.661  7.385   1.00 34.87 ? 1022 ARG A CA  1 
ATOM   393  C C   . ARG A 1 44  ? -13.149 12.884  8.845   1.00 35.33 ? 1022 ARG A C   1 
ATOM   394  O O   . ARG A 1 44  ? -12.265 12.863  9.686   1.00 40.58 ? 1022 ARG A O   1 
ATOM   395  C CB  . ARG A 1 44  ? -12.069 13.864  6.721   1.00 34.82 ? 1022 ARG A CB  1 
ATOM   396  C CG  . ARG A 1 44  ? -11.346 13.498  5.441   1.00 39.33 ? 1022 ARG A CG  1 
ATOM   397  C CD  . ARG A 1 44  ? -10.546 14.569  4.715   1.00 44.02 ? 1022 ARG A CD  1 
ATOM   398  N NE  . ARG A 1 44  ? -9.793  13.923  3.632   1.00 45.68 ? 1022 ARG A NE  1 
ATOM   399  C CZ  . ARG A 1 44  ? -10.314 13.381  2.507   1.00 51.75 ? 1022 ARG A CZ  1 
ATOM   400  N NH1 . ARG A 1 44  ? -11.624 13.432  2.248   1.00 40.74 ? 1022 ARG A NH1 1 
ATOM   401  N NH2 . ARG A 1 44  ? -9.500  12.792  1.628   1.00 46.87 ? 1022 ARG A NH2 1 
ATOM   402  N N   . THR A 1 45  ? -14.437 12.888  9.180   1.00 39.68 ? 1023 THR A N   1 
ATOM   403  C CA  . THR A 1 45  ? -14.854 12.905  10.609  1.00 44.27 ? 1023 THR A CA  1 
ATOM   404  C C   . THR A 1 45  ? -14.678 11.497  11.171  1.00 41.16 ? 1023 THR A C   1 
ATOM   405  O O   . THR A 1 45  ? -14.282 11.381  12.356  1.00 39.95 ? 1023 THR A O   1 
ATOM   406  C CB  . THR A 1 45  ? -16.251 13.520  10.786  1.00 43.93 ? 1023 THR A CB  1 
ATOM   407  O OG1 . THR A 1 45  ? -17.280 12.555  10.528  1.00 49.93 ? 1023 THR A OG1 1 
ATOM   408  C CG2 . THR A 1 45  ? -16.434 14.711  9.879   1.00 45.51 ? 1023 THR A CG2 1 
ATOM   409  N N   . VAL A 1 46  ? -14.839 10.450  10.345  1.00 29.11 ? 1024 VAL A N   1 
ATOM   410  C CA  . VAL A 1 46  ? -14.699 9.037   10.821  1.00 26.33 ? 1024 VAL A CA  1 
ATOM   411  C C   . VAL A 1 46  ? -13.263 8.507   10.620  1.00 23.50 ? 1024 VAL A C   1 
ATOM   412  O O   . VAL A 1 46  ? -12.763 7.773   11.490  1.00 25.82 ? 1024 VAL A O   1 
ATOM   413  C CB  . VAL A 1 46  ? -15.713 8.131   10.098  1.00 30.75 ? 1024 VAL A CB  1 
ATOM   414  C CG1 . VAL A 1 46  ? -15.622 6.687   10.589  1.00 30.58 ? 1024 VAL A CG1 1 
ATOM   415  C CG2 . VAL A 1 46  ? -17.132 8.673   10.281  1.00 37.12 ? 1024 VAL A CG2 1 
ATOM   416  N N   . ILE A 1 47  ? -12.760 8.647   9.401   1.00 23.26 ? 1025 ILE A N   1 
ATOM   417  C CA  . ILE A 1 47  ? -11.453 8.039   9.007   1.00 21.82 ? 1025 ILE A CA  1 
ATOM   418  C C   . ILE A 1 47  ? -10.321 9.070   9.269   1.00 18.03 ? 1025 ILE A C   1 
ATOM   419  O O   . ILE A 1 47  ? -10.223 10.104  8.555   1.00 22.16 ? 1025 ILE A O   1 
ATOM   420  C CB  . ILE A 1 47  ? -11.524 7.565   7.541   1.00 20.43 ? 1025 ILE A CB  1 
ATOM   421  C CG1 . ILE A 1 47  ? -12.645 6.527   7.338   1.00 19.56 ? 1025 ILE A CG1 1 
ATOM   422  C CG2 . ILE A 1 47  ? -10.166 7.051   7.070   1.00 21.52 ? 1025 ILE A CG2 1 
ATOM   423  C CD1 . ILE A 1 47  ? -12.489 5.255   8.112   1.00 20.39 ? 1025 ILE A CD1 1 
ATOM   424  N N   . LYS A 1 48  ? -9.496  8.772   10.241  1.00 21.86 ? 1026 LYS A N   1 
ATOM   425  C CA  . LYS A 1 48  ? -8.448  9.700   10.746  1.00 22.14 ? 1026 LYS A CA  1 
ATOM   426  C C   . LYS A 1 48  ? -7.167  9.644   9.895   1.00 23.30 ? 1026 LYS A C   1 
ATOM   427  O O   . LYS A 1 48  ? -6.455  10.669  9.870   1.00 22.70 ? 1026 LYS A O   1 
ATOM   428  C CB  . LYS A 1 48  ? -8.141  9.314   12.183  1.00 24.41 ? 1026 LYS A CB  1 
ATOM   429  C CG  . LYS A 1 48  ? -9.346  9.424   13.127  1.00 25.16 ? 1026 LYS A CG  1 
ATOM   430  C CD  . LYS A 1 48  ? -10.038 10.753  13.086  1.00 29.15 ? 1026 LYS A CD  1 
ATOM   431  C CE  . LYS A 1 48  ? -11.125 10.935  14.143  1.00 32.14 ? 1026 LYS A CE  1 
ATOM   432  N NZ  . LYS A 1 48  ? -11.853 12.212  13.874  1.00 34.72 ? 1026 LYS A NZ  1 
ATOM   433  N N   . GLU A 1 49  ? -6.893  8.558   9.166   1.00 21.60 ? 1027 GLU A N   1 
ATOM   434  C CA  . GLU A 1 49  ? -5.725  8.515   8.244   1.00 19.62 ? 1027 GLU A CA  1 
ATOM   435  C C   . GLU A 1 49  ? -6.150  7.940   6.876   1.00 18.45 ? 1027 GLU A C   1 
ATOM   436  O O   . GLU A 1 49  ? -5.975  6.741   6.651   1.00 20.46 ? 1027 GLU A O   1 
ATOM   437  C CB  . GLU A 1 49  ? -4.549  7.767   8.867   1.00 20.49 ? 1027 GLU A CB  1 
ATOM   438  C CG  . GLU A 1 49  ? -3.239  8.034   8.131   1.00 20.36 ? 1027 GLU A CG  1 
ATOM   439  C CD  . GLU A 1 49  ? -1.922  7.470   8.662   1.00 23.27 ? 1027 GLU A CD  1 
ATOM   440  O OE1 . GLU A 1 49  ? -1.954  6.751   9.684   1.00 27.16 ? 1027 GLU A OE1 1 
ATOM   441  O OE2 . GLU A 1 49  ? -0.851  7.745   7.972   1.00 26.21 ? 1027 GLU A OE2 1 
ATOM   442  N N   . PRO A 1 50  ? -6.742  8.759   5.988   1.00 19.39 ? 1028 PRO A N   1 
ATOM   443  C CA  . PRO A 1 50  ? -7.121  8.315   4.633   1.00 17.75 ? 1028 PRO A CA  1 
ATOM   444  C C   . PRO A 1 50  ? -5.891  7.772   3.873   1.00 21.00 ? 1028 PRO A C   1 
ATOM   445  O O   . PRO A 1 50  ? -4.702  8.248   4.109   1.00 18.37 ? 1028 PRO A O   1 
ATOM   446  C CB  . PRO A 1 50  ? -7.663  9.566   3.950   1.00 19.27 ? 1028 PRO A CB  1 
ATOM   447  C CG  . PRO A 1 50  ? -8.059  10.503  5.090   1.00 23.83 ? 1028 PRO A CG  1 
ATOM   448  C CD  . PRO A 1 50  ? -7.117  10.168  6.226   1.00 22.40 ? 1028 PRO A CD  1 
ATOM   449  N N   . MET A 1 51  ? -6.085  6.740   3.034   1.00 18.00 ? 1029 MET A N   1 
ATOM   450  C CA  . MET A 1 51  ? -4.979  6.263   2.161   1.00 18.03 ? 1029 MET A CA  1 
ATOM   451  C C   . MET A 1 51  ? -5.576  5.720   0.840   1.00 16.97 ? 1029 MET A C   1 
ATOM   452  O O   . MET A 1 51  ? -6.731  5.275   0.865   1.00 16.80 ? 1029 MET A O   1 
ATOM   453  C CB  . MET A 1 51  ? -4.170  5.192   2.898   1.00 17.73 ? 1029 MET A CB  1 
ATOM   454  C CG  . MET A 1 51  ? -2.854  4.741   2.219   1.00 17.16 ? 1029 MET A CG  1 
ATOM   455  S SD  . MET A 1 51  ? -1.693  6.049   1.716   1.00 19.78 ? 1029 MET A SD  1 
ATOM   456  C CE  . MET A 1 51  ? -1.367  6.805   3.324   1.00 19.40 ? 1029 MET A CE  1 
ATOM   457  N N   . ASP A 1 52  ? -4.814  5.804   -0.249  1.00 15.93 ? 1030 ASP A N   1 
ATOM   458  C CA  . ASP A 1 52  ? -5.273  5.393   -1.604  1.00 17.91 ? 1030 ASP A CA  1 
ATOM   459  C C   . ASP A 1 52  ? -4.051  5.076   -2.474  1.00 16.55 ? 1030 ASP A C   1 
ATOM   460  O O   . ASP A 1 52  ? -2.897  5.438   -2.110  1.00 16.55 ? 1030 ASP A O   1 
ATOM   461  C CB  . ASP A 1 52  ? -6.144  6.489   -2.232  1.00 19.81 ? 1030 ASP A CB  1 
ATOM   462  C CG  . ASP A 1 52  ? -5.314  7.697   -2.620  1.00 22.78 ? 1030 ASP A CG  1 
ATOM   463  O OD1 . ASP A 1 52  ? -5.040  8.568   -1.736  1.00 24.83 ? 1030 ASP A OD1 1 
ATOM   464  O OD2 . ASP A 1 52  ? -4.847  7.720   -3.736  1.00 25.00 ? 1030 ASP A OD2 1 
ATOM   465  N N   . LEU A 1 53  ? -4.264  4.403   -3.611  1.00 16.14 ? 1031 LEU A N   1 
ATOM   466  C CA  . LEU A 1 53  ? -3.123  3.931   -4.440  1.00 16.21 ? 1031 LEU A CA  1 
ATOM   467  C C   . LEU A 1 53  ? -2.297  5.072   -5.105  1.00 17.67 ? 1031 LEU A C   1 
ATOM   468  O O   . LEU A 1 53  ? -1.085  4.884   -5.315  1.00 18.29 ? 1031 LEU A O   1 
ATOM   469  C CB  . LEU A 1 53  ? -3.593  2.884   -5.471  1.00 15.67 ? 1031 LEU A CB  1 
ATOM   470  C CG  . LEU A 1 53  ? -4.222  1.606   -4.907  1.00 16.27 ? 1031 LEU A CG  1 
ATOM   471  C CD1 . LEU A 1 53  ? -4.860  0.772   -6.018  1.00 19.14 ? 1031 LEU A CD1 1 
ATOM   472  C CD2 . LEU A 1 53  ? -3.234  0.774   -4.139  1.00 15.66 ? 1031 LEU A CD2 1 
ATOM   473  N N   A SER A 1 54  ? -2.935  6.201   -5.453  0.18 18.70 ? 1032 SER A N   1 
ATOM   474  N N   B SER A 1 54  ? -2.919  6.211   -5.429  0.10 17.84 ? 1032 SER A N   1 
ATOM   475  N N   C SER A 1 54  ? -2.920  6.212   -5.440  0.22 18.49 ? 1032 SER A N   1 
ATOM   476  C CA  A SER A 1 54  ? -2.246  7.417   -5.969  0.18 19.40 ? 1032 SER A CA  1 
ATOM   477  C CA  B SER A 1 54  ? -2.204  7.392   -5.984  0.10 18.02 ? 1032 SER A CA  1 
ATOM   478  C CA  C SER A 1 54  ? -2.200  7.398   -5.987  0.22 19.00 ? 1032 SER A CA  1 
ATOM   479  C C   A SER A 1 54  ? -1.275  7.944   -4.903  0.18 18.20 ? 1032 SER A C   1 
ATOM   480  C C   B SER A 1 54  ? -1.280  7.987   -4.911  0.10 17.75 ? 1032 SER A C   1 
ATOM   481  C C   C SER A 1 54  ? -1.274  7.980   -4.905  0.22 17.85 ? 1032 SER A C   1 
ATOM   482  O O   A SER A 1 54  ? -0.099  8.227   -5.241  0.18 18.71 ? 1032 SER A O   1 
ATOM   483  O O   B SER A 1 54  ? -0.136  8.362   -5.256  0.10 18.22 ? 1032 SER A O   1 
ATOM   484  O O   C SER A 1 54  ? -0.106  8.318   -5.229  0.22 18.46 ? 1032 SER A O   1 
ATOM   485  C CB  A SER A 1 54  ? -3.223  8.498   -6.388  0.18 20.05 ? 1032 SER A CB  1 
ATOM   486  C CB  B SER A 1 54  ? -3.154  8.424   -6.539  0.10 17.86 ? 1032 SER A CB  1 
ATOM   487  C CB  C SER A 1 54  ? -3.151  8.443   -6.557  0.22 19.20 ? 1032 SER A CB  1 
ATOM   488  O OG  A SER A 1 54  ? -3.817  8.204   -7.640  0.18 21.03 ? 1032 SER A OG  1 
ATOM   489  O OG  B SER A 1 54  ? -2.436  9.494   -7.135  0.10 17.38 ? 1032 SER A OG  1 
ATOM   490  O OG  C SER A 1 54  ? -3.871  9.121   -5.532  0.22 19.40 ? 1032 SER A OG  1 
ATOM   491  N N   . SER A 1 55  ? -1.738  8.050   -3.654  1.00 18.32 ? 1033 SER A N   1 
ATOM   492  C CA  . SER A 1 55  ? -0.891  8.510   -2.521  1.00 17.78 ? 1033 SER A CA  1 
ATOM   493  C C   . SER A 1 55  ? 0.257   7.522   -2.322  1.00 17.84 ? 1033 SER A C   1 
ATOM   494  O O   . SER A 1 55  ? 1.384   7.968   -2.019  1.00 16.77 ? 1033 SER A O   1 
ATOM   495  C CB  . SER A 1 55  ? -1.688  8.752   -1.250  1.00 20.50 ? 1033 SER A CB  1 
ATOM   496  O OG  . SER A 1 55  ? -2.701  9.725   -1.544  1.00 22.86 ? 1033 SER A OG  1 
ATOM   497  N N   . VAL A 1 56  ? -0.019  6.219   -2.429  1.00 15.86 ? 1034 VAL A N   1 
ATOM   498  C CA  . VAL A 1 56  ? 1.076   5.214   -2.290  1.00 16.79 ? 1034 VAL A CA  1 
ATOM   499  C C   . VAL A 1 56  ? 2.198   5.456   -3.331  1.00 16.64 ? 1034 VAL A C   1 
ATOM   500  O O   . VAL A 1 56  ? 3.376   5.418   -2.954  1.00 16.35 ? 1034 VAL A O   1 
ATOM   501  C CB  . VAL A 1 56  ? 0.500   3.768   -2.273  1.00 16.32 ? 1034 VAL A CB  1 
ATOM   502  C CG1 . VAL A 1 56  ? 1.557   2.719   -2.471  1.00 18.77 ? 1034 VAL A CG1 1 
ATOM   503  C CG2 . VAL A 1 56  ? -0.288  3.468   -1.030  1.00 17.76 ? 1034 VAL A CG2 1 
ATOM   504  N N   A ILE A 1 57  ? 1.836   5.688   -4.599  0.14 16.98 ? 1035 ILE A N   1 
ATOM   505  N N   B ILE A 1 57  ? 1.878   5.661   -4.614  0.22 17.46 ? 1035 ILE A N   1 
ATOM   506  N N   C ILE A 1 57  ? 1.836   5.688   -4.599  0.14 16.98 ? 1035 ILE A N   1 
ATOM   507  C CA  A ILE A 1 57  ? 2.800   5.995   -5.705  0.14 17.71 ? 1035 ILE A CA  1 
ATOM   508  C CA  B ILE A 1 57  ? 2.933   5.961   -5.638  0.22 18.90 ? 1035 ILE A CA  1 
ATOM   509  C CA  C ILE A 1 57  ? 2.800   5.995   -5.705  0.14 17.71 ? 1035 ILE A CA  1 
ATOM   510  C C   A ILE A 1 57  ? 3.625   7.243   -5.345  0.14 17.34 ? 1035 ILE A C   1 
ATOM   511  C C   B ILE A 1 57  ? 3.689   7.232   -5.222  0.22 17.85 ? 1035 ILE A C   1 
ATOM   512  C C   C ILE A 1 57  ? 3.625   7.243   -5.345  0.14 17.34 ? 1035 ILE A C   1 
ATOM   513  O O   A ILE A 1 57  ? 4.864   7.206   -5.523  0.14 16.96 ? 1035 ILE A O   1 
ATOM   514  O O   B ILE A 1 57  ? 4.954   7.201   -5.206  0.22 16.49 ? 1035 ILE A O   1 
ATOM   515  O O   C ILE A 1 57  ? 4.864   7.206   -5.523  0.14 16.96 ? 1035 ILE A O   1 
ATOM   516  C CB  A ILE A 1 57  ? 2.066   6.159   -7.052  0.14 18.37 ? 1035 ILE A CB  1 
ATOM   517  C CB  B ILE A 1 57  ? 2.379   6.099   -7.066  0.22 20.88 ? 1035 ILE A CB  1 
ATOM   518  C CB  C ILE A 1 57  ? 2.066   6.159   -7.052  0.14 18.37 ? 1035 ILE A CB  1 
ATOM   519  C CG1 A ILE A 1 57  ? 1.572   4.813   -7.587  0.14 19.27 ? 1035 ILE A CG1 1 
ATOM   520  C CG1 B ILE A 1 57  ? 1.766   4.796   -7.575  0.22 24.13 ? 1035 ILE A CG1 1 
ATOM   521  C CG1 C ILE A 1 57  ? 1.572   4.813   -7.587  0.14 19.27 ? 1035 ILE A CG1 1 
ATOM   522  C CG2 A ILE A 1 57  ? 2.952   6.874   -8.059  0.14 19.31 ? 1035 ILE A CG2 1 
ATOM   523  C CG2 B ILE A 1 57  ? 3.476   6.598   -7.997  0.22 21.55 ? 1035 ILE A CG2 1 
ATOM   524  C CG2 C ILE A 1 57  ? 2.952   6.874   -8.059  0.14 19.31 ? 1035 ILE A CG2 1 
ATOM   525  C CD1 A ILE A 1 57  ? 2.680   3.822   -7.863  0.14 19.02 ? 1035 ILE A CD1 1 
ATOM   526  C CD1 B ILE A 1 57  ? 1.467   4.823   -9.054  0.22 26.31 ? 1035 ILE A CD1 1 
ATOM   527  C CD1 C ILE A 1 57  ? 2.680   3.822   -7.863  0.14 19.02 ? 1035 ILE A CD1 1 
ATOM   528  N N   . SER A 1 58  ? 2.973   8.298   -4.840  1.00 17.52 ? 1036 SER A N   1 
ATOM   529  C CA  . SER A 1 58  ? 3.666   9.536   -4.358  1.00 17.86 ? 1036 SER A CA  1 
ATOM   530  C C   . SER A 1 58  ? 4.673   9.216   -3.237  1.00 16.57 ? 1036 SER A C   1 
ATOM   531  O O   . SER A 1 58  ? 5.839   9.740   -3.258  1.00 17.58 ? 1036 SER A O   1 
ATOM   532  C CB  . SER A 1 58  ? 2.677   10.640  -3.932  1.00 21.10 ? 1036 SER A CB  1 
ATOM   533  O OG  . SER A 1 58  ? 1.948   11.105  -5.074  1.00 23.69 ? 1036 SER A OG  1 
ATOM   534  N N   . LYS A 1 59  ? 4.276   8.375   -2.262  1.00 16.24 ? 1037 LYS A N   1 
ATOM   535  C CA  . LYS A 1 59  ? 5.132   8.002   -1.114  1.00 15.80 ? 1037 LYS A CA  1 
ATOM   536  C C   . LYS A 1 59  ? 6.354   7.204   -1.619  1.00 16.26 ? 1037 LYS A C   1 
ATOM   537  O O   . LYS A 1 59  ? 7.449   7.384   -1.038  1.00 16.02 ? 1037 LYS A O   1 
ATOM   538  C CB  . LYS A 1 59  ? 4.300   7.349   -0.009  1.00 16.30 ? 1037 LYS A CB  1 
ATOM   539  C CG  . LYS A 1 59  ? 3.305   8.295   0.708   1.00 16.99 ? 1037 LYS A CG  1 
ATOM   540  C CD  . LYS A 1 59  ? 2.611   7.631   1.867   1.00 16.51 ? 1037 LYS A CD  1 
ATOM   541  C CE  . LYS A 1 59  ? 3.526   7.222   3.003   1.00 18.80 ? 1037 LYS A CE  1 
ATOM   542  N NZ  . LYS A 1 59  ? 2.840   6.751   4.244   1.00 19.99 ? 1037 LYS A NZ  1 
ATOM   543  N N   . ILE A 1 60  ? 6.176   6.281   -2.569  1.00 15.92 ? 1038 ILE A N   1 
ATOM   544  C CA  . ILE A 1 60  ? 7.339   5.539   -3.130  1.00 16.58 ? 1038 ILE A CA  1 
ATOM   545  C C   . ILE A 1 60  ? 8.387   6.564   -3.609  1.00 15.33 ? 1038 ILE A C   1 
ATOM   546  O O   . ILE A 1 60  ? 9.595   6.431   -3.280  1.00 15.61 ? 1038 ILE A O   1 
ATOM   547  C CB  . ILE A 1 60  ? 6.941   4.541   -4.238  1.00 16.23 ? 1038 ILE A CB  1 
ATOM   548  C CG1 . ILE A 1 60  ? 6.057   3.437   -3.671  1.00 16.11 ? 1038 ILE A CG1 1 
ATOM   549  C CG2 . ILE A 1 60  ? 8.234   3.969   -4.844  1.00 17.79 ? 1038 ILE A CG2 1 
ATOM   550  C CD1 . ILE A 1 60  ? 5.337   2.616   -4.740  1.00 17.01 ? 1038 ILE A CD1 1 
ATOM   551  N N   . ASP A 1 61  ? 7.962   7.503   -4.408  1.00 16.02 ? 1039 ASP A N   1 
ATOM   552  C CA  . ASP A 1 61  ? 8.836   8.504   -5.053  1.00 18.58 ? 1039 ASP A CA  1 
ATOM   553  C C   . ASP A 1 61  ? 9.468   9.468   -4.020  1.00 20.78 ? 1039 ASP A C   1 
ATOM   554  O O   . ASP A 1 61  ? 10.604  9.953   -4.304  1.00 22.94 ? 1039 ASP A O   1 
ATOM   555  C CB  . ASP A 1 61  ? 8.060   9.218   -6.158  1.00 19.62 ? 1039 ASP A CB  1 
ATOM   556  C CG  . ASP A 1 61  ? 7.727   8.346   -7.365  1.00 25.67 ? 1039 ASP A CG  1 
ATOM   557  O OD1 . ASP A 1 61  ? 8.383   7.259   -7.509  1.00 26.63 ? 1039 ASP A OD1 1 
ATOM   558  O OD2 . ASP A 1 61  ? 6.814   8.725   -8.152  1.00 25.53 ? 1039 ASP A OD2 1 
ATOM   559  N N   . LEU A 1 62  ? 8.845   9.695   -2.873  1.00 18.10 ? 1040 LEU A N   1 
ATOM   560  C CA  . LEU A 1 62  ? 9.408   10.522  -1.770  1.00 18.29 ? 1040 LEU A CA  1 
ATOM   561  C C   . LEU A 1 62  ? 10.332  9.692   -0.871  1.00 20.76 ? 1040 LEU A C   1 
ATOM   562  O O   . LEU A 1 62  ? 10.830  10.206  0.191   1.00 20.42 ? 1040 LEU A O   1 
ATOM   563  C CB  . LEU A 1 62  ? 8.225   11.108  -0.989  1.00 17.80 ? 1040 LEU A CB  1 
ATOM   564  C CG  . LEU A 1 62  ? 7.459   12.256  -1.639  1.00 20.67 ? 1040 LEU A CG  1 
ATOM   565  C CD1 . LEU A 1 62  ? 6.159   12.499  -0.873  1.00 22.15 ? 1040 LEU A CD1 1 
ATOM   566  C CD2 . LEU A 1 62  ? 8.290   13.544  -1.645  1.00 23.10 ? 1040 LEU A CD2 1 
ATOM   567  N N   . HIS A 1 63  ? 10.594  8.405   -1.187  1.00 19.92 ? 1041 HIS A N   1 
ATOM   568  C CA  . HIS A 1 63  ? 11.496  7.545   -0.388  1.00 19.08 ? 1041 HIS A CA  1 
ATOM   569  C C   . HIS A 1 63  ? 10.927  7.330   1.014   1.00 21.50 ? 1041 HIS A C   1 
ATOM   570  O O   . HIS A 1 63  ? 11.713  7.131   1.960   1.00 22.44 ? 1041 HIS A O   1 
ATOM   571  C CB  . HIS A 1 63  ? 12.946  8.102   -0.351  1.00 21.86 ? 1041 HIS A CB  1 
ATOM   572  C CG  . HIS A 1 63  ? 13.596  8.256   -1.677  1.00 20.32 ? 1041 HIS A CG  1 
ATOM   573  N ND1 . HIS A 1 63  ? 14.963  8.396   -1.774  1.00 25.21 ? 1041 HIS A ND1 1 
ATOM   574  C CD2 . HIS A 1 63  ? 13.120  8.202   -2.936  1.00 23.11 ? 1041 HIS A CD2 1 
ATOM   575  C CE1 . HIS A 1 63  ? 15.281  8.506   -3.053  1.00 22.49 ? 1041 HIS A CE1 1 
ATOM   576  N NE2 . HIS A 1 63  ? 14.179  8.412   -3.809  1.00 27.49 ? 1041 HIS A NE2 1 
ATOM   577  N N   . LYS A 1 64  ? 9.594   7.181   1.140   1.00 18.71 ? 1042 LYS A N   1 
ATOM   578  C CA  . LYS A 1 64  ? 8.953   6.950   2.444   1.00 19.67 ? 1042 LYS A CA  1 
ATOM   579  C C   . LYS A 1 64  ? 9.057   5.482   2.875   1.00 19.37 ? 1042 LYS A C   1 
ATOM   580  O O   . LYS A 1 64  ? 8.874   5.204   4.071   1.00 20.08 ? 1042 LYS A O   1 
ATOM   581  C CB  . LYS A 1 64  ? 7.482   7.371   2.417   1.00 19.30 ? 1042 LYS A CB  1 
ATOM   582  C CG  . LYS A 1 64  ? 7.204   8.849   2.168   1.00 24.47 ? 1042 LYS A CG  1 
ATOM   583  C CD  . LYS A 1 64  ? 7.293   9.744   3.352   1.00 27.57 ? 1042 LYS A CD  1 
ATOM   584  C CE  . LYS A 1 64  ? 6.729   11.146  3.082   1.00 28.29 ? 1042 LYS A CE  1 
ATOM   585  N NZ  . LYS A 1 64  ? 6.647   11.921  4.349   1.00 33.26 ? 1042 LYS A NZ  1 
ATOM   586  N N   . TYR A 1 65  ? 9.216   4.547   1.931   1.00 18.45 ? 1043 TYR A N   1 
ATOM   587  C CA  . TYR A 1 65  ? 9.258   3.101   2.243   1.00 16.54 ? 1043 TYR A CA  1 
ATOM   588  C C   . TYR A 1 65  ? 10.672  2.564   2.055   1.00 19.05 ? 1043 TYR A C   1 
ATOM   589  O O   . TYR A 1 65  ? 11.215  2.635   0.957   1.00 21.64 ? 1043 TYR A O   1 
ATOM   590  C CB  . TYR A 1 65  ? 8.316   2.323   1.310   1.00 17.61 ? 1043 TYR A CB  1 
ATOM   591  C CG  . TYR A 1 65  ? 6.865   2.810   1.224   1.00 16.87 ? 1043 TYR A CG  1 
ATOM   592  C CD1 . TYR A 1 65  ? 6.070   2.887   2.361   1.00 17.84 ? 1043 TYR A CD1 1 
ATOM   593  C CD2 . TYR A 1 65  ? 6.292   3.222   0.032   1.00 16.26 ? 1043 TYR A CD2 1 
ATOM   594  C CE1 . TYR A 1 65  ? 4.734   3.273   2.305   1.00 17.60 ? 1043 TYR A CE1 1 
ATOM   595  C CE2 . TYR A 1 65  ? 4.965   3.654   -0.042  1.00 16.26 ? 1043 TYR A CE2 1 
ATOM   596  C CZ  . TYR A 1 65  ? 4.177   3.684   1.090   1.00 16.88 ? 1043 TYR A CZ  1 
ATOM   597  O OH  . TYR A 1 65  ? 2.855   4.131   0.989   1.00 16.84 ? 1043 TYR A OH  1 
ATOM   598  N N   A LEU A 1 66  ? 11.246  2.024   3.134   0.14 19.63 ? 1044 LEU A N   1 
ATOM   599  N N   B LEU A 1 66  ? 11.262  2.041   3.125   0.23 19.28 ? 1044 LEU A N   1 
ATOM   600  N N   C LEU A 1 66  ? 11.246  2.024   3.134   0.14 19.63 ? 1044 LEU A N   1 
ATOM   601  C CA  A LEU A 1 66  ? 12.604  1.406   3.162   0.14 20.02 ? 1044 LEU A CA  1 
ATOM   602  C CA  B LEU A 1 66  ? 12.605  1.397   3.081   0.23 19.37 ? 1044 LEU A CA  1 
ATOM   603  C CA  C LEU A 1 66  ? 12.604  1.406   3.162   0.14 20.02 ? 1044 LEU A CA  1 
ATOM   604  C C   A LEU A 1 66  ? 12.499  -0.116  3.296   0.14 19.41 ? 1044 LEU A C   1 
ATOM   605  C C   B LEU A 1 66  ? 12.469  -0.123  3.103   0.23 18.85 ? 1044 LEU A C   1 
ATOM   606  C C   C LEU A 1 66  ? 12.499  -0.116  3.296   0.14 19.41 ? 1044 LEU A C   1 
ATOM   607  O O   A LEU A 1 66  ? 13.560  -0.784  3.283   0.14 19.78 ? 1044 LEU A O   1 
ATOM   608  O O   B LEU A 1 66  ? 13.471  -0.790  2.757   0.23 18.11 ? 1044 LEU A O   1 
ATOM   609  O O   C LEU A 1 66  ? 13.560  -0.784  3.283   0.14 19.78 ? 1044 LEU A O   1 
ATOM   610  C CB  A LEU A 1 66  ? 13.382  2.003   4.340   0.14 21.83 ? 1044 LEU A CB  1 
ATOM   611  C CB  B LEU A 1 66  ? 13.437  1.895   4.265   0.23 21.64 ? 1044 LEU A CB  1 
ATOM   612  C CB  C LEU A 1 66  ? 13.382  2.003   4.340   0.14 21.83 ? 1044 LEU A CB  1 
ATOM   613  C CG  A LEU A 1 66  ? 13.587  3.516   4.281   0.14 23.30 ? 1044 LEU A CG  1 
ATOM   614  C CG  B LEU A 1 66  ? 14.184  3.204   4.015   0.23 23.13 ? 1044 LEU A CG  1 
ATOM   615  C CG  C LEU A 1 66  ? 13.587  3.516   4.281   0.14 23.30 ? 1044 LEU A CG  1 
ATOM   616  C CD1 A LEU A 1 66  ? 14.500  3.990   5.403   0.14 24.79 ? 1044 LEU A CD1 1 
ATOM   617  C CD1 B LEU A 1 66  ? 13.230  4.396   4.066   0.23 24.55 ? 1044 LEU A CD1 1 
ATOM   618  C CD1 C LEU A 1 66  ? 14.500  3.990   5.403   0.14 24.79 ? 1044 LEU A CD1 1 
ATOM   619  C CD2 A LEU A 1 66  ? 14.150  3.939   2.930   0.14 23.26 ? 1044 LEU A CD2 1 
ATOM   620  C CD2 B LEU A 1 66  ? 15.315  3.366   5.015   0.23 23.81 ? 1044 LEU A CD2 1 
ATOM   621  C CD2 C LEU A 1 66  ? 14.150  3.939   2.930   0.14 23.26 ? 1044 LEU A CD2 1 
ATOM   622  N N   . THR A 1 67  ? 11.282  -0.653  3.440   1.00 18.59 ? 1045 THR A N   1 
ATOM   623  C CA  . THR A 1 67  ? 11.052  -2.103  3.489   1.00 17.70 ? 1045 THR A CA  1 
ATOM   624  C C   . THR A 1 67  ? 9.688   -2.451  2.863   1.00 19.70 ? 1045 THR A C   1 
ATOM   625  O O   . THR A 1 67  ? 8.810   -1.574  2.768   1.00 19.08 ? 1045 THR A O   1 
ATOM   626  C CB  . THR A 1 67  ? 11.069  -2.686  4.909   1.00 21.83 ? 1045 THR A CB  1 
ATOM   627  O OG1 . THR A 1 67  ? 9.928   -2.261  5.672   1.00 22.15 ? 1045 THR A OG1 1 
ATOM   628  C CG2 . THR A 1 67  ? 12.334  -2.400  5.678   1.00 22.81 ? 1045 THR A CG2 1 
ATOM   629  N N   . VAL A 1 68  ? 9.516   -3.697  2.462   1.00 18.22 ? 1046 VAL A N   1 
ATOM   630  C CA  . VAL A 1 68  ? 8.173   -4.147  1.961   1.00 19.09 ? 1046 VAL A CA  1 
ATOM   631  C C   . VAL A 1 68  ? 7.178   -4.136  3.126   1.00 17.00 ? 1046 VAL A C   1 
ATOM   632  O O   . VAL A 1 68  ? 5.994   -3.803  2.893   1.00 18.73 ? 1046 VAL A O   1 
ATOM   633  C CB  . VAL A 1 68  ? 8.211   -5.475  1.191   1.00 19.54 ? 1046 VAL A CB  1 
ATOM   634  C CG1 . VAL A 1 68  ? 6.841   -5.852  0.658   1.00 22.82 ? 1046 VAL A CG1 1 
ATOM   635  C CG2 . VAL A 1 68  ? 9.188   -5.414  0.016   1.00 21.86 ? 1046 VAL A CG2 1 
ATOM   636  N N   . LYS A 1 69  ? 7.590   -4.404  4.346   1.00 19.00 ? 1047 LYS A N   1 
ATOM   637  C CA  . LYS A 1 69  ? 6.707   -4.309  5.528   1.00 21.91 ? 1047 LYS A CA  1 
ATOM   638  C C   . LYS A 1 69  ? 6.082   -2.906  5.683   1.00 20.32 ? 1047 LYS A C   1 
ATOM   639  O O   . LYS A 1 69  ? 4.837   -2.803  5.945   1.00 21.26 ? 1047 LYS A O   1 
ATOM   640  C CB  . LYS A 1 69  ? 7.488   -4.836  6.748   1.00 29.05 ? 1047 LYS A CB  1 
ATOM   641  C CG  . LYS A 1 69  ? 6.727   -4.838  8.053   1.00 42.84 ? 1047 LYS A CG  1 
ATOM   642  C CD  . LYS A 1 69  ? 7.558   -5.439  9.200   1.00 53.81 ? 1047 LYS A CD  1 
ATOM   643  C CE  . LYS A 1 69  ? 7.376   -6.938  9.342   1.00 64.73 ? 1047 LYS A CE  1 
ATOM   644  N NZ  . LYS A 1 69  ? 8.240   -7.708  8.414   1.00 68.52 ? 1047 LYS A NZ  1 
ATOM   645  N N   A ASP A 1 70  ? 6.840   -1.828  5.492   0.24 19.58 ? 1048 ASP A N   1 
ATOM   646  N N   B ASP A 1 70  ? 6.908   -1.855  5.548   0.13 20.00 ? 1048 ASP A N   1 
ATOM   647  N N   C ASP A 1 70  ? 6.908   -1.855  5.548   0.13 20.00 ? 1048 ASP A N   1 
ATOM   648  C CA  A ASP A 1 70  ? 6.261   -0.468  5.648   0.24 19.45 ? 1048 ASP A CA  1 
ATOM   649  C CA  B ASP A 1 70  ? 6.474   -0.429  5.515   0.13 19.86 ? 1048 ASP A CA  1 
ATOM   650  C CA  C ASP A 1 70  ? 6.474   -0.429  5.515   0.13 19.86 ? 1048 ASP A CA  1 
ATOM   651  C C   A ASP A 1 70  ? 5.290   -0.154  4.482   0.24 18.96 ? 1048 ASP A C   1 
ATOM   652  C C   B ASP A 1 70  ? 5.295   -0.292  4.531   0.13 18.99 ? 1048 ASP A C   1 
ATOM   653  C C   C ASP A 1 70  ? 5.295   -0.292  4.531   0.13 18.99 ? 1048 ASP A C   1 
ATOM   654  O O   A ASP A 1 70  ? 4.328   0.631   4.700   0.24 17.21 ? 1048 ASP A O   1 
ATOM   655  O O   B ASP A 1 70  ? 4.205   0.175   4.932   0.13 18.21 ? 1048 ASP A O   1 
ATOM   656  O O   C ASP A 1 70  ? 4.205   0.175   4.932   0.13 18.21 ? 1048 ASP A O   1 
ATOM   657  C CB  A ASP A 1 70  ? 7.367   0.563   5.860   0.24 20.32 ? 1048 ASP A CB  1 
ATOM   658  C CB  B ASP A 1 70  ? 7.611   0.515   5.087   0.13 20.96 ? 1048 ASP A CB  1 
ATOM   659  C CB  C ASP A 1 70  ? 7.611   0.515   5.087   0.13 20.96 ? 1048 ASP A CB  1 
ATOM   660  C CG  A ASP A 1 70  ? 7.994   0.521   7.248   0.24 21.01 ? 1048 ASP A CG  1 
ATOM   661  C CG  B ASP A 1 70  ? 8.694   0.794   6.125   0.13 22.54 ? 1048 ASP A CG  1 
ATOM   662  C CG  C ASP A 1 70  ? 8.694   0.794   6.125   0.13 22.54 ? 1048 ASP A CG  1 
ATOM   663  O OD1 A ASP A 1 70  ? 7.550   -0.283  8.103   0.24 22.81 ? 1048 ASP A OD1 1 
ATOM   664  O OD1 B ASP A 1 70  ? 8.603   0.219   7.242   0.13 22.75 ? 1048 ASP A OD1 1 
ATOM   665  O OD1 C ASP A 1 70  ? 8.603   0.219   7.242   0.13 22.75 ? 1048 ASP A OD1 1 
ATOM   666  O OD2 A ASP A 1 70  ? 8.948   1.264   7.444   0.24 21.31 ? 1048 ASP A OD2 1 
ATOM   667  O OD2 B ASP A 1 70  ? 9.639   1.600   5.804   0.13 22.37 ? 1048 ASP A OD2 1 
ATOM   668  O OD2 C ASP A 1 70  ? 9.639   1.600   5.804   0.13 22.37 ? 1048 ASP A OD2 1 
ATOM   669  N N   . TYR A 1 71  ? 5.524   -0.699  3.280   1.00 17.51 ? 1049 TYR A N   1 
ATOM   670  C CA  . TYR A 1 71  ? 4.565   -0.573  2.168   1.00 16.65 ? 1049 TYR A CA  1 
ATOM   671  C C   . TYR A 1 71  ? 3.260   -1.305  2.533   1.00 15.67 ? 1049 TYR A C   1 
ATOM   672  O O   . TYR A 1 71  ? 2.128   -0.692  2.302   1.00 15.86 ? 1049 TYR A O   1 
ATOM   673  C CB  . TYR A 1 71  ? 5.192   -1.126  0.882   1.00 16.17 ? 1049 TYR A CB  1 
ATOM   674  C CG  . TYR A 1 71  ? 4.235   -1.313  -0.273  1.00 15.05 ? 1049 TYR A CG  1 
ATOM   675  C CD1 . TYR A 1 71  ? 4.011   -0.298  -1.203  1.00 16.08 ? 1049 TYR A CD1 1 
ATOM   676  C CD2 . TYR A 1 71  ? 3.651   -2.552  -0.548  1.00 16.37 ? 1049 TYR A CD2 1 
ATOM   677  C CE1 . TYR A 1 71  ? 3.202   -0.477  -2.299  1.00 14.33 ? 1049 TYR A CE1 1 
ATOM   678  C CE2 . TYR A 1 71  ? 2.843   -2.757  -1.657  1.00 15.87 ? 1049 TYR A CE2 1 
ATOM   679  C CZ  . TYR A 1 71  ? 2.610   -1.722  -2.538  1.00 16.12 ? 1049 TYR A CZ  1 
ATOM   680  O OH  . TYR A 1 71  ? 1.816   -1.934  -3.637  1.00 16.26 ? 1049 TYR A OH  1 
ATOM   681  N N   . LEU A 1 72  ? 3.361   -2.545  3.023   1.00 15.65 ? 1050 LEU A N   1 
ATOM   682  C CA  . LEU A 1 72  ? 2.148   -3.386  3.334   1.00 17.41 ? 1050 LEU A CA  1 
ATOM   683  C C   . LEU A 1 72  ? 1.345   -2.756  4.476   1.00 18.29 ? 1050 LEU A C   1 
ATOM   684  O O   . LEU A 1 72  ? 0.085   -2.960  4.502   1.00 18.37 ? 1050 LEU A O   1 
ATOM   685  C CB  . LEU A 1 72  ? 2.517   -4.832  3.622   1.00 17.76 ? 1050 LEU A CB  1 
ATOM   686  C CG  . LEU A 1 72  ? 2.878   -5.649  2.386   1.00 19.79 ? 1050 LEU A CG  1 
ATOM   687  C CD1 . LEU A 1 72  ? 3.457   -6.998  2.804   1.00 22.46 ? 1050 LEU A CD1 1 
ATOM   688  C CD2 . LEU A 1 72  ? 1.735   -5.817  1.413   1.00 22.51 ? 1050 LEU A CD2 1 
ATOM   689  N N   . ARG A 1 73  ? 1.941   -1.944  5.353   1.00 17.57 ? 1051 ARG A N   1 
ATOM   690  C CA  . ARG A 1 73  ? 1.167   -1.192  6.383   1.00 19.00 ? 1051 ARG A CA  1 
ATOM   691  C C   . ARG A 1 73  ? 0.192   -0.190  5.723   1.00 18.24 ? 1051 ARG A C   1 
ATOM   692  O O   . ARG A 1 73  ? -0.980  -0.085  6.218   1.00 17.25 ? 1051 ARG A O   1 
ATOM   693  C CB  . ARG A 1 73  ? 2.073   -0.404  7.355   1.00 23.51 ? 1051 ARG A CB  1 
ATOM   694  C CG  . ARG A 1 73  ? 2.829   -1.298  8.302   1.00 31.52 ? 1051 ARG A CG  1 
ATOM   695  C CD  . ARG A 1 73  ? 3.627   -0.433  9.298   1.00 42.51 ? 1051 ARG A CD  1 
ATOM   696  N NE  . ARG A 1 73  ? 4.863   -1.121  9.667   1.00 52.29 ? 1051 ARG A NE  1 
ATOM   697  C CZ  . ARG A 1 73  ? 4.908   -2.226  10.416  1.00 68.23 ? 1051 ARG A CZ  1 
ATOM   698  N NH1 . ARG A 1 73  ? 3.794   -2.769  10.887  1.00 75.66 ? 1051 ARG A NH1 1 
ATOM   699  N NH2 . ARG A 1 73  ? 6.073   -2.778  10.700  1.00 76.53 ? 1051 ARG A NH2 1 
ATOM   700  N N   . ASP A 1 74  ? 0.575   0.440   4.604   1.00 16.97 ? 1052 ASP A N   1 
ATOM   701  C CA  . ASP A 1 74  ? -0.343  1.338   3.864   1.00 15.72 ? 1052 ASP A CA  1 
ATOM   702  C C   . ASP A 1 74  ? -1.389  0.543   3.065   1.00 15.64 ? 1052 ASP A C   1 
ATOM   703  O O   . ASP A 1 74  ? -2.548  1.043   2.994   1.00 15.89 ? 1052 ASP A O   1 
ATOM   704  C CB  . ASP A 1 74  ? 0.422   2.381   3.071   1.00 15.77 ? 1052 ASP A CB  1 
ATOM   705  C CG  . ASP A 1 74  ? 0.837   3.619   3.896   1.00 20.33 ? 1052 ASP A CG  1 
ATOM   706  O OD1 . ASP A 1 74  ? 0.291   3.810   5.020   1.00 20.70 ? 1052 ASP A OD1 1 
ATOM   707  O OD2 . ASP A 1 74  ? 1.671   4.415   3.393   1.00 17.94 ? 1052 ASP A OD2 1 
ATOM   708  N N   . ILE A 1 75  ? -1.044  -0.577  2.435   1.00 16.27 ? 1053 ILE A N   1 
ATOM   709  C CA  . ILE A 1 75  ? -2.073  -1.435  1.765   1.00 15.71 ? 1053 ILE A CA  1 
ATOM   710  C C   . ILE A 1 75  ? -3.092  -1.914  2.834   1.00 16.53 ? 1053 ILE A C   1 
ATOM   711  O O   . ILE A 1 75  ? -4.332  -1.827  2.611   1.00 16.72 ? 1053 ILE A O   1 
ATOM   712  C CB  . ILE A 1 75  ? -1.443  -2.626  1.025   1.00 17.53 ? 1053 ILE A CB  1 
ATOM   713  C CG1 . ILE A 1 75  ? -0.491  -2.200  -0.089  1.00 18.25 ? 1053 ILE A CG1 1 
ATOM   714  C CG2 . ILE A 1 75  ? -2.543  -3.570  0.546   1.00 19.29 ? 1053 ILE A CG2 1 
ATOM   715  C CD1 . ILE A 1 75  ? -1.008  -1.233  -1.128  1.00 21.34 ? 1053 ILE A CD1 1 
ATOM   716  N N   . ASP A 1 76  ? -2.645  -2.347  4.015   1.00 14.28 ? 1054 ASP A N   1 
ATOM   717  C CA  . ASP A 1 76  ? -3.534  -2.717  5.138   1.00 16.40 ? 1054 ASP A CA  1 
ATOM   718  C C   . ASP A 1 76  ? -4.454  -1.565  5.554   1.00 17.55 ? 1054 ASP A C   1 
ATOM   719  O O   . ASP A 1 76  ? -5.627  -1.862  5.921   1.00 17.31 ? 1054 ASP A O   1 
ATOM   720  C CB  . ASP A 1 76  ? -2.720  -3.324  6.296   1.00 18.33 ? 1054 ASP A CB  1 
ATOM   721  C CG  . ASP A 1 76  ? -2.241  -4.764  5.964   1.00 22.18 ? 1054 ASP A CG  1 
ATOM   722  O OD1 . ASP A 1 76  ? -2.974  -5.510  5.372   1.00 29.98 ? 1054 ASP A OD1 1 
ATOM   723  O OD2 . ASP A 1 76  ? -1.262  -5.146  6.513   1.00 32.29 ? 1054 ASP A OD2 1 
ATOM   724  N N   . LEU A 1 77  ? -3.957  -0.332  5.605   1.00 16.30 ? 1055 LEU A N   1 
ATOM   725  C CA  . LEU A 1 77  ? -4.734  0.888   5.977   1.00 16.58 ? 1055 LEU A CA  1 
ATOM   726  C C   . LEU A 1 77  ? -5.847  1.185   4.922   1.00 16.45 ? 1055 LEU A C   1 
ATOM   727  O O   . LEU A 1 77  ? -6.991  1.491   5.324   1.00 16.19 ? 1055 LEU A O   1 
ATOM   728  C CB  . LEU A 1 77  ? -3.716  2.038   6.137   1.00 17.61 ? 1055 LEU A CB  1 
ATOM   729  C CG  . LEU A 1 77  ? -4.291  3.375   6.574   1.00 20.07 ? 1055 LEU A CG  1 
ATOM   730  C CD1 . LEU A 1 77  ? -4.992  3.266   7.956   1.00 19.25 ? 1055 LEU A CD1 1 
ATOM   731  C CD2 . LEU A 1 77  ? -3.181  4.469   6.638   1.00 19.67 ? 1055 LEU A CD2 1 
ATOM   732  N N   . ILE A 1 78  ? -5.580  0.991   3.621   1.00 15.39 ? 1056 ILE A N   1 
ATOM   733  C CA  . ILE A 1 78  ? -6.618  1.160   2.574   1.00 16.32 ? 1056 ILE A CA  1 
ATOM   734  C C   . ILE A 1 78  ? -7.755  0.192   2.916   1.00 15.57 ? 1056 ILE A C   1 
ATOM   735  O O   . ILE A 1 78  ? -9.015  0.589   2.891   1.00 17.91 ? 1056 ILE A O   1 
ATOM   736  C CB  . ILE A 1 78  ? -6.077  0.929   1.141   1.00 18.44 ? 1056 ILE A CB  1 
ATOM   737  C CG1 . ILE A 1 78  ? -5.021  1.977   0.783   1.00 16.56 ? 1056 ILE A CG1 1 
ATOM   738  C CG2 . ILE A 1 78  ? -7.224  0.992   0.134   1.00 18.40 ? 1056 ILE A CG2 1 
ATOM   739  C CD1 . ILE A 1 78  ? -4.307  1.746   -0.549  1.00 18.19 ? 1056 ILE A CD1 1 
ATOM   740  N N   . CYS A 1 79  ? -7.434  -1.063  3.195   1.00 15.92 ? 1057 CYS A N   1 
ATOM   741  C CA  . CYS A 1 79  ? -8.444  -2.128  3.441   1.00 17.96 ? 1057 CYS A CA  1 
ATOM   742  C C   . CYS A 1 79  ? -9.151  -1.848  4.792   1.00 19.75 ? 1057 CYS A C   1 
ATOM   743  O O   . CYS A 1 79  ? -10.417 -1.810  4.845   1.00 18.71 ? 1057 CYS A O   1 
ATOM   744  C CB  . CYS A 1 79  ? -7.791  -3.497  3.436   1.00 18.33 ? 1057 CYS A CB  1 
ATOM   745  S SG  . CYS A 1 79  ? -8.913  -4.881  3.827   1.00 21.07 ? 1057 CYS A SG  1 
ATOM   746  N N   . SER A 1 80  ? -8.410  -1.554  5.872   1.00 15.52 ? 1058 SER A N   1 
ATOM   747  C CA  . SER A 1 80  ? -9.080  -1.356  7.185   1.00 17.87 ? 1058 SER A CA  1 
ATOM   748  C C   . SER A 1 80  ? -10.002 -0.112  7.159   1.00 17.72 ? 1058 SER A C   1 
ATOM   749  O O   . SER A 1 80  ? -11.121 -0.164  7.793   1.00 17.53 ? 1058 SER A O   1 
ATOM   750  C CB  . SER A 1 80  ? -8.111  -1.410  8.340   1.00 22.77 ? 1058 SER A CB  1 
ATOM   751  O OG  . SER A 1 80  ? -7.207  -0.354  8.284   1.00 25.06 ? 1058 SER A OG  1 
ATOM   752  N N   . ASN A 1 81  ? -9.651  0.985   6.482   1.00 16.21 ? 1059 ASN A N   1 
ATOM   753  C CA  . ASN A 1 81  ? -10.476 2.192   6.342   1.00 16.75 ? 1059 ASN A CA  1 
ATOM   754  C C   . ASN A 1 81  ? -11.838 1.767   5.728   1.00 19.16 ? 1059 ASN A C   1 
ATOM   755  O O   . ASN A 1 81  ? -12.923 2.252   6.165   1.00 17.37 ? 1059 ASN A O   1 
ATOM   756  C CB  . ASN A 1 81  ? -9.787  3.307   5.529   1.00 15.59 ? 1059 ASN A CB  1 
ATOM   757  C CG  . ASN A 1 81  ? -8.645  4.009   6.294   1.00 16.36 ? 1059 ASN A CG  1 
ATOM   758  O OD1 . ASN A 1 81  ? -8.511  3.860   7.516   1.00 16.80 ? 1059 ASN A OD1 1 
ATOM   759  N ND2 . ASN A 1 81  ? -7.826  4.776   5.583   1.00 17.78 ? 1059 ASN A ND2 1 
ATOM   760  N N   . ALA A 1 82  ? -11.823 0.953   4.653   1.00 17.49 ? 1060 ALA A N   1 
ATOM   761  C CA  . ALA A 1 82  ? -13.089 0.568   3.979   1.00 19.36 ? 1060 ALA A CA  1 
ATOM   762  C C   . ALA A 1 82  ? -13.922 -0.327  4.896   1.00 18.24 ? 1060 ALA A C   1 
ATOM   763  O O   . ALA A 1 82  ? -15.187 -0.135  4.903   1.00 19.51 ? 1060 ALA A O   1 
ATOM   764  C CB  . ALA A 1 82  ? -12.732 -0.111  2.661   1.00 18.20 ? 1060 ALA A CB  1 
ATOM   765  N N   . LEU A 1 83  ? -13.346 -1.258  5.642   1.00 17.98 ? 1061 LEU A N   1 
ATOM   766  C CA  . LEU A 1 83  ? -14.118 -2.116  6.578   1.00 19.93 ? 1061 LEU A CA  1 
ATOM   767  C C   . LEU A 1 83  ? -14.780 -1.278  7.688   1.00 22.26 ? 1061 LEU A C   1 
ATOM   768  O O   . LEU A 1 83  ? -15.914 -1.638  8.134   1.00 23.68 ? 1061 LEU A O   1 
ATOM   769  C CB  . LEU A 1 83  ? -13.293 -3.247  7.183   1.00 21.95 ? 1061 LEU A CB  1 
ATOM   770  C CG  . LEU A 1 83  ? -12.518 -4.155  6.220   1.00 26.76 ? 1061 LEU A CG  1 
ATOM   771  C CD1 . LEU A 1 83  ? -11.850 -5.300  6.964   1.00 27.41 ? 1061 LEU A CD1 1 
ATOM   772  C CD2 . LEU A 1 83  ? -13.335 -4.659  5.063   1.00 25.63 ? 1061 LEU A CD2 1 
ATOM   773  N N   A GLU A 1 84  ? -14.103 -0.207  8.130   0.21 21.23 ? 1062 GLU A N   1 
ATOM   774  N N   B GLU A 1 84  ? -14.128 -0.194  8.119   0.23 20.64 ? 1062 GLU A N   1 
ATOM   775  N N   C GLU A 1 84  ? -14.103 -0.207  8.130   0.21 21.23 ? 1062 GLU A N   1 
ATOM   776  C CA  A GLU A 1 84  ? -14.570 0.703   9.217   0.21 22.22 ? 1062 GLU A CA  1 
ATOM   777  C CA  B GLU A 1 84  ? -14.608 0.668   9.237   0.23 21.51 ? 1062 GLU A CA  1 
ATOM   778  C CA  C GLU A 1 84  ? -14.570 0.703   9.217   0.21 22.22 ? 1062 GLU A CA  1 
ATOM   779  C C   A GLU A 1 84  ? -15.693 1.596   8.683   0.21 21.13 ? 1062 GLU A C   1 
ATOM   780  C C   B GLU A 1 84  ? -15.673 1.644   8.710   0.23 20.70 ? 1062 GLU A C   1 
ATOM   781  C C   C GLU A 1 84  ? -15.693 1.596   8.683   0.21 21.13 ? 1062 GLU A C   1 
ATOM   782  O O   A GLU A 1 84  ? -16.720 1.716   9.375   0.21 21.93 ? 1062 GLU A O   1 
ATOM   783  O O   B GLU A 1 84  ? -16.663 1.870   9.422   0.23 21.30 ? 1062 GLU A O   1 
ATOM   784  O O   C GLU A 1 84  ? -16.720 1.716   9.375   0.21 21.93 ? 1062 GLU A O   1 
ATOM   785  C CB  A GLU A 1 84  ? -13.423 1.568   9.768   0.21 23.76 ? 1062 GLU A CB  1 
ATOM   786  C CB  B GLU A 1 84  ? -13.420 1.370   9.915   0.23 22.71 ? 1062 GLU A CB  1 
ATOM   787  C CB  C GLU A 1 84  ? -13.423 1.568   9.768   0.21 23.76 ? 1062 GLU A CB  1 
ATOM   788  C CG  A GLU A 1 84  ? -13.822 2.411   10.978  0.21 24.76 ? 1062 GLU A CG  1 
ATOM   789  C CG  B GLU A 1 84  ? -12.652 0.488   10.901  0.23 23.48 ? 1062 GLU A CG  1 
ATOM   790  C CG  C GLU A 1 84  ? -13.822 2.411   10.978  0.21 24.76 ? 1062 GLU A CG  1 
ATOM   791  C CD  A GLU A 1 84  ? -12.761 3.317   11.612  0.21 27.98 ? 1062 GLU A CD  1 
ATOM   792  C CD  B GLU A 1 84  ? -11.207 0.893   11.213  0.23 26.13 ? 1062 GLU A CD  1 
ATOM   793  C CD  C GLU A 1 84  ? -12.761 3.317   11.612  0.21 27.98 ? 1062 GLU A CD  1 
ATOM   794  O OE1 A GLU A 1 84  ? -13.071 3.931   12.653  0.21 29.68 ? 1062 GLU A OE1 1 
ATOM   795  O OE1 B GLU A 1 84  ? -10.880 2.078   11.053  0.23 25.22 ? 1062 GLU A OE1 1 
ATOM   796  O OE1 C GLU A 1 84  ? -13.071 3.931   12.653  0.21 29.68 ? 1062 GLU A OE1 1 
ATOM   797  O OE2 A GLU A 1 84  ? -11.644 3.430   11.081  0.21 26.53 ? 1062 GLU A OE2 1 
ATOM   798  O OE2 B GLU A 1 84  ? -10.406 0.016   11.643  0.23 26.29 ? 1062 GLU A OE2 1 
ATOM   799  O OE2 C GLU A 1 84  ? -11.644 3.430   11.081  0.21 26.53 ? 1062 GLU A OE2 1 
ATOM   800  N N   . TYR A 1 85  ? -15.500 2.221   7.519   1.00 19.45 ? 1063 TYR A N   1 
ATOM   801  C CA  . TYR A 1 85  ? -16.444 3.223   6.988   1.00 20.67 ? 1063 TYR A CA  1 
ATOM   802  C C   . TYR A 1 85  ? -17.741 2.582   6.434   1.00 22.85 ? 1063 TYR A C   1 
ATOM   803  O O   . TYR A 1 85  ? -18.824 3.266   6.455   1.00 19.91 ? 1063 TYR A O   1 
ATOM   804  C CB  . TYR A 1 85  ? -15.847 4.154   5.941   1.00 19.91 ? 1063 TYR A CB  1 
ATOM   805  C CG  . TYR A 1 85  ? -16.702 5.377   5.696   1.00 22.66 ? 1063 TYR A CG  1 
ATOM   806  C CD1 . TYR A 1 85  ? -16.775 6.355   6.683   1.00 26.22 ? 1063 TYR A CD1 1 
ATOM   807  C CD2 . TYR A 1 85  ? -17.453 5.555   4.552   1.00 25.91 ? 1063 TYR A CD2 1 
ATOM   808  C CE1 . TYR A 1 85  ? -17.559 7.481   6.512   1.00 27.91 ? 1063 TYR A CE1 1 
ATOM   809  C CE2 . TYR A 1 85  ? -18.289 6.657   4.392   1.00 27.87 ? 1063 TYR A CE2 1 
ATOM   810  C CZ  . TYR A 1 85  ? -18.308 7.633   5.373   1.00 31.04 ? 1063 TYR A CZ  1 
ATOM   811  O OH  . TYR A 1 85  ? -19.061 8.768   5.297   1.00 36.50 ? 1063 TYR A OH  1 
ATOM   812  N N   . ASN A 1 86  ? -17.665 1.328   5.975   0.65 21.87 ? 1064 ASN A N   1 
ATOM   813  C CA  . ASN A 1 86  ? -18.804 0.648   5.288   0.65 21.91 ? 1064 ASN A CA  1 
ATOM   814  C C   . ASN A 1 86  ? -19.088 -0.694  5.950   0.65 21.10 ? 1064 ASN A C   1 
ATOM   815  O O   . ASN A 1 86  ? -18.901 -1.745  5.327   0.65 21.20 ? 1064 ASN A O   1 
ATOM   816  C CB  . ASN A 1 86  ? -18.520 0.524   3.786   0.65 22.96 ? 1064 ASN A CB  1 
ATOM   817  C CG  . ASN A 1 86  ? -18.554 1.853   3.063   0.65 23.41 ? 1064 ASN A CG  1 
ATOM   818  O OD1 . ASN A 1 86  ? -19.630 2.355   2.732   0.65 28.15 ? 1064 ASN A OD1 1 
ATOM   819  N ND2 . ASN A 1 86  ? -17.394 2.428   2.792   0.65 21.68 ? 1064 ASN A ND2 1 
ATOM   820  N N   . PRO A 1 87  ? -19.528 -0.714  7.236   1.00 20.44 ? 1065 PRO A N   1 
ATOM   821  C CA  . PRO A 1 87  ? -19.718 -1.966  7.973   1.00 20.63 ? 1065 PRO A CA  1 
ATOM   822  C C   . PRO A 1 87  ? -21.102 -2.665  7.949   1.00 20.57 ? 1065 PRO A C   1 
ATOM   823  O O   . PRO A 1 87  ? -21.218 -3.728  8.598   1.00 22.09 ? 1065 PRO A O   1 
ATOM   824  C CB  . PRO A 1 87  ? -19.529 -1.455  9.419   1.00 24.11 ? 1065 PRO A CB  1 
ATOM   825  C CG  . PRO A 1 87  ? -20.211 -0.112  9.408   1.00 23.61 ? 1065 PRO A CG  1 
ATOM   826  C CD  . PRO A 1 87  ? -19.849 0.483   8.062   1.00 23.78 ? 1065 PRO A CD  1 
ATOM   827  N N   . ASP A 1 88  ? -22.044 -2.092  7.213   1.00 21.73 ? 1066 ASP A N   1 
ATOM   828  C CA  . ASP A 1 88  ? -23.490 -2.477  7.267   1.00 23.14 ? 1066 ASP A CA  1 
ATOM   829  C C   . ASP A 1 88  ? -23.796 -3.713  6.396   1.00 25.80 ? 1066 ASP A C   1 
ATOM   830  O O   . ASP A 1 88  ? -22.919 -4.161  5.563   1.00 21.28 ? 1066 ASP A O   1 
ATOM   831  C CB  . ASP A 1 88  ? -24.340 -1.255  6.885   1.00 24.30 ? 1066 ASP A CB  1 
ATOM   832  C CG  . ASP A 1 88  ? -24.309 -0.119  7.915   1.00 28.92 ? 1066 ASP A CG  1 
ATOM   833  O OD1 . ASP A 1 88  ? -23.818 -0.347  9.062   1.00 29.91 ? 1066 ASP A OD1 1 
ATOM   834  O OD2 . ASP A 1 88  ? -24.731 1.000   7.547   1.00 36.49 ? 1066 ASP A OD2 1 
ATOM   835  N N   . ARG A 1 89  ? -25.045 -4.230  6.483   1.00 23.52 ? 1067 ARG A N   1 
ATOM   836  C CA  . ARG A 1 89  ? -25.454 -5.486  5.790   1.00 23.36 ? 1067 ARG A CA  1 
ATOM   837  C C   . ARG A 1 89  ? -25.888 -5.197  4.351   1.00 22.35 ? 1067 ARG A C   1 
ATOM   838  O O   . ARG A 1 89  ? -26.101 -6.162  3.589   1.00 24.84 ? 1067 ARG A O   1 
ATOM   839  C CB  . ARG A 1 89  ? -26.548 -6.278  6.546   1.00 28.84 ? 1067 ARG A CB  1 
ATOM   840  C CG  . ARG A 1 89  ? -27.957 -5.678  6.542   1.00 34.09 ? 1067 ARG A CG  1 
ATOM   841  C CD  . ARG A 1 89  ? -29.001 -6.290  5.555   1.00 29.09 ? 1067 ARG A CD  1 
ATOM   842  N NE  . ARG A 1 89  ? -28.804 -7.683  5.139   1.00 29.71 ? 1067 ARG A NE  1 
ATOM   843  C CZ  . ARG A 1 89  ? -29.067 -8.154  3.884   1.00 28.51 ? 1067 ARG A CZ  1 
ATOM   844  N NH1 . ARG A 1 89  ? -28.904 -9.461  3.584   1.00 23.36 ? 1067 ARG A NH1 1 
ATOM   845  N NH2 . ARG A 1 89  ? -29.515 -7.286  2.976   1.00 24.40 ? 1067 ARG A NH2 1 
ATOM   846  N N   . ASP A 1 90  ? -26.087 -3.972  3.971   1.00 22.12 ? 1068 ASP A N   1 
ATOM   847  C CA  . ASP A 1 90  ? -26.681 -3.721  2.656   1.00 26.01 ? 1068 ASP A CA  1 
ATOM   848  C C   . ASP A 1 90  ? -25.653 -4.053  1.561   1.00 25.34 ? 1068 ASP A C   1 
ATOM   849  O O   . ASP A 1 90  ? -24.430 -4.010  1.759   1.00 22.84 ? 1068 ASP A O   1 
ATOM   850  C CB  . ASP A 1 90  ? -27.184 -2.308  2.503   1.00 29.80 ? 1068 ASP A CB  1 
ATOM   851  C CG  . ASP A 1 90  ? -26.094 -1.286  2.661   1.00 35.40 ? 1068 ASP A CG  1 
ATOM   852  O OD1 . ASP A 1 90  ? -25.807 -0.969  3.817   1.00 49.68 ? 1068 ASP A OD1 1 
ATOM   853  O OD2 . ASP A 1 90  ? -25.513 -0.881  1.640   1.00 40.24 ? 1068 ASP A OD2 1 
ATOM   854  N N   . PRO A 1 91  ? -26.153 -4.328  0.360   1.00 23.46 ? 1069 PRO A N   1 
ATOM   855  C CA  . PRO A 1 91  ? -25.290 -4.747  -0.742  1.00 21.69 ? 1069 PRO A CA  1 
ATOM   856  C C   . PRO A 1 91  ? -24.180 -3.733  -1.077  1.00 21.44 ? 1069 PRO A C   1 
ATOM   857  O O   . PRO A 1 91  ? -23.095 -4.193  -1.471  1.00 19.29 ? 1069 PRO A O   1 
ATOM   858  C CB  . PRO A 1 91  ? -26.224 -4.924  -1.942  1.00 22.84 ? 1069 PRO A CB  1 
ATOM   859  C CG  . PRO A 1 91  ? -27.592 -5.094  -1.300  1.00 26.84 ? 1069 PRO A CG  1 
ATOM   860  C CD  . PRO A 1 91  ? -27.581 -4.353  0.014   1.00 24.50 ? 1069 PRO A CD  1 
ATOM   861  N N   . GLY A 1 92  ? -24.432 -2.423  -1.034  1.00 19.60 ? 1070 GLY A N   1 
ATOM   862  C CA  . GLY A 1 92  ? -23.370 -1.459  -1.402  1.00 21.41 ? 1070 GLY A CA  1 
ATOM   863  C C   . GLY A 1 92  ? -22.174 -1.554  -0.440  1.00 21.19 ? 1070 GLY A C   1 
ATOM   864  O O   . GLY A 1 92  ? -20.974 -1.608  -0.910  1.00 20.81 ? 1070 GLY A O   1 
ATOM   865  N N   . ASP A 1 93  ? -22.431 -1.656  0.867   1.00 21.57 ? 1071 ASP A N   1 
ATOM   866  C CA  . ASP A 1 93  ? -21.340 -1.824  1.879   1.00 21.66 ? 1071 ASP A CA  1 
ATOM   867  C C   . ASP A 1 93  ? -20.661 -3.189  1.670   1.00 20.82 ? 1071 ASP A C   1 
ATOM   868  O O   . ASP A 1 93  ? -19.379 -3.273  1.669   1.00 18.97 ? 1071 ASP A O   1 
ATOM   869  C CB  . ASP A 1 93  ? -21.836 -1.661  3.322   1.00 21.56 ? 1071 ASP A CB  1 
ATOM   870  C CG  . ASP A 1 93  ? -22.098 -0.211  3.756   1.00 22.31 ? 1071 ASP A CG  1 
ATOM   871  O OD1 . ASP A 1 93  ? -22.216 0.679   2.876   1.00 23.91 ? 1071 ASP A OD1 1 
ATOM   872  O OD2 . ASP A 1 93  ? -22.053 0.024   5.007   1.00 23.80 ? 1071 ASP A OD2 1 
ATOM   873  N N   . ARG A 1 94  ? -21.421 -4.266  1.472   1.00 18.59 ? 1072 ARG A N   1 
ATOM   874  C CA  . ARG A 1 94  ? -20.819 -5.613  1.358   1.00 19.78 ? 1072 ARG A CA  1 
ATOM   875  C C   . ARG A 1 94  ? -19.912 -5.693  0.092   1.00 16.08 ? 1072 ARG A C   1 
ATOM   876  O O   . ARG A 1 94  ? -18.880 -6.390  0.188   1.00 18.79 ? 1072 ARG A O   1 
ATOM   877  C CB  . ARG A 1 94  ? -21.894 -6.710  1.315   1.00 19.64 ? 1072 ARG A CB  1 
ATOM   878  C CG  . ARG A 1 94  ? -22.532 -6.965  2.676   1.00 27.11 ? 1072 ARG A CG  1 
ATOM   879  C CD  . ARG A 1 94  ? -23.487 -8.151  2.756   1.00 31.13 ? 1072 ARG A CD  1 
ATOM   880  N NE  . ARG A 1 94  ? -23.898 -8.477  4.144   1.00 39.28 ? 1072 ARG A NE  1 
ATOM   881  C CZ  . ARG A 1 94  ? -24.904 -9.322  4.490   1.00 55.33 ? 1072 ARG A CZ  1 
ATOM   882  N NH1 . ARG A 1 94  ? -25.640 -9.915  3.561   1.00 57.90 ? 1072 ARG A NH1 1 
ATOM   883  N NH2 . ARG A 1 94  ? -25.170 -9.586  5.768   1.00 53.42 ? 1072 ARG A NH2 1 
ATOM   884  N N   . LEU A 1 95  ? -20.270 -5.035  -1.010  1.00 17.06 ? 1073 LEU A N   1 
ATOM   885  C CA  . LEU A 1 95  ? -19.464 -5.024  -2.261  1.00 17.12 ? 1073 LEU A CA  1 
ATOM   886  C C   . LEU A 1 95  ? -18.112 -4.304  -2.007  1.00 18.02 ? 1073 LEU A C   1 
ATOM   887  O O   . LEU A 1 95  ? -17.041 -4.856  -2.383  1.00 17.98 ? 1073 LEU A O   1 
ATOM   888  C CB  . LEU A 1 95  ? -20.223 -4.398  -3.422  1.00 16.44 ? 1073 LEU A CB  1 
ATOM   889  C CG  . LEU A 1 95  ? -19.483 -4.314  -4.756  1.00 18.35 ? 1073 LEU A CG  1 
ATOM   890  C CD1 . LEU A 1 95  ? -19.113 -5.682  -5.297  1.00 18.62 ? 1073 LEU A CD1 1 
ATOM   891  C CD2 . LEU A 1 95  ? -20.322 -3.556  -5.768  1.00 19.67 ? 1073 LEU A CD2 1 
ATOM   892  N N   . ILE A 1 96  ? -18.148 -3.140  -1.352  0.65 17.84 ? 1074 ILE A N   1 
ATOM   893  C CA  . ILE A 1 96  ? -16.923 -2.359  -0.976  0.65 18.13 ? 1074 ILE A CA  1 
ATOM   894  C C   . ILE A 1 96  ? -16.007 -3.235  -0.108  0.65 17.85 ? 1074 ILE A C   1 
ATOM   895  O O   . ILE A 1 96  ? -14.773 -3.280  -0.386  0.65 18.47 ? 1074 ILE A O   1 
ATOM   896  C CB  . ILE A 1 96  ? -17.291 -1.027  -0.283  0.65 18.47 ? 1074 ILE A CB  1 
ATOM   897  C CG1 . ILE A 1 96  ? -17.936 -0.052  -1.272  0.65 18.79 ? 1074 ILE A CG1 1 
ATOM   898  C CG2 . ILE A 1 96  ? -16.063 -0.416  0.391   0.65 18.53 ? 1074 ILE A CG2 1 
ATOM   899  C CD1 . ILE A 1 96  ? -18.660 1.120   -0.633  0.65 20.27 ? 1074 ILE A CD1 1 
ATOM   900  N N   . ARG A 1 97  ? -16.559 -3.888  0.920   1.00 18.09 ? 1075 ARG A N   1 
ATOM   901  C CA  . ARG A 1 97  ? -15.749 -4.735  1.847   1.00 16.55 ? 1075 ARG A CA  1 
ATOM   902  C C   . ARG A 1 97  ? -15.131 -5.906  1.052   1.00 18.17 ? 1075 ARG A C   1 
ATOM   903  O O   . ARG A 1 97  ? -13.925 -6.268  1.307   1.00 16.80 ? 1075 ARG A O   1 
ATOM   904  C CB  . ARG A 1 97  ? -16.503 -5.222  3.076   1.00 18.10 ? 1075 ARG A CB  1 
ATOM   905  C CG  . ARG A 1 97  ? -16.973 -4.107  3.995   1.00 19.06 ? 1075 ARG A CG  1 
ATOM   906  C CD  . ARG A 1 97  ? -17.205 -4.667  5.366   1.00 21.25 ? 1075 ARG A CD  1 
ATOM   907  N NE  . ARG A 1 97  ? -18.214 -5.719  5.528   1.00 21.83 ? 1075 ARG A NE  1 
ATOM   908  C CZ  . ARG A 1 97  ? -19.546 -5.557  5.524   1.00 23.87 ? 1075 ARG A CZ  1 
ATOM   909  N NH1 . ARG A 1 97  ? -20.092 -4.394  5.336   1.00 21.73 ? 1075 ARG A NH1 1 
ATOM   910  N NH2 . ARG A 1 97  ? -20.335 -6.593  5.697   1.00 27.72 ? 1075 ARG A NH2 1 
ATOM   911  N N   . HIS A 1 98  ? -15.914 -6.567  0.170   1.00 16.98 ? 1076 HIS A N   1 
ATOM   912  C CA  . HIS A 1 98  ? -15.377 -7.726  -0.594  1.00 17.74 ? 1076 HIS A CA  1 
ATOM   913  C C   . HIS A 1 98  ? -14.191 -7.270  -1.505  1.00 16.04 ? 1076 HIS A C   1 
ATOM   914  O O   . HIS A 1 98  ? -13.112 -7.966  -1.509  1.00 17.24 ? 1076 HIS A O   1 
ATOM   915  C CB  . HIS A 1 98  ? -16.509 -8.419  -1.382  1.00 18.11 ? 1076 HIS A CB  1 
ATOM   916  C CG  . HIS A 1 98  ? -16.114 -9.731  -2.000  1.00 19.82 ? 1076 HIS A CG  1 
ATOM   917  N ND1 . HIS A 1 98  ? -15.609 -9.830  -3.295  1.00 21.66 ? 1076 HIS A ND1 1 
ATOM   918  C CD2 . HIS A 1 98  ? -16.187 -10.992 -1.510  1.00 22.57 ? 1076 HIS A CD2 1 
ATOM   919  C CE1 . HIS A 1 98  ? -15.321 -11.122 -3.538  1.00 23.04 ? 1076 HIS A CE1 1 
ATOM   920  N NE2 . HIS A 1 98  ? -15.685 -11.856 -2.472  1.00 21.29 ? 1076 HIS A NE2 1 
ATOM   921  N N   . ARG A 1 99  ? -14.300 -6.096  -2.105  1.00 16.04 ? 1077 ARG A N   1 
ATOM   922  C CA  . ARG A 1 99  ? -13.257 -5.509  -2.972  1.00 16.44 ? 1077 ARG A CA  1 
ATOM   923  C C   . ARG A 1 99  ? -12.052 -5.102  -2.108  1.00 17.59 ? 1077 ARG A C   1 
ATOM   924  O O   . ARG A 1 99  ? -10.889 -5.300  -2.576  1.00 17.59 ? 1077 ARG A O   1 
ATOM   925  C CB  . ARG A 1 99  ? -13.810 -4.358  -3.806  1.00 17.90 ? 1077 ARG A CB  1 
ATOM   926  C CG  . ARG A 1 99  ? -14.823 -4.779  -4.890  1.00 17.79 ? 1077 ARG A CG  1 
ATOM   927  C CD  . ARG A 1 99  ? -15.508 -3.576  -5.491  1.00 19.04 ? 1077 ARG A CD  1 
ATOM   928  N NE  . ARG A 1 99  ? -16.180 -3.920  -6.754  1.00 19.90 ? 1077 ARG A NE  1 
ATOM   929  C CZ  . ARG A 1 99  ? -16.934 -3.109  -7.465  1.00 19.82 ? 1077 ARG A CZ  1 
ATOM   930  N NH1 . ARG A 1 99  ? -17.123 -1.877  -7.069  1.00 21.59 ? 1077 ARG A NH1 1 
ATOM   931  N NH2 . ARG A 1 99  ? -17.489 -3.539  -8.596  1.00 25.72 ? 1077 ARG A NH2 1 
ATOM   932  N N   . ALA A 1 100 ? -12.277 -4.526  -0.940  1.00 17.06 ? 1078 ALA A N   1 
ATOM   933  C CA  . ALA A 1 100 ? -11.153 -4.146  -0.053  1.00 17.48 ? 1078 ALA A CA  1 
ATOM   934  C C   . ALA A 1 100 ? -10.336 -5.383  0.372   1.00 18.32 ? 1078 ALA A C   1 
ATOM   935  O O   . ALA A 1 100 ? -9.040  -5.308  0.389   1.00 17.44 ? 1078 ALA A O   1 
ATOM   936  C CB  . ALA A 1 100 ? -11.697 -3.386  1.135   1.00 18.28 ? 1078 ALA A CB  1 
ATOM   937  N N   . CYS A 1 101 ? -10.978 -6.475  0.806   1.00 17.31 ? 1079 CYS A N   1 
ATOM   938  C CA  . CYS A 1 101 ? -10.342 -7.756  1.160   1.00 18.93 ? 1079 CYS A CA  1 
ATOM   939  C C   . CYS A 1 101 ? -9.603  -8.323  -0.064  1.00 18.23 ? 1079 CYS A C   1 
ATOM   940  O O   . CYS A 1 101 ? -8.480  -8.840  0.101   1.00 17.92 ? 1079 CYS A O   1 
ATOM   941  C CB  . CYS A 1 101 ? -11.357 -8.742  1.683   1.00 21.15 ? 1079 CYS A CB  1 
ATOM   942  S SG  . CYS A 1 101 ? -11.920 -8.266  3.357   1.00 25.29 ? 1079 CYS A SG  1 
ATOM   943  N N   . ALA A 1 102 ? -10.146 -8.198  -1.253  1.00 18.04 ? 1080 ALA A N   1 
ATOM   944  C CA  . ALA A 1 102 ? -9.491  -8.709  -2.483  1.00 19.06 ? 1080 ALA A CA  1 
ATOM   945  C C   . ALA A 1 102 ? -8.233  -7.889  -2.796  1.00 17.62 ? 1080 ALA A C   1 
ATOM   946  O O   . ALA A 1 102 ? -7.214  -8.494  -3.227  1.00 18.17 ? 1080 ALA A O   1 
ATOM   947  C CB  . ALA A 1 102 ? -10.452 -8.755  -3.676  1.00 16.86 ? 1080 ALA A CB  1 
ATOM   948  N N   . LEU A 1 103 ? -8.242  -6.567  -2.596  1.00 17.01 ? 1081 LEU A N   1 
ATOM   949  C CA  . LEU A 1 103 ? -7.050  -5.702  -2.826  1.00 16.69 ? 1081 LEU A CA  1 
ATOM   950  C C   . LEU A 1 103 ? -5.940  -6.161  -1.882  1.00 16.01 ? 1081 LEU A C   1 
ATOM   951  O O   . LEU A 1 103 ? -4.735  -6.435  -2.346  1.00 16.35 ? 1081 LEU A O   1 
ATOM   952  C CB  . LEU A 1 103 ? -7.422  -4.230  -2.581  1.00 17.91 ? 1081 LEU A CB  1 
ATOM   953  C CG  . LEU A 1 103 ? -6.221  -3.276  -2.545  1.00 21.89 ? 1081 LEU A CG  1 
ATOM   954  C CD1 . LEU A 1 103 ? -5.747  -3.060  -3.909  1.00 24.20 ? 1081 LEU A CD1 1 
ATOM   955  C CD2 . LEU A 1 103 ? -6.621  -1.951  -1.901  1.00 31.57 ? 1081 LEU A CD2 1 
ATOM   956  N N   . ARG A 1 104 ? -6.243  -6.282  -0.602  1.00 16.09 ? 1082 ARG A N   1 
ATOM   957  C CA  . ARG A 1 104 ? -5.263  -6.757  0.416   1.00 18.30 ? 1082 ARG A CA  1 
ATOM   958  C C   . ARG A 1 104 ? -4.722  -8.145  0.059   1.00 18.62 ? 1082 ARG A C   1 
ATOM   959  O O   . ARG A 1 104 ? -3.476  -8.332  0.009   1.00 17.82 ? 1082 ARG A O   1 
ATOM   960  C CB  . ARG A 1 104 ? -5.910  -6.780  1.798   1.00 20.47 ? 1082 ARG A CB  1 
ATOM   961  C CG  . ARG A 1 104 ? -5.088  -7.414  2.920   1.00 24.22 ? 1082 ARG A CG  1 
ATOM   962  C CD  . ARG A 1 104 ? -5.970  -7.808  4.144   1.00 31.62 ? 1082 ARG A CD  1 
ATOM   963  N NE  . ARG A 1 104 ? -6.864  -8.960  3.766   1.00 34.59 ? 1082 ARG A NE  1 
ATOM   964  C CZ  . ARG A 1 104 ? -8.033  -9.309  4.312   1.00 35.90 ? 1082 ARG A CZ  1 
ATOM   965  N NH1 . ARG A 1 104 ? -8.717  -10.324 3.816   1.00 38.15 ? 1082 ARG A NH1 1 
ATOM   966  N NH2 . ARG A 1 104 ? -8.550  -8.643  5.337   1.00 39.63 ? 1082 ARG A NH2 1 
ATOM   967  N N   . ASP A 1 105 ? -5.600  -9.116  -0.215  1.00 17.28 ? 1083 ASP A N   1 
ATOM   968  C CA  . ASP A 1 105 ? -5.181  -10.526 -0.476  1.00 18.32 ? 1083 ASP A CA  1 
ATOM   969  C C   . ASP A 1 105 ? -4.338  -10.587 -1.787  1.00 18.28 ? 1083 ASP A C   1 
ATOM   970  O O   . ASP A 1 105 ? -3.321  -11.390 -1.827  1.00 18.05 ? 1083 ASP A O   1 
ATOM   971  C CB  . ASP A 1 105 ? -6.389  -11.477 -0.530  1.00 21.74 ? 1083 ASP A CB  1 
ATOM   972  C CG  . ASP A 1 105 ? -7.119  -11.628 0.801   1.00 24.74 ? 1083 ASP A CG  1 
ATOM   973  O OD1 . ASP A 1 105 ? -6.551  -11.254 1.863   1.00 26.24 ? 1083 ASP A OD1 1 
ATOM   974  O OD2 . ASP A 1 105 ? -8.258  -12.110 0.762   1.00 27.58 ? 1083 ASP A OD2 1 
ATOM   975  N N   . THR A 1 106 ? -4.684  -9.799  -2.799  1.00 15.42 ? 1084 THR A N   1 
ATOM   976  C CA  . THR A 1 106 ? -3.945  -9.762  -4.092  1.00 17.19 ? 1084 THR A CA  1 
ATOM   977  C C   . THR A 1 106 ? -2.508  -9.217  -3.852  1.00 17.25 ? 1084 THR A C   1 
ATOM   978  O O   . THR A 1 106 ? -1.509  -9.767  -4.394  1.00 16.35 ? 1084 THR A O   1 
ATOM   979  C CB  . THR A 1 106 ? -4.756  -9.022  -5.160  1.00 18.42 ? 1084 THR A CB  1 
ATOM   980  O OG1 . THR A 1 106 ? -6.031  -9.659  -5.392  1.00 18.48 ? 1084 THR A OG1 1 
ATOM   981  C CG2 . THR A 1 106 ? -4.000  -8.988  -6.478  1.00 21.23 ? 1084 THR A CG2 1 
ATOM   982  N N   . ALA A 1 107 ? -2.382  -8.115  -3.120  1.00 16.73 ? 1085 ALA A N   1 
ATOM   983  C CA  . ALA A 1 107 ? -1.062  -7.530  -2.818  1.00 15.44 ? 1085 ALA A CA  1 
ATOM   984  C C   . ALA A 1 107 ? -0.210  -8.587  -2.107  1.00 16.52 ? 1085 ALA A C   1 
ATOM   985  O O   . ALA A 1 107 ? 1.011   -8.793  -2.492  1.00 16.96 ? 1085 ALA A O   1 
ATOM   986  C CB  . ALA A 1 107 ? -1.243  -6.280  -1.968  1.00 15.39 ? 1085 ALA A CB  1 
ATOM   987  N N   . TYR A 1 108 ? -0.724  -9.199  -1.033  1.00 16.97 ? 1086 TYR A N   1 
ATOM   988  C CA  . TYR A 1 108 ? 0.045   -10.214 -0.298  1.00 17.75 ? 1086 TYR A CA  1 
ATOM   989  C C   . TYR A 1 108 ? 0.439   -11.405 -1.200  1.00 17.94 ? 1086 TYR A C   1 
ATOM   990  O O   . TYR A 1 108 ? 1.574   -11.928 -0.976  1.00 17.98 ? 1086 TYR A O   1 
ATOM   991  C CB  . TYR A 1 108 ? -0.694  -10.659 0.966   1.00 18.62 ? 1086 TYR A CB  1 
ATOM   992  C CG  . TYR A 1 108 ? -0.532  -9.759  2.174   1.00 17.44 ? 1086 TYR A CG  1 
ATOM   993  C CD1 . TYR A 1 108 ? -1.262  -8.586  2.342   1.00 19.93 ? 1086 TYR A CD1 1 
ATOM   994  C CD2 . TYR A 1 108 ? 0.423   -10.023 3.144   1.00 20.60 ? 1086 TYR A CD2 1 
ATOM   995  C CE1 . TYR A 1 108 ? -1.119  -7.768  3.474   1.00 19.85 ? 1086 TYR A CE1 1 
ATOM   996  C CE2 . TYR A 1 108 ? 0.545   -9.260  4.298   1.00 23.03 ? 1086 TYR A CE2 1 
ATOM   997  C CZ  . TYR A 1 108 ? -0.210  -8.107  4.467   1.00 22.35 ? 1086 TYR A CZ  1 
ATOM   998  O OH  . TYR A 1 108 ? 0.011   -7.338  5.615   1.00 24.32 ? 1086 TYR A OH  1 
ATOM   999  N N   . ALA A 1 109 ? -0.441  -11.868 -2.094  1.00 17.16 ? 1087 ALA A N   1 
ATOM   1000 C CA  . ALA A 1 109 ? -0.168  -13.037 -2.955  1.00 18.21 ? 1087 ALA A CA  1 
ATOM   1001 C C   . ALA A 1 109 ? 0.932   -12.694 -3.991  1.00 17.71 ? 1087 ALA A C   1 
ATOM   1002 O O   . ALA A 1 109 ? 1.818   -13.538 -4.252  1.00 18.71 ? 1087 ALA A O   1 
ATOM   1003 C CB  . ALA A 1 109 ? -1.435  -13.503 -3.624  1.00 20.16 ? 1087 ALA A CB  1 
ATOM   1004 N N   . ILE A 1 110 ? 0.896   -11.514 -4.591  1.00 16.92 ? 1088 ILE A N   1 
ATOM   1005 C CA  . ILE A 1 110 ? 1.977   -11.088 -5.537  1.00 16.22 ? 1088 ILE A CA  1 
ATOM   1006 C C   . ILE A 1 110 ? 3.301   -11.081 -4.770  1.00 17.09 ? 1088 ILE A C   1 
ATOM   1007 O O   . ILE A 1 110 ? 4.322   -11.612 -5.311  1.00 17.45 ? 1088 ILE A O   1 
ATOM   1008 C CB  . ILE A 1 110 ? 1.655   -9.746  -6.209  1.00 16.76 ? 1088 ILE A CB  1 
ATOM   1009 C CG1 . ILE A 1 110 ? 0.441   -9.833  -7.111  1.00 18.19 ? 1088 ILE A CG1 1 
ATOM   1010 C CG2 . ILE A 1 110 ? 2.873   -9.153  -6.947  1.00 16.29 ? 1088 ILE A CG2 1 
ATOM   1011 C CD1 . ILE A 1 110 ? -0.041  -8.487  -7.637  1.00 20.74 ? 1088 ILE A CD1 1 
ATOM   1012 N N   . ILE A 1 111 ? 3.352   -10.470 -3.602  1.00 17.17 ? 1089 ILE A N   1 
ATOM   1013 C CA  . ILE A 1 111 ? 4.598   -10.368 -2.803  1.00 18.93 ? 1089 ILE A CA  1 
ATOM   1014 C C   . ILE A 1 111 ? 5.093   -11.771 -2.386  1.00 20.43 ? 1089 ILE A C   1 
ATOM   1015 O O   . ILE A 1 111 ? 6.318   -12.038 -2.507  1.00 19.50 ? 1089 ILE A O   1 
ATOM   1016 C CB  . ILE A 1 111 ? 4.395   -9.333  -1.675  1.00 22.19 ? 1089 ILE A CB  1 
ATOM   1017 C CG1 . ILE A 1 111 ? 4.403   -7.907  -2.277  1.00 24.17 ? 1089 ILE A CG1 1 
ATOM   1018 C CG2 . ILE A 1 111 ? 5.406   -9.570  -0.597  1.00 25.80 ? 1089 ILE A CG2 1 
ATOM   1019 C CD1 . ILE A 1 111 ? 3.797   -6.824  -1.404  1.00 28.79 ? 1089 ILE A CD1 1 
ATOM   1020 N N   . LYS A 1 112 ? 4.218   -12.666 -1.978  1.00 19.59 ? 1090 LYS A N   1 
ATOM   1021 C CA  . LYS A 1 112 ? 4.638   -14.045 -1.609  1.00 22.55 ? 1090 LYS A CA  1 
ATOM   1022 C C   . LYS A 1 112 ? 5.306   -14.733 -2.809  1.00 22.68 ? 1090 LYS A C   1 
ATOM   1023 O O   . LYS A 1 112 ? 6.277   -15.471 -2.577  1.00 24.76 ? 1090 LYS A O   1 
ATOM   1024 C CB  . LYS A 1 112 ? 3.423   -14.868 -1.142  1.00 27.27 ? 1090 LYS A CB  1 
ATOM   1025 C CG  . LYS A 1 112 ? 3.820   -16.252 -0.591  1.00 32.50 ? 1090 LYS A CG  1 
ATOM   1026 C CD  . LYS A 1 112 ? 2.647   -17.158 -0.268  1.00 43.17 ? 1090 LYS A CD  1 
ATOM   1027 C CE  . LYS A 1 112 ? 3.076   -18.407 0.491   1.00 54.95 ? 1090 LYS A CE  1 
ATOM   1028 N NZ  . LYS A 1 112 ? 1.910   -19.285 0.711   1.00 62.61 ? 1090 LYS A NZ  1 
ATOM   1029 N N   . GLU A 1 113 ? 4.833   -14.545 -4.027  1.00 20.26 ? 1091 GLU A N   1 
ATOM   1030 C CA  . GLU A 1 113 ? 5.337   -15.245 -5.235  1.00 22.42 ? 1091 GLU A CA  1 
ATOM   1031 C C   . GLU A 1 113 ? 6.577   -14.539 -5.777  1.00 22.85 ? 1091 GLU A C   1 
ATOM   1032 O O   . GLU A 1 113 ? 7.382   -15.275 -6.406  1.00 26.80 ? 1091 GLU A O   1 
ATOM   1033 C CB  . GLU A 1 113 ? 4.376   -15.287 -6.438  1.00 30.84 ? 1091 GLU A CB  1 
ATOM   1034 C CG  . GLU A 1 113 ? 3.225   -16.260 -6.348  1.00 43.66 ? 1091 GLU A CG  1 
ATOM   1035 C CD  . GLU A 1 113 ? 2.591   -16.693 -7.685  1.00 57.06 ? 1091 GLU A CD  1 
ATOM   1036 O OE1 . GLU A 1 113 ? 2.645   -15.926 -8.704  1.00 50.09 ? 1091 GLU A OE1 1 
ATOM   1037 O OE2 . GLU A 1 113 ? 2.025   -17.818 -7.715  1.00 66.27 ? 1091 GLU A OE2 1 
ATOM   1038 N N   . GLU A 1 114 ? 6.729   -13.209 -5.636  1.00 17.42 ? 1092 GLU A N   1 
ATOM   1039 C CA  . GLU A 1 114 ? 7.711   -12.414 -6.450  1.00 18.24 ? 1092 GLU A CA  1 
ATOM   1040 C C   . GLU A 1 114 ? 8.798   -11.742 -5.602  1.00 19.57 ? 1092 GLU A C   1 
ATOM   1041 O O   . GLU A 1 114 ? 9.834   -11.346 -6.227  1.00 22.39 ? 1092 GLU A O   1 
ATOM   1042 C CB  . GLU A 1 114 ? 6.985   -11.382 -7.340  1.00 17.05 ? 1092 GLU A CB  1 
ATOM   1043 C CG  . GLU A 1 114 ? 6.042   -12.045 -8.350  1.00 19.60 ? 1092 GLU A CG  1 
ATOM   1044 C CD  . GLU A 1 114 ? 5.232   -11.129 -9.231  1.00 19.96 ? 1092 GLU A CD  1 
ATOM   1045 O OE1 . GLU A 1 114 ? 5.726   -10.022 -9.579  1.00 20.81 ? 1092 GLU A OE1 1 
ATOM   1046 O OE2 . GLU A 1 114 ? 4.117   -11.538 -9.650  1.00 21.03 ? 1092 GLU A OE2 1 
ATOM   1047 N N   . LEU A 1 115 ? 8.649   -11.598 -4.296  1.00 18.52 ? 1093 LEU A N   1 
ATOM   1048 C CA  . LEU A 1 115 ? 9.670   -10.945 -3.416  1.00 19.35 ? 1093 LEU A CA  1 
ATOM   1049 C C   . LEU A 1 115 ? 10.633  -12.036 -2.902  1.00 20.86 ? 1093 LEU A C   1 
ATOM   1050 O O   . LEU A 1 115 ? 10.186  -12.976 -2.241  1.00 22.13 ? 1093 LEU A O   1 
ATOM   1051 C CB  . LEU A 1 115 ? 8.982   -10.240 -2.244  1.00 22.27 ? 1093 LEU A CB  1 
ATOM   1052 C CG  . LEU A 1 115 ? 9.891   -9.758  -1.093  1.00 25.97 ? 1093 LEU A CG  1 
ATOM   1053 C CD1 . LEU A 1 115 ? 10.778  -8.641  -1.609  1.00 24.26 ? 1093 LEU A CD1 1 
ATOM   1054 C CD2 . LEU A 1 115 ? 9.093   -9.332  0.145   1.00 26.31 ? 1093 LEU A CD2 1 
ATOM   1055 N N   . ASP A 1 116 ? 11.934  -11.897 -3.086  1.00 19.46 ? 1094 ASP A N   1 
ATOM   1056 C CA  . ASP A 1 116 ? 12.911  -12.805 -2.424  1.00 22.10 ? 1094 ASP A CA  1 
ATOM   1057 C C   . ASP A 1 116 ? 13.024  -12.441 -0.942  1.00 21.50 ? 1094 ASP A C   1 
ATOM   1058 O O   . ASP A 1 116 ? 13.292  -11.264 -0.637  1.00 20.50 ? 1094 ASP A O   1 
ATOM   1059 C CB  . ASP A 1 116 ? 14.245  -12.678 -3.156  1.00 23.14 ? 1094 ASP A CB  1 
ATOM   1060 C CG  . ASP A 1 116 ? 15.255  -13.735 -2.714  1.00 28.10 ? 1094 ASP A CG  1 
ATOM   1061 O OD1 . ASP A 1 116 ? 15.547  -13.814 -1.510  1.00 26.71 ? 1094 ASP A OD1 1 
ATOM   1062 O OD2 . ASP A 1 116 ? 15.782  -14.440 -3.608  1.00 26.79 ? 1094 ASP A OD2 1 
ATOM   1063 N N   A GLU A 1 117 ? 12.858  -13.423 -0.046  0.15 22.17 ? 1095 GLU A N   1 
ATOM   1064 N N   B GLU A 1 117 ? 12.877  -13.427 -0.043  0.19 21.01 ? 1095 GLU A N   1 
ATOM   1065 N N   C GLU A 1 117 ? 12.858  -13.423 -0.046  0.15 22.17 ? 1095 GLU A N   1 
ATOM   1066 C CA  A GLU A 1 117 ? 12.920  -13.238 1.431   0.15 24.01 ? 1095 GLU A CA  1 
ATOM   1067 C CA  B GLU A 1 117 ? 12.912  -13.233 1.437   0.19 22.31 ? 1095 GLU A CA  1 
ATOM   1068 C CA  C GLU A 1 117 ? 12.920  -13.238 1.431   0.15 24.01 ? 1095 GLU A CA  1 
ATOM   1069 C C   A GLU A 1 117 ? 14.269  -12.630 1.844   0.15 22.24 ? 1095 GLU A C   1 
ATOM   1070 C C   B GLU A 1 117 ? 14.275  -12.665 1.874   0.19 21.23 ? 1095 GLU A C   1 
ATOM   1071 C C   C GLU A 1 117 ? 14.269  -12.630 1.844   0.15 22.24 ? 1095 GLU A C   1 
ATOM   1072 O O   A GLU A 1 117 ? 14.280  -11.818 2.797   0.15 21.44 ? 1095 GLU A O   1 
ATOM   1073 O O   B GLU A 1 117 ? 14.300  -11.904 2.873   0.19 20.43 ? 1095 GLU A O   1 
ATOM   1074 O O   C GLU A 1 117 ? 14.280  -11.818 2.797   0.15 21.44 ? 1095 GLU A O   1 
ATOM   1075 C CB  A GLU A 1 117 ? 12.680  -14.569 2.156   0.15 27.55 ? 1095 GLU A CB  1 
ATOM   1076 C CB  B GLU A 1 117 ? 12.546  -14.530 2.181   0.19 24.54 ? 1095 GLU A CB  1 
ATOM   1077 C CB  C GLU A 1 117 ? 12.680  -14.569 2.156   0.15 27.55 ? 1095 GLU A CB  1 
ATOM   1078 C CG  A GLU A 1 117 ? 11.234  -15.035 2.106   0.15 31.16 ? 1095 GLU A CG  1 
ATOM   1079 C CG  B GLU A 1 117 ? 13.545  -15.673 2.030   0.19 26.47 ? 1095 GLU A CG  1 
ATOM   1080 C CG  C GLU A 1 117 ? 11.234  -15.035 2.106   0.15 31.16 ? 1095 GLU A CG  1 
ATOM   1081 C CD  A GLU A 1 117 ? 10.882  -16.203 3.019   0.15 34.73 ? 1095 GLU A CD  1 
ATOM   1082 C CD  B GLU A 1 117 ? 13.181  -16.980 2.735   0.19 28.74 ? 1095 GLU A CD  1 
ATOM   1083 C CD  C GLU A 1 117 ? 10.882  -16.203 3.019   0.15 34.73 ? 1095 GLU A CD  1 
ATOM   1084 O OE1 A GLU A 1 117 ? 11.621  -16.444 4.008   0.15 36.21 ? 1095 GLU A OE1 1 
ATOM   1085 O OE1 B GLU A 1 117 ? 11.979  -17.265 2.896   0.19 29.51 ? 1095 GLU A OE1 1 
ATOM   1086 O OE1 C GLU A 1 117 ? 11.621  -16.444 4.008   0.15 36.21 ? 1095 GLU A OE1 1 
ATOM   1087 O OE2 A GLU A 1 117 ? 9.859   -16.861 2.747   0.15 39.08 ? 1095 GLU A OE2 1 
ATOM   1088 O OE2 B GLU A 1 117 ? 14.103  -17.715 3.129   0.19 33.85 ? 1095 GLU A OE2 1 
ATOM   1089 O OE2 C GLU A 1 117 ? 9.859   -16.861 2.747   0.15 39.08 ? 1095 GLU A OE2 1 
ATOM   1090 N N   . ASP A 1 118 ? 15.370  -13.013 1.182   1.00 21.37 ? 1096 ASP A N   1 
ATOM   1091 C CA  . ASP A 1 118 ? 16.722  -12.479 1.557   1.00 20.32 ? 1096 ASP A CA  1 
ATOM   1092 C C   . ASP A 1 118 ? 16.848  -10.982 1.125   1.00 18.99 ? 1096 ASP A C   1 
ATOM   1093 O O   . ASP A 1 118 ? 17.618  -10.227 1.724   1.00 19.91 ? 1096 ASP A O   1 
ATOM   1094 C CB  . ASP A 1 118 ? 17.841  -13.341 0.994   1.00 23.15 ? 1096 ASP A CB  1 
ATOM   1095 C CG  . ASP A 1 118 ? 17.963  -14.699 1.691   1.00 28.56 ? 1096 ASP A CG  1 
ATOM   1096 O OD1 . ASP A 1 118 ? 17.415  -14.884 2.775   1.00 27.92 ? 1096 ASP A OD1 1 
ATOM   1097 O OD2 . ASP A 1 118 ? 18.475  -15.560 1.060   1.00 35.80 ? 1096 ASP A OD2 1 
ATOM   1098 N N   . PHE A 1 119 ? 16.171  -10.564 0.056   1.00 18.76 ? 1097 PHE A N   1 
ATOM   1099 C CA  . PHE A 1 119 ? 16.086  -9.136  -0.386  1.00 18.71 ? 1097 PHE A CA  1 
ATOM   1100 C C   . PHE A 1 119 ? 15.340  -8.310  0.687   1.00 17.33 ? 1097 PHE A C   1 
ATOM   1101 O O   . PHE A 1 119 ? 15.890  -7.256  1.116   1.00 18.42 ? 1097 PHE A O   1 
ATOM   1102 C CB  . PHE A 1 119 ? 15.421  -8.968  -1.759  1.00 16.80 ? 1097 PHE A CB  1 
ATOM   1103 C CG  . PHE A 1 119 ? 15.400  -7.547  -2.242  1.00 16.70 ? 1097 PHE A CG  1 
ATOM   1104 C CD1 . PHE A 1 119 ? 16.502  -6.976  -2.858  1.00 17.55 ? 1097 PHE A CD1 1 
ATOM   1105 C CD2 . PHE A 1 119 ? 14.307  -6.722  -1.939  1.00 17.83 ? 1097 PHE A CD2 1 
ATOM   1106 C CE1 . PHE A 1 119 ? 16.480  -5.646  -3.260  1.00 18.76 ? 1097 PHE A CE1 1 
ATOM   1107 C CE2 . PHE A 1 119 ? 14.293  -5.403  -2.347  1.00 17.89 ? 1097 PHE A CE2 1 
ATOM   1108 C CZ  . PHE A 1 119 ? 15.406  -4.859  -2.935  1.00 16.74 ? 1097 PHE A CZ  1 
ATOM   1109 N N   . GLU A 1 120 ? 14.217  -8.782  1.186   1.00 17.16 ? 1098 GLU A N   1 
ATOM   1110 C CA  . GLU A 1 120 ? 13.506  -8.071  2.277   1.00 18.93 ? 1098 GLU A CA  1 
ATOM   1111 C C   . GLU A 1 120 ? 14.395  -8.020  3.538   1.00 19.95 ? 1098 GLU A C   1 
ATOM   1112 O O   . GLU A 1 120 ? 14.427  -6.980  4.176   1.00 20.00 ? 1098 GLU A O   1 
ATOM   1113 C CB  . GLU A 1 120 ? 12.140  -8.731  2.554   1.00 21.68 ? 1098 GLU A CB  1 
ATOM   1114 C CG  . GLU A 1 120 ? 11.377  -8.139  3.749   1.00 21.66 ? 1098 GLU A CG  1 
ATOM   1115 C CD  . GLU A 1 120 ? 10.909  -6.672  3.705   1.00 25.95 ? 1098 GLU A CD  1 
ATOM   1116 O OE1 . GLU A 1 120 ? 11.155  -6.011  2.656   1.00 26.89 ? 1098 GLU A OE1 1 
ATOM   1117 O OE2 . GLU A 1 120 ? 10.265  -6.157  4.740   1.00 26.44 ? 1098 GLU A OE2 1 
ATOM   1118 N N   . GLN A 1 121 ? 15.103  -9.105  3.885   1.00 19.71 ? 1099 GLN A N   1 
ATOM   1119 C CA  . GLN A 1 121 ? 15.922  -9.126  5.129   1.00 18.57 ? 1099 GLN A CA  1 
ATOM   1120 C C   . GLN A 1 121 ? 17.050  -8.097  4.985   1.00 19.20 ? 1099 GLN A C   1 
ATOM   1121 O O   . GLN A 1 121 ? 17.322  -7.372  5.979   1.00 20.04 ? 1099 GLN A O   1 
ATOM   1122 C CB  . GLN A 1 121 ? 16.373  -10.565 5.424   1.00 21.06 ? 1099 GLN A CB  1 
ATOM   1123 C CG  . GLN A 1 121 ? 17.167  -10.654 6.729   1.00 24.67 ? 1099 GLN A CG  1 
ATOM   1124 C CD  . GLN A 1 121 ? 16.260  -10.405 7.911   1.00 30.67 ? 1099 GLN A CD  1 
ATOM   1125 O OE1 . GLN A 1 121 ? 15.078  -10.771 7.863   1.00 30.91 ? 1099 GLN A OE1 1 
ATOM   1126 N NE2 . GLN A 1 121 ? 16.789  -9.764  8.951   1.00 28.16 ? 1099 GLN A NE2 1 
ATOM   1127 N N   . LEU A 1 122 ? 17.670  -7.987  3.791   1.00 18.41 ? 1100 LEU A N   1 
ATOM   1128 C CA  . LEU A 1 122 ? 18.708  -6.973  3.536   1.00 19.15 ? 1100 LEU A CA  1 
ATOM   1129 C C   . LEU A 1 122 ? 18.149  -5.559  3.773   1.00 20.09 ? 1100 LEU A C   1 
ATOM   1130 O O   . LEU A 1 122 ? 18.831  -4.744  4.460   1.00 20.60 ? 1100 LEU A O   1 
ATOM   1131 C CB  . LEU A 1 122 ? 19.283  -7.139  2.124   1.00 18.94 ? 1100 LEU A CB  1 
ATOM   1132 C CG  . LEU A 1 122 ? 20.346  -6.098  1.773   1.00 20.41 ? 1100 LEU A CG  1 
ATOM   1133 C CD1 . LEU A 1 122 ? 21.517  -6.085  2.774   1.00 23.43 ? 1100 LEU A CD1 1 
ATOM   1134 C CD2 . LEU A 1 122 ? 20.845  -6.311  0.358   1.00 23.10 ? 1100 LEU A CD2 1 
ATOM   1135 N N   . CYS A 1 123 ? 16.961  -5.243  3.203   1.00 18.90 ? 1101 CYS A N   1 
ATOM   1136 C CA  . CYS A 1 123 ? 16.366  -3.900  3.390   1.00 19.54 ? 1101 CYS A CA  1 
ATOM   1137 C C   . CYS A 1 123 ? 16.157  -3.652  4.909   1.00 20.27 ? 1101 CYS A C   1 
ATOM   1138 O O   . CYS A 1 123 ? 16.491  -2.548  5.339   1.00 20.83 ? 1101 CYS A O   1 
ATOM   1139 C CB  . CYS A 1 123 ? 15.042  -3.740  2.628   1.00 18.22 ? 1101 CYS A CB  1 
ATOM   1140 S SG  . CYS A 1 123 ? 15.188  -3.767  0.832   1.00 19.21 ? 1101 CYS A SG  1 
ATOM   1141 N N   . GLU A 1 124 ? 15.681  -4.632  5.681   1.00 20.25 ? 1102 GLU A N   1 
ATOM   1142 C CA  . GLU A 1 124 ? 15.344  -4.483  7.129   1.00 22.99 ? 1102 GLU A CA  1 
ATOM   1143 C C   . GLU A 1 124 ? 16.662  -4.182  7.873   1.00 26.93 ? 1102 GLU A C   1 
ATOM   1144 O O   . GLU A 1 124 ? 16.698  -3.281  8.786   1.00 26.03 ? 1102 GLU A O   1 
ATOM   1145 C CB  . GLU A 1 124 ? 14.582  -5.711  7.660   1.00 24.60 ? 1102 GLU A CB  1 
ATOM   1146 C CG  . GLU A 1 124 ? 13.130  -5.807  7.136   1.00 34.12 ? 1102 GLU A CG  1 
ATOM   1147 C CD  . GLU A 1 124 ? 12.192  -6.921  7.629   1.00 47.04 ? 1102 GLU A CD  1 
ATOM   1148 O OE1 . GLU A 1 124 ? 12.552  -7.515  8.649   1.00 46.04 ? 1102 GLU A OE1 1 
ATOM   1149 O OE2 . GLU A 1 124 ? 11.043  -7.191  6.999   1.00 37.84 ? 1102 GLU A OE2 1 
ATOM   1150 N N   . GLU A 1 125 ? 17.760  -4.882  7.510   1.00 24.66 ? 1103 GLU A N   1 
ATOM   1151 C CA  . GLU A 1 125 ? 19.078  -4.736  8.209   1.00 23.25 ? 1103 GLU A CA  1 
ATOM   1152 C C   . GLU A 1 125 ? 19.728  -3.390  7.868   1.00 26.56 ? 1103 GLU A C   1 
ATOM   1153 O O   . GLU A 1 125 ? 20.266  -2.723  8.832   1.00 30.97 ? 1103 GLU A O   1 
ATOM   1154 C CB  . GLU A 1 125 ? 19.985  -5.958  7.984   1.00 22.91 ? 1103 GLU A CB  1 
ATOM   1155 C CG  . GLU A 1 125 ? 19.516  -7.158  8.781   1.00 24.28 ? 1103 GLU A CG  1 
ATOM   1156 C CD  . GLU A 1 125 ? 20.266  -8.479  8.710   1.00 24.37 ? 1103 GLU A CD  1 
ATOM   1157 O OE1 . GLU A 1 125 ? 21.412  -8.494  8.174   1.00 23.98 ? 1103 GLU A OE1 1 
ATOM   1158 O OE2 . GLU A 1 125 ? 19.683  -9.493  9.167   1.00 25.38 ? 1103 GLU A OE2 1 
ATOM   1159 N N   . ILE A 1 126 ? 19.653  -2.897  6.634   1.00 22.63 ? 1104 ILE A N   1 
ATOM   1160 C CA  . ILE A 1 126 ? 20.119  -1.513  6.307   1.00 24.24 ? 1104 ILE A CA  1 
ATOM   1161 C C   . ILE A 1 126 ? 19.291  -0.501  7.153   1.00 28.67 ? 1104 ILE A C   1 
ATOM   1162 O O   . ILE A 1 126 ? 19.922  0.317   7.855   1.00 31.77 ? 1104 ILE A O   1 
ATOM   1163 C CB  . ILE A 1 126 ? 20.065  -1.189  4.801   1.00 23.37 ? 1104 ILE A CB  1 
ATOM   1164 C CG1 . ILE A 1 126 ? 20.859  -2.153  3.925   1.00 22.49 ? 1104 ILE A CG1 1 
ATOM   1165 C CG2 . ILE A 1 126 ? 20.536  0.245   4.588   1.00 25.02 ? 1104 ILE A CG2 1 
ATOM   1166 C CD1 . ILE A 1 126 ? 20.549  -2.166  2.451   1.00 21.98 ? 1104 ILE A CD1 1 
ATOM   1167 N N   . GLN A 1 127 ? 17.944  -0.524  7.078   1.00 29.70 ? 1105 GLN A N   1 
ATOM   1168 C CA  . GLN A 1 127 ? 17.004  0.377   7.852   1.00 32.18 ? 1105 GLN A CA  1 
ATOM   1169 C C   . GLN A 1 127 ? 17.423  0.428   9.360   1.00 36.34 ? 1105 GLN A C   1 
ATOM   1170 O O   . GLN A 1 127 ? 17.569  1.530   9.919   1.00 33.98 ? 1105 GLN A O   1 
ATOM   1171 C CB  . GLN A 1 127 ? 15.525  -0.042  7.645   1.00 33.01 ? 1105 GLN A CB  1 
ATOM   1172 C CG  . GLN A 1 127 ? 14.482  0.756   8.481   1.00 33.81 ? 1105 GLN A CG  1 
ATOM   1173 C CD  . GLN A 1 127 ? 13.042  0.279   8.362   1.00 40.56 ? 1105 GLN A CD  1 
ATOM   1174 O OE1 . GLN A 1 127 ? 12.701  -0.864  8.681   1.00 40.56 ? 1105 GLN A OE1 1 
ATOM   1175 N NE2 . GLN A 1 127 ? 12.148  1.144   7.894   1.00 39.89 ? 1105 GLN A NE2 1 
ATOM   1176 N N   A GLU A 1 128 ? 17.610  -0.742  9.976   0.15 36.42 ? 1106 GLU A N   1 
ATOM   1177 N N   B GLU A 1 128 ? 17.600  -0.735  9.993   0.20 34.46 ? 1106 GLU A N   1 
ATOM   1178 N N   C GLU A 1 128 ? 17.610  -0.742  9.976   0.15 36.42 ? 1106 GLU A N   1 
ATOM   1179 C CA  A GLU A 1 128 ? 17.947  -0.905  11.420  0.15 39.57 ? 1106 GLU A CA  1 
ATOM   1180 C CA  B GLU A 1 128 ? 17.936  -0.850  11.442  0.20 37.04 ? 1106 GLU A CA  1 
ATOM   1181 C CA  C GLU A 1 128 ? 17.947  -0.905  11.420  0.15 39.57 ? 1106 GLU A CA  1 
ATOM   1182 C C   A GLU A 1 128 ? 19.302  -0.256  11.734  0.15 41.10 ? 1106 GLU A C   1 
ATOM   1183 C C   B GLU A 1 128 ? 19.293  -0.191  11.723  0.20 39.68 ? 1106 GLU A C   1 
ATOM   1184 C C   C GLU A 1 128 ? 19.302  -0.256  11.734  0.15 41.10 ? 1106 GLU A C   1 
ATOM   1185 O O   A GLU A 1 128 ? 19.473  0.223   12.880  0.15 42.25 ? 1106 GLU A O   1 
ATOM   1186 O O   B GLU A 1 128 ? 19.458  0.372   12.833  0.20 40.89 ? 1106 GLU A O   1 
ATOM   1187 O O   C GLU A 1 128 ? 19.473  0.223   12.880  0.15 42.25 ? 1106 GLU A O   1 
ATOM   1188 C CB  A GLU A 1 128 ? 17.952  -2.387  11.797  0.15 40.78 ? 1106 GLU A CB  1 
ATOM   1189 C CB  B GLU A 1 128 ? 17.958  -2.308  11.897  0.20 36.47 ? 1106 GLU A CB  1 
ATOM   1190 C CB  C GLU A 1 128 ? 17.952  -2.387  11.797  0.15 40.78 ? 1106 GLU A CB  1 
ATOM   1191 C CG  A GLU A 1 128 ? 16.615  -2.869  12.329  0.15 42.97 ? 1106 GLU A CG  1 
ATOM   1192 C CG  B GLU A 1 128 ? 18.357  -2.473  13.356  0.20 37.51 ? 1106 GLU A CG  1 
ATOM   1193 C CG  C GLU A 1 128 ? 16.615  -2.869  12.329  0.15 42.97 ? 1106 GLU A CG  1 
ATOM   1194 C CD  A GLU A 1 128 ? 16.304  -4.337  12.092  0.15 46.45 ? 1106 GLU A CD  1 
ATOM   1195 C CD  B GLU A 1 128 ? 17.394  -1.853  14.355  0.20 38.85 ? 1106 GLU A CD  1 
ATOM   1196 C CD  C GLU A 1 128 ? 16.304  -4.337  12.092  0.15 46.45 ? 1106 GLU A CD  1 
ATOM   1197 O OE1 A GLU A 1 128 ? 17.201  -5.078  11.630  0.15 48.43 ? 1106 GLU A OE1 1 
ATOM   1198 O OE1 B GLU A 1 128 ? 17.835  -1.527  15.476  0.20 39.87 ? 1106 GLU A OE1 1 
ATOM   1199 O OE1 C GLU A 1 128 ? 17.201  -5.078  11.630  0.15 48.43 ? 1106 GLU A OE1 1 
ATOM   1200 O OE2 A GLU A 1 128 ? 15.157  -4.736  12.364  0.15 48.76 ? 1106 GLU A OE2 1 
ATOM   1201 O OE2 B GLU A 1 128 ? 16.206  -1.704  14.018  0.20 38.95 ? 1106 GLU A OE2 1 
ATOM   1202 O OE2 C GLU A 1 128 ? 15.157  -4.736  12.364  0.15 48.76 ? 1106 GLU A OE2 1 
ATOM   1203 N N   . SER A 1 129 ? 20.226  -0.248  10.768  1.00 41.58 ? 1107 SER A N   1 
ATOM   1204 C CA  . SER A 1 129 ? 21.588  0.332   10.938  1.00 42.75 ? 1107 SER A CA  1 
ATOM   1205 C C   . SER A 1 129 ? 21.580  1.865   10.859  1.00 47.24 ? 1107 SER A C   1 
ATOM   1206 O O   . SER A 1 129 ? 22.657  2.437   11.048  1.00 50.18 ? 1107 SER A O   1 
ATOM   1207 C CB  . SER A 1 129 ? 22.527  -0.203  9.917   1.00 38.14 ? 1107 SER A CB  1 
ATOM   1208 O OG  . SER A 1 129 ? 22.418  0.543   8.705   1.00 39.14 ? 1107 SER A OG  1 
ATOM   1209 N N   . ARG A 1 130 ? 20.475  2.512   10.484  1.00 46.43 ? 1108 ARG A N   1 
ATOM   1210 C CA  . ARG A 1 130 ? 20.451  3.988   10.283  1.00 53.49 ? 1108 ARG A CA  1 
ATOM   1211 C C   . ARG A 1 130 ? 19.832  4.661   11.519  1.00 58.33 ? 1108 ARG A C   1 
ATOM   1212 O O   . ARG A 1 130 ? 19.439  4.025   12.512  1.00 63.47 ? 1108 ARG A O   1 
ATOM   1213 C CB  . ARG A 1 130 ? 19.787  4.326   8.944   1.00 52.41 ? 1108 ARG A CB  1 
ATOM   1214 C CG  . ARG A 1 130 ? 20.619  3.833   7.767   1.00 57.03 ? 1108 ARG A CG  1 
ATOM   1215 C CD  . ARG A 1 130 ? 20.139  4.267   6.401   1.00 57.46 ? 1108 ARG A CD  1 
ATOM   1216 N NE  . ARG A 1 130 ? 21.121  3.902   5.372   1.00 52.30 ? 1108 ARG A NE  1 
ATOM   1217 C CZ  . ARG A 1 130 ? 20.994  4.175   4.077   1.00 46.47 ? 1108 ARG A CZ  1 
ATOM   1218 N NH1 . ARG A 1 130 ? 19.933  4.845   3.656   1.00 58.37 ? 1108 ARG A NH1 1 
ATOM   1219 N NH2 . ARG A 1 130 ? 21.930  3.809   3.211   1.00 43.04 ? 1108 ARG A NH2 1 
ATOM   1220 O OXT . ARG A 1 130 ? 19.754  5.891   11.550  1.00 67.38 ? 1108 ARG A OXT 1 
HETATM 1221 S S   . SO4 B 2 .   ? -28.695 -10.705 7.179   1.00 34.38 ? 1201 SO4 A S   1 
HETATM 1222 O O1  . SO4 B 2 .   ? -30.119 -10.568 7.194   1.00 37.33 ? 1201 SO4 A O1  1 
HETATM 1223 O O2  . SO4 B 2 .   ? -28.250 -11.576 8.219   1.00 33.00 ? 1201 SO4 A O2  1 
HETATM 1224 O O3  . SO4 B 2 .   ? -28.147 -9.367  7.238   1.00 35.30 ? 1201 SO4 A O3  1 
HETATM 1225 O O4  . SO4 B 2 .   ? -28.301 -11.268 5.875   1.00 41.92 ? 1201 SO4 A O4  1 
HETATM 1226 S S   . SO4 C 2 .   ? 4.492   9.996   7.167   0.50 49.48 ? 1202 SO4 A S   1 
HETATM 1227 O O1  . SO4 C 2 .   ? 3.138   9.499   7.166   0.50 47.61 ? 1202 SO4 A O1  1 
HETATM 1228 O O2  . SO4 C 2 .   ? 4.860   10.354  8.521   0.50 49.43 ? 1202 SO4 A O2  1 
HETATM 1229 O O3  . SO4 C 2 .   ? 5.383   8.974   6.664   0.50 49.39 ? 1202 SO4 A O3  1 
HETATM 1230 O O4  . SO4 C 2 .   ? 4.586   11.160  6.319   0.50 47.66 ? 1202 SO4 A O4  1 
HETATM 1231 C C1  . EDO D 3 .   ? 12.312  -8.349  -5.024  1.00 32.88 ? 1203 EDO A C1  1 
HETATM 1232 O O1  . EDO D 3 .   ? 13.041  -9.569  -4.793  1.00 26.74 ? 1203 EDO A O1  1 
HETATM 1233 C C2  . EDO D 3 .   ? 13.139  -7.182  -5.457  1.00 25.09 ? 1203 EDO A C2  1 
HETATM 1234 O O2  . EDO D 3 .   ? 13.532  -7.232  -6.858  1.00 24.27 ? 1203 EDO A O2  1 
HETATM 1235 C C1  . EDO E 3 .   ? 11.910  -13.596 -7.156  1.00 52.31 ? 1204 EDO A C1  1 
HETATM 1236 O O1  . EDO E 3 .   ? 12.691  -14.573 -7.812  1.00 59.21 ? 1204 EDO A O1  1 
HETATM 1237 C C2  . EDO E 3 .   ? 11.634  -13.971 -5.757  1.00 58.06 ? 1204 EDO A C2  1 
HETATM 1238 O O2  . EDO E 3 .   ? 11.107  -15.272 -5.592  1.00 57.56 ? 1204 EDO A O2  1 
HETATM 1239 C C1  . EDO F 3 .   ? 1.509   11.515  -0.620  1.00 35.22 ? 1205 EDO A C1  1 
HETATM 1240 O O1  . EDO F 3 .   ? 0.954   11.197  0.659   1.00 34.27 ? 1205 EDO A O1  1 
HETATM 1241 C C2  . EDO F 3 .   ? 2.352   12.780  -0.589  1.00 35.49 ? 1205 EDO A C2  1 
HETATM 1242 O O2  . EDO F 3 .   ? 1.574   13.953  -0.406  1.00 39.08 ? 1205 EDO A O2  1 
HETATM 1243 C C10 . RJD G 4 .   ? -18.977 7.305   -2.950  0.65 31.68 ? 1206 RJD A C10 1 
HETATM 1244 C C13 . RJD G 4 .   ? -15.410 6.546   -0.421  0.65 23.20 ? 1206 RJD A C13 1 
HETATM 1245 C C15 . RJD G 4 .   ? -14.481 7.087   -2.727  0.65 23.82 ? 1206 RJD A C15 1 
HETATM 1246 C C20 . RJD G 4 .   ? -11.498 6.747   -6.217  0.65 25.90 ? 1206 RJD A C20 1 
HETATM 1247 C C21 . RJD G 4 .   ? -12.149 7.768   -7.148  0.65 27.09 ? 1206 RJD A C21 1 
HETATM 1248 C C01 . RJD G 4 .   ? -13.019 4.621   -0.590  0.65 21.57 ? 1206 RJD A C01 1 
HETATM 1249 C C02 . RJD G 4 .   ? -14.154 4.800   -1.598  0.65 22.58 ? 1206 RJD A C02 1 
HETATM 1250 C C03 . RJD G 4 .   ? -15.298 3.781   -1.279  0.65 22.79 ? 1206 RJD A C03 1 
HETATM 1251 C C05 . RJD G 4 .   ? -16.486 5.494   -0.489  0.65 24.87 ? 1206 RJD A C05 1 
HETATM 1252 C C06 . RJD G 4 .   ? -17.149 5.898   0.903   0.65 24.15 ? 1206 RJD A C06 1 
HETATM 1253 C C07 . RJD G 4 .   ? -17.774 5.761   -1.292  0.65 27.64 ? 1206 RJD A C07 1 
HETATM 1254 C C11 . RJD G 4 .   ? -18.661 7.390   -4.435  0.65 32.67 ? 1206 RJD A C11 1 
HETATM 1255 C C12 . RJD G 4 .   ? -18.894 8.670   -3.621  0.65 32.54 ? 1206 RJD A C12 1 
HETATM 1256 C C18 . RJD G 4 .   ? -13.525 7.642   -5.017  0.65 26.05 ? 1206 RJD A C18 1 
HETATM 1257 C C19 . RJD G 4 .   ? -13.016 6.917   -6.229  0.65 25.84 ? 1206 RJD A C19 1 
HETATM 1258 N N04 . RJD G 4 .   ? -16.103 4.201   -0.144  0.65 23.36 ? 1206 RJD A N04 1 
HETATM 1259 N N09 . RJD G 4 .   ? -17.811 6.979   -2.134  0.65 30.39 ? 1206 RJD A N09 1 
HETATM 1260 N N14 . RJD G 4 .   ? -14.652 6.187   -1.624  0.65 22.16 ? 1206 RJD A N14 1 
HETATM 1261 N N17 . RJD G 4 .   ? -13.699 6.686   -3.904  0.65 25.11 ? 1206 RJD A N17 1 
HETATM 1262 O O08 . RJD G 4 .   ? -18.674 4.996   -1.287  0.65 28.92 ? 1206 RJD A O08 1 
HETATM 1263 O O16 . RJD G 4 .   ? -14.970 8.158   -2.641  0.65 24.51 ? 1206 RJD A O16 1 
HETATM 1264 C C1  . EDO H 3 .   ? -21.210 5.887   2.172   0.65 42.79 ? 1207 EDO A C1  1 
HETATM 1265 O O1  . EDO H 3 .   ? -22.068 5.978   3.296   0.65 50.49 ? 1207 EDO A O1  1 
HETATM 1266 C C2  . EDO H 3 .   ? -21.442 4.666   1.382   0.65 43.04 ? 1207 EDO A C2  1 
HETATM 1267 O O2  . EDO H 3 .   ? -20.470 4.449   0.376   0.65 41.23 ? 1207 EDO A O2  1 
HETATM 1268 C C1  . EDO I 3 .   ? -16.525 9.176   -7.177  0.65 52.76 ? 1208 EDO A C1  1 
HETATM 1269 O O1  . EDO I 3 .   ? -15.434 10.018  -7.474  0.65 54.90 ? 1208 EDO A O1  1 
HETATM 1270 C C2  . EDO I 3 .   ? -16.525 7.934   -7.988  0.65 53.95 ? 1208 EDO A C2  1 
HETATM 1271 O O2  . EDO I 3 .   ? -16.333 6.737   -7.242  0.65 53.08 ? 1208 EDO A O2  1 
HETATM 1272 O O   . HOH J 5 .   ? -20.651 8.611   8.870   1.00 47.80 ? 1301 HOH A O   1 
HETATM 1273 O O   . HOH J 5 .   ? 17.806  5.893   -1.175  1.00 49.01 ? 1302 HOH A O   1 
HETATM 1274 O O   . HOH J 5 .   ? -30.934 -12.046 5.572   1.00 38.72 ? 1303 HOH A O   1 
HETATM 1275 O O   . HOH J 5 .   ? 0.446   -4.243  7.951   1.00 35.74 ? 1304 HOH A O   1 
HETATM 1276 O O   . HOH J 5 .   ? 2.859   -13.675 -9.569  1.00 40.87 ? 1305 HOH A O   1 
HETATM 1277 O O   . HOH J 5 .   ? -23.704 -1.876  10.947  1.00 50.44 ? 1306 HOH A O   1 
HETATM 1278 O O   . HOH J 5 .   ? -3.189  5.244   11.138  1.00 30.97 ? 1307 HOH A O   1 
HETATM 1279 O O   . HOH J 5 .   ? -11.236 13.693  11.983  1.00 58.82 ? 1308 HOH A O   1 
HETATM 1280 O O   . HOH J 5 .   ? 27.142  -1.580  1.717   1.00 47.21 ? 1309 HOH A O   1 
HETATM 1281 O O   . HOH J 5 .   ? -9.886  -11.898 -1.159  1.00 47.50 ? 1310 HOH A O   1 
HETATM 1282 O O   . HOH J 5 .   ? 15.829  4.031   -14.637 1.00 35.30 ? 1311 HOH A O   1 
HETATM 1283 O O   . HOH J 5 .   ? 12.002  3.686   7.687   1.00 61.97 ? 1312 HOH A O   1 
HETATM 1284 O O   . HOH J 5 .   ? -17.355 0.969   11.735  1.00 38.31 ? 1313 HOH A O   1 
HETATM 1285 O O   . HOH J 5 .   ? -21.286 4.740   5.398   1.00 42.00 ? 1314 HOH A O   1 
HETATM 1286 O O   . HOH J 5 .   ? 23.191  2.724   6.335   1.00 56.99 ? 1315 HOH A O   1 
HETATM 1287 O O   . HOH J 5 .   ? -11.235 -1.858  10.085  1.00 36.14 ? 1316 HOH A O   1 
HETATM 1288 O O   . HOH J 5 .   ? -25.779 -12.261 8.452   1.00 58.38 ? 1317 HOH A O   1 
HETATM 1289 O O   . HOH J 5 .   ? -22.511 2.426   5.890   1.00 35.71 ? 1318 HOH A O   1 
HETATM 1290 O O   . HOH J 5 .   ? 24.024  -0.744  7.019   1.00 38.63 ? 1319 HOH A O   1 
HETATM 1291 O O   . HOH J 5 .   ? 6.215   7.319   -10.258 1.00 42.10 ? 1320 HOH A O   1 
HETATM 1292 O O   . HOH J 5 .   ? -19.084 -5.051  9.311   1.00 35.22 ? 1321 HOH A O   1 
HETATM 1293 O O   . HOH J 5 .   ? 18.519  6.854   -11.451 1.00 45.92 ? 1322 HOH A O   1 
HETATM 1294 O O   . HOH J 5 .   ? -12.222 11.223  -5.307  0.65 39.76 ? 1323 HOH A O   1 
HETATM 1295 O O   . HOH J 5 .   ? 3.016   -3.409  -13.361 1.00 45.31 ? 1324 HOH A O   1 
HETATM 1296 O O   . HOH J 5 .   ? -16.610 -3.990  9.051   1.00 28.27 ? 1325 HOH A O   1 
HETATM 1297 O O   . HOH J 5 .   ? -7.227  13.696  4.125   1.00 50.04 ? 1326 HOH A O   1 
HETATM 1298 O O   . HOH J 5 .   ? -0.743  9.674   6.196   1.00 26.00 ? 1327 HOH A O   1 
HETATM 1299 O O   . HOH J 5 .   ? 19.690  -5.662  12.244  1.00 38.27 ? 1328 HOH A O   1 
HETATM 1300 O O   . HOH J 5 .   ? -14.888 10.626  -3.552  1.00 31.17 ? 1329 HOH A O   1 
HETATM 1301 O O   . HOH J 5 .   ? 4.152   2.726   6.287   1.00 37.93 ? 1330 HOH A O   1 
HETATM 1302 O O   . HOH J 5 .   ? 17.263  -8.864  -6.493  1.00 23.54 ? 1331 HOH A O   1 
HETATM 1303 O O   . HOH J 5 .   ? 21.654  -3.706  10.847  1.00 31.81 ? 1332 HOH A O   1 
HETATM 1304 O O   . HOH J 5 .   ? 18.743  6.305   -5.652  1.00 62.18 ? 1333 HOH A O   1 
HETATM 1305 O O   . HOH J 5 .   ? 1.379   15.336  1.834   1.00 29.42 ? 1334 HOH A O   1 
HETATM 1306 O O   . HOH J 5 .   ? -0.361  12.104  -4.270  1.00 39.83 ? 1335 HOH A O   1 
HETATM 1307 O O   . HOH J 5 .   ? -12.525 3.740   3.129   0.65 16.84 ? 1336 HOH A O   1 
HETATM 1308 O O   . HOH J 5 .   ? -14.943 3.209   2.145   0.65 17.75 ? 1337 HOH A O   1 
HETATM 1309 O O   . HOH J 5 .   ? -9.120  6.384   -11.018 1.00 48.03 ? 1338 HOH A O   1 
HETATM 1310 O O   . HOH J 5 .   ? -6.650  -11.082 -7.547  1.00 29.53 ? 1339 HOH A O   1 
HETATM 1311 O O   . HOH J 5 .   ? 10.154  -2.611  8.295   1.00 36.11 ? 1340 HOH A O   1 
HETATM 1312 O O   . HOH J 5 .   ? -10.669 -12.297 1.867   1.00 64.10 ? 1341 HOH A O   1 
HETATM 1313 O O   . HOH J 5 .   ? 13.763  -3.002  9.859   1.00 50.71 ? 1342 HOH A O   1 
HETATM 1314 O O   . HOH J 5 .   ? -16.565 -0.513  -4.843  1.00 37.96 ? 1343 HOH A O   1 
HETATM 1315 O O   . HOH J 5 .   ? -9.214  12.577  8.407   1.00 41.10 ? 1344 HOH A O   1 
HETATM 1316 O O   . HOH J 5 .   ? -8.891  4.223   -0.324  0.65 26.28 ? 1345 HOH A O   1 
HETATM 1317 O O   . HOH J 5 .   ? 5.461   11.011  -7.770  1.00 31.99 ? 1346 HOH A O   1 
HETATM 1318 O O   . HOH J 5 .   ? 2.694   13.066  6.242   1.00 23.71 ? 1347 HOH A O   1 
HETATM 1319 O O   . HOH J 5 .   ? -3.649  -6.111  -12.965 1.00 33.96 ? 1348 HOH A O   1 
HETATM 1320 O O   . HOH J 5 .   ? 0.838   6.052   6.418   1.00 25.56 ? 1349 HOH A O   1 
HETATM 1321 O O   . HOH J 5 .   ? -8.137  -1.185  12.488  1.00 66.78 ? 1350 HOH A O   1 
HETATM 1322 O O   . HOH J 5 .   ? -27.787 -1.261  5.638   1.00 49.28 ? 1351 HOH A O   1 
HETATM 1323 O O   . HOH J 5 .   ? -2.021  -0.540  8.676   1.00 22.07 ? 1352 HOH A O   1 
HETATM 1324 O O   . HOH J 5 .   ? 8.983   13.168  3.761   1.00 51.33 ? 1353 HOH A O   1 
HETATM 1325 O O   . HOH J 5 .   ? 20.781  -5.330  -3.347  1.00 33.78 ? 1354 HOH A O   1 
HETATM 1326 O O   . HOH J 5 .   ? 16.500  -14.170 5.244   1.00 41.45 ? 1355 HOH A O   1 
HETATM 1327 O O   . HOH J 5 .   ? -23.261 -6.689  -2.563  1.00 26.16 ? 1356 HOH A O   1 
HETATM 1328 O O   . HOH J 5 .   ? -10.669 -7.210  -12.592 1.00 53.82 ? 1357 HOH A O   1 
HETATM 1329 O O   . HOH J 5 .   ? -6.225  9.156   0.662   1.00 23.62 ? 1358 HOH A O   1 
HETATM 1330 O O   . HOH J 5 .   ? -13.817 7.504   14.006  1.00 48.47 ? 1359 HOH A O   1 
HETATM 1331 O O   . HOH J 5 .   ? 10.496  -10.040 -8.546  1.00 24.53 ? 1360 HOH A O   1 
HETATM 1332 O O   . HOH J 5 .   ? -3.133  -13.461 -0.035  1.00 25.06 ? 1361 HOH A O   1 
HETATM 1333 O O   . HOH J 5 .   ? 3.062   2.411   -10.477 1.00 53.06 ? 1362 HOH A O   1 
HETATM 1334 O O   . HOH J 5 .   ? -8.892  0.402   -11.071 1.00 24.52 ? 1363 HOH A O   1 
HETATM 1335 O O   . HOH J 5 .   ? 8.556   -0.234  -11.677 1.00 15.81 ? 1364 HOH A O   1 
HETATM 1336 O O   . HOH J 5 .   ? 11.693  -7.525  -8.888  1.00 17.27 ? 1365 HOH A O   1 
HETATM 1337 O O   . HOH J 5 .   ? 12.399  11.875  -3.474  1.00 42.30 ? 1366 HOH A O   1 
HETATM 1338 O O   . HOH J 5 .   ? 1.184   -16.156 -3.652  1.00 34.07 ? 1367 HOH A O   1 
HETATM 1339 O O   . HOH J 5 .   ? -30.246 -4.634  3.195   1.00 27.76 ? 1368 HOH A O   1 
HETATM 1340 O O   . HOH J 5 .   ? 19.452  -10.563 11.704  1.00 39.07 ? 1369 HOH A O   1 
HETATM 1341 O O   . HOH J 5 .   ? 10.629  12.311  1.980   1.00 47.95 ? 1370 HOH A O   1 
HETATM 1342 O O   . HOH J 5 .   ? 23.652  -6.877  7.832   1.00 27.22 ? 1371 HOH A O   1 
HETATM 1343 O O   . HOH J 5 .   ? 7.344   -6.118  -9.155  1.00 37.63 ? 1372 HOH A O   1 
HETATM 1344 O O   . HOH J 5 .   ? -18.457 5.088   -6.520  0.65 47.95 ? 1373 HOH A O   1 
HETATM 1345 O O   . HOH J 5 .   ? -4.626  -0.980  9.137   1.00 26.32 ? 1374 HOH A O   1 
HETATM 1346 O O   . HOH J 5 .   ? -6.125  3.166   -12.824 1.00 42.78 ? 1375 HOH A O   1 
HETATM 1347 O O   . HOH J 5 .   ? 18.269  4.864   -3.227  1.00 28.23 ? 1376 HOH A O   1 
HETATM 1348 O O   . HOH J 5 .   ? -22.489 1.688   0.281   1.00 42.96 ? 1377 HOH A O   1 
HETATM 1349 O O   . HOH J 5 .   ? -8.427  1.974   9.590   1.00 25.05 ? 1378 HOH A O   1 
HETATM 1350 O O   . HOH J 5 .   ? -8.967  6.205   2.428   0.65 21.92 ? 1379 HOH A O   1 
HETATM 1351 O O   . HOH J 5 .   ? 14.216  7.923   2.970   1.00 52.09 ? 1380 HOH A O   1 
HETATM 1352 O O   . HOH J 5 .   ? 4.994   6.207   5.986   1.00 36.95 ? 1381 HOH A O   1 
HETATM 1353 O O   . HOH J 5 .   ? -4.070  5.027   -8.674  1.00 30.46 ? 1382 HOH A O   1 
HETATM 1354 O O   . HOH J 5 .   ? 20.014  1.296   -9.690  0.50 38.37 ? 1383 HOH A O   1 
HETATM 1355 O O   . HOH J 5 .   ? -10.679 2.631   1.822   0.65 32.71 ? 1384 HOH A O   1 
HETATM 1356 O O   . HOH J 5 .   ? 12.392  -11.606 4.961   1.00 40.01 ? 1385 HOH A O   1 
HETATM 1357 O O   . HOH J 5 .   ? -12.617 -10.761 -1.315  1.00 24.98 ? 1386 HOH A O   1 
HETATM 1358 O O   . HOH J 5 .   ? -23.002 -7.769  6.750   1.00 32.19 ? 1387 HOH A O   1 
HETATM 1359 O O   . HOH J 5 .   ? 0.462   9.572   -7.766  1.00 31.36 ? 1388 HOH A O   1 
HETATM 1360 O O   . HOH J 5 .   ? 15.423  -13.635 -6.330  1.00 36.49 ? 1389 HOH A O   1 
HETATM 1361 O O   . HOH J 5 .   ? 2.938   -12.242 1.522   1.00 32.15 ? 1390 HOH A O   1 
HETATM 1362 O O   . HOH J 5 .   ? -20.814 -0.299  -3.457  1.00 32.74 ? 1391 HOH A O   1 
HETATM 1363 O O   . HOH J 5 .   ? 12.621  -9.966  6.617   1.00 47.19 ? 1392 HOH A O   1 
HETATM 1364 O O   . HOH J 5 .   ? -14.019 -0.274  -7.296  1.00 24.34 ? 1393 HOH A O   1 
HETATM 1365 O O   . HOH J 5 .   ? 9.923   7.077   5.988   1.00 48.34 ? 1394 HOH A O   1 
HETATM 1366 O O   . HOH J 5 .   ? -14.892 9.923   14.761  1.00 41.91 ? 1395 HOH A O   1 
HETATM 1367 O O   . HOH J 5 .   ? -7.775  5.767   9.547   1.00 20.05 ? 1396 HOH A O   1 
HETATM 1368 O O   . HOH J 5 .   ? -7.471  13.096  11.061  1.00 31.16 ? 1397 HOH A O   1 
HETATM 1369 O O   . HOH J 5 .   ? 12.300  -16.097 -1.013  1.00 35.81 ? 1398 HOH A O   1 
HETATM 1370 O O   . HOH J 5 .   ? 9.072   11.595  5.904   1.00 51.62 ? 1399 HOH A O   1 
HETATM 1371 O O   . HOH J 5 .   ? 17.556  -15.966 -1.892  1.00 54.58 ? 1400 HOH A O   1 
HETATM 1372 O O   . HOH J 5 .   ? 11.516  10.579  -6.993  1.00 43.15 ? 1401 HOH A O   1 
HETATM 1373 O O   . HOH J 5 .   ? 0.385   2.652   7.688   1.00 39.37 ? 1402 HOH A O   1 
HETATM 1374 O O   . HOH J 5 .   ? 3.250   -4.734  7.449   1.00 29.31 ? 1403 HOH A O   1 
HETATM 1375 O O   . HOH J 5 .   ? -8.839  8.966   0.656   0.65 26.59 ? 1404 HOH A O   1 
HETATM 1376 O O   . HOH J 5 .   ? -0.570  -10.185 -11.378 1.00 49.09 ? 1405 HOH A O   1 
HETATM 1377 O O   . HOH J 5 .   ? 9.903   4.535   -1.065  1.00 17.96 ? 1406 HOH A O   1 
HETATM 1378 O O   . HOH J 5 .   ? 16.136  -8.077  -9.978  1.00 17.29 ? 1407 HOH A O   1 
HETATM 1379 O O   . HOH J 5 .   ? -6.132  -4.619  6.786   1.00 30.48 ? 1408 HOH A O   1 
HETATM 1380 O O   . HOH J 5 .   ? -26.617 -7.603  1.085   1.00 25.48 ? 1409 HOH A O   1 
HETATM 1381 O O   . HOH J 5 .   ? 24.309  5.660   1.491   1.00 52.80 ? 1410 HOH A O   1 
HETATM 1382 O O   . HOH J 5 .   ? 2.888   11.119  2.870   1.00 30.63 ? 1411 HOH A O   1 
HETATM 1383 O O   . HOH J 5 .   ? -29.438 -8.380  9.688   1.00 42.01 ? 1412 HOH A O   1 
HETATM 1384 O O   . HOH J 5 .   ? -8.702  -0.138  -15.475 1.00 55.91 ? 1413 HOH A O   1 
HETATM 1385 O O   . HOH J 5 .   ? -1.545  -7.184  8.625   1.00 67.45 ? 1414 HOH A O   1 
HETATM 1386 O O   . HOH J 5 .   ? -10.005 5.771   -1.991  0.65 28.10 ? 1415 HOH A O   1 
HETATM 1387 O O   . HOH J 5 .   ? -9.635  -5.420  -14.686 1.00 35.12 ? 1416 HOH A O   1 
HETATM 1388 O O   . HOH J 5 .   ? -23.098 -6.006  8.713   1.00 37.87 ? 1417 HOH A O   1 
HETATM 1389 O O   . HOH J 5 .   ? 29.914  3.456   -1.449  1.00 56.97 ? 1418 HOH A O   1 
HETATM 1390 O O   . HOH J 5 .   ? -14.253 14.064  4.038   1.00 36.49 ? 1419 HOH A O   1 
HETATM 1391 O O   . HOH J 5 .   ? -3.356  -8.209  6.571   1.00 41.97 ? 1420 HOH A O   1 
HETATM 1392 O O   . HOH J 5 .   ? -3.881  -12.302 2.673   1.00 46.96 ? 1421 HOH A O   1 
HETATM 1393 O O   . HOH J 5 .   ? 5.631   8.408   10.646  1.00 48.78 ? 1422 HOH A O   1 
HETATM 1394 O O   . HOH J 5 .   ? 6.094   12.003  -5.194  1.00 26.54 ? 1423 HOH A O   1 
HETATM 1395 O O   . HOH J 5 .   ? -9.969  13.679  15.683  1.00 41.64 ? 1424 HOH A O   1 
HETATM 1396 O O   . HOH J 5 .   ? 15.121  -10.827 -6.553  1.00 39.07 ? 1425 HOH A O   1 
HETATM 1397 O O   . HOH J 5 .   ? 2.780   -6.958  6.730   1.00 41.22 ? 1426 HOH A O   1 
HETATM 1398 O O   . HOH J 5 .   ? 6.592   4.500   5.906   1.00 34.37 ? 1427 HOH A O   1 
HETATM 1399 O O   . HOH J 5 .   ? -27.150 -1.113  -1.222  1.00 40.78 ? 1428 HOH A O   1 
HETATM 1400 O O   . HOH J 5 .   ? 0.039   4.471   9.734   1.00 62.74 ? 1429 HOH A O   1 
HETATM 1401 O O   . HOH J 5 .   ? -12.970 -10.470 -6.302  1.00 24.20 ? 1430 HOH A O   1 
HETATM 1402 O O   . HOH J 5 .   ? -9.551  -12.513 -5.858  1.00 47.60 ? 1431 HOH A O   1 
HETATM 1403 O O   . HOH J 5 .   ? -0.061  -16.059 -6.383  1.00 75.27 ? 1432 HOH A O   1 
HETATM 1404 O O   . HOH J 5 .   ? 13.336  4.387   -0.755  1.00 23.57 ? 1433 HOH A O   1 
HETATM 1405 O O   . HOH J 5 .   ? -18.392 -8.865  1.900   1.00 37.07 ? 1434 HOH A O   1 
HETATM 1406 O O   . HOH J 5 .   ? -2.708  11.660  -4.285  1.00 41.97 ? 1435 HOH A O   1 
HETATM 1407 O O   . HOH J 5 .   ? -0.880  -8.506  -12.648 1.00 34.22 ? 1436 HOH A O   1 
HETATM 1408 O O   . HOH J 5 .   ? -4.490  -6.872  -9.724  1.00 34.20 ? 1437 HOH A O   1 
HETATM 1409 O O   . HOH J 5 .   ? -19.616 -1.524  -9.555  1.00 46.48 ? 1438 HOH A O   1 
HETATM 1410 O O   . HOH J 5 .   ? -9.786  5.899   11.428  1.00 26.77 ? 1439 HOH A O   1 
HETATM 1411 O O   . HOH J 5 .   ? 25.187  2.964   -8.923  1.00 60.79 ? 1440 HOH A O   1 
HETATM 1412 O O   . HOH J 5 .   ? -11.163 -11.445 5.418   1.00 63.08 ? 1441 HOH A O   1 
HETATM 1413 O O   . HOH J 5 .   ? -26.893 -10.711 10.931  1.00 45.86 ? 1442 HOH A O   1 
HETATM 1414 O O   . HOH J 5 .   ? 17.877  6.267   5.602   1.00 52.51 ? 1443 HOH A O   1 
HETATM 1415 O O   . HOH J 5 .   ? 27.562  0.080   5.275   1.00 57.04 ? 1444 HOH A O   1 
HETATM 1416 O O   . HOH J 5 .   ? -19.082 0.607   -7.437  0.65 39.83 ? 1445 HOH A O   1 
HETATM 1417 O O   . HOH J 5 .   ? -1.543  4.419   -8.439  1.00 35.11 ? 1446 HOH A O   1 
HETATM 1418 O O   . HOH J 5 .   ? -18.479 3.758   -4.232  0.65 37.68 ? 1447 HOH A O   1 
HETATM 1419 O O   . HOH J 5 .   ? 7.361   13.315  7.163   1.00 43.82 ? 1448 HOH A O   1 
HETATM 1420 O O   . HOH J 5 .   ? 13.214  -11.992 10.197  1.00 65.68 ? 1449 HOH A O   1 
HETATM 1421 O O   . HOH J 5 .   ? -26.702 -3.339  9.127   1.00 26.87 ? 1450 HOH A O   1 
HETATM 1422 O O   . HOH J 5 .   ? -17.605 -8.786  6.439   1.00 51.76 ? 1451 HOH A O   1 
HETATM 1423 O O   . HOH J 5 .   ? 23.564  -3.449  0.212   1.00 47.52 ? 1452 HOH A O   1 
HETATM 1424 O O   . HOH J 5 .   ? 16.755  8.986   0.939   1.00 64.56 ? 1453 HOH A O   1 
HETATM 1425 O O   . HOH J 5 .   ? 0.302   14.713  -3.374  1.00 43.44 ? 1454 HOH A O   1 
HETATM 1426 O O   . HOH J 5 .   ? 23.504  -4.208  -3.575  1.00 44.17 ? 1455 HOH A O   1 
HETATM 1427 O O   . HOH J 5 .   ? 8.268   -13.133 0.483   1.00 59.84 ? 1456 HOH A O   1 
HETATM 1428 O O   . HOH J 5 .   ? -8.083  -11.874 -3.934  1.00 43.49 ? 1457 HOH A O   1 
HETATM 1429 O O   . HOH J 5 .   ? 2.137   -14.930 -11.935 1.00 47.36 ? 1458 HOH A O   1 
HETATM 1430 O O   . HOH J 5 .   ? 5.859   0.259   -12.681 1.00 28.29 ? 1459 HOH A O   1 
HETATM 1431 O O   . HOH J 5 .   ? -0.889  2.903   -12.851 1.00 44.83 ? 1460 HOH A O   1 
HETATM 1432 O O   . HOH J 5 .   ? -10.190 14.351  -4.292  0.65 65.93 ? 1461 HOH A O   1 
HETATM 1433 O O   . HOH J 5 .   ? 15.778  5.642   0.318   1.00 32.91 ? 1462 HOH A O   1 
HETATM 1434 O O   . HOH J 5 .   ? -8.725  16.682  1.654   0.65 49.40 ? 1463 HOH A O   1 
HETATM 1435 O O   . HOH J 5 .   ? -15.512 -8.082  5.738   1.00 51.31 ? 1464 HOH A O   1 
HETATM 1436 O O   . HOH J 5 .   ? -16.385 -2.501  11.619  1.00 57.41 ? 1465 HOH A O   1 
HETATM 1437 O O   . HOH J 5 .   ? -9.374  -13.473 -7.974  1.00 63.91 ? 1466 HOH A O   1 
HETATM 1438 O O   . HOH J 5 .   ? -0.171  -13.799 -7.323  1.00 50.29 ? 1467 HOH A O   1 
HETATM 1439 O O   . HOH J 5 .   ? 8.694   12.808  -5.670  1.00 27.74 ? 1468 HOH A O   1 
HETATM 1440 O O   . HOH J 5 .   ? -11.014 -12.835 -9.632  1.00 46.97 ? 1469 HOH A O   1 
HETATM 1441 O O   . HOH J 5 .   ? -0.610  -14.716 0.303   1.00 33.69 ? 1470 HOH A O   1 
HETATM 1442 O O   . HOH J 5 .   ? 2.998   10.711  -8.632  1.00 45.41 ? 1471 HOH A O   1 
HETATM 1443 O O   . HOH J 5 .   ? -0.593  7.555   -9.774  1.00 62.73 ? 1472 HOH A O   1 
HETATM 1444 O O   . HOH J 5 .   ? -15.922 -9.137  2.944   1.00 48.65 ? 1473 HOH A O   1 
HETATM 1445 O O   . HOH J 5 .   ? 5.599   -12.789 1.541   1.00 57.84 ? 1474 HOH A O   1 
HETATM 1446 O O   . HOH J 5 .   ? -21.912 2.085   -2.278  0.65 34.56 ? 1475 HOH A O   1 
HETATM 1447 O O   . HOH J 5 .   ? -18.777 0.809   -4.848  0.65 33.60 ? 1476 HOH A O   1 
HETATM 1448 O O   . HOH J 5 .   ? -5.864  -13.459 -3.874  1.00 39.39 ? 1477 HOH A O   1 
HETATM 1449 O O   . HOH J 5 .   ? -29.266 -0.311  0.787   1.00 46.72 ? 1478 HOH A O   1 
HETATM 1450 O O   . HOH J 5 .   ? -8.408  -5.328  7.372   1.00 45.38 ? 1479 HOH A O   1 
HETATM 1451 O O   . HOH J 5 .   ? -13.339 -12.465 0.578   1.00 61.72 ? 1480 HOH A O   1 
HETATM 1452 O O   . HOH J 5 .   ? 3.439   -18.164 -3.582  1.00 44.99 ? 1481 HOH A O   1 
HETATM 1453 O O   . HOH J 5 .   ? -12.232 -12.120 -4.279  1.00 30.76 ? 1482 HOH A O   1 
HETATM 1454 O O   . HOH J 5 .   ? -6.116  -6.075  -14.585 1.00 55.83 ? 1483 HOH A O   1 
HETATM 1455 O O   . HOH J 5 .   ? -4.592  -15.073 -1.120  1.00 43.39 ? 1484 HOH A O   1 
HETATM 1456 O O   . HOH J 5 .   ? -0.872  -2.824  9.731   1.00 31.62 ? 1485 HOH A O   1 
HETATM 1457 O O   . HOH J 5 .   ? -16.389 -3.025  -12.407 1.00 49.72 ? 1486 HOH A O   1 
HETATM 1458 O O   . HOH J 5 .   ? -22.728 -0.587  12.927  1.00 58.85 ? 1487 HOH A O   1 
HETATM 1459 O O   . HOH J 5 .   ? -5.008  0.851   11.437  1.00 48.67 ? 1488 HOH A O   1 
HETATM 1460 O O   . HOH J 5 .   ? -2.329  -12.651 -7.101  1.00 56.85 ? 1489 HOH A O   1 
HETATM 1461 O O   . HOH J 5 .   ? -15.397 -6.416  8.356   1.00 45.65 ? 1490 HOH A O   1 
HETATM 1462 O O   . HOH J 5 .   ? -8.556  6.458   13.516  1.00 74.09 ? 1491 HOH A O   1 
HETATM 1463 O O   . HOH J 5 .   ? 9.856   -5.691  -10.110 1.00 19.96 ? 1492 HOH A O   1 
HETATM 1464 O O   . HOH J 5 .   ? -1.203  1.906   9.841   1.00 49.56 ? 1493 HOH A O   1 
HETATM 1465 O O   . HOH J 5 .   ? -0.469  -16.808 -1.648  1.00 32.98 ? 1494 HOH A O   1 
HETATM 1466 O O   . HOH J 5 .   ? 0.950   -14.245 2.431   1.00 41.44 ? 1495 HOH A O   1 
HETATM 1467 O O   . HOH J 5 .   ? 18.220  8.936   -5.252  1.00 52.68 ? 1496 HOH A O   1 
HETATM 1468 O O   . HOH J 5 .   ? -4.981  -4.000  9.535   1.00 47.34 ? 1497 HOH A O   1 
HETATM 1469 O O   . HOH J 5 .   ? -10.019 0.956   -13.324 1.00 41.19 ? 1498 HOH A O   1 
HETATM 1470 O O   . HOH J 5 .   ? -5.034  -11.589 -9.302  1.00 66.02 ? 1499 HOH A O   1 
HETATM 1471 O O   . HOH J 5 .   ? -2.871  2.841   11.269  1.00 56.69 ? 1500 HOH A O   1 
HETATM 1472 O O   . HOH J 5 .   ? -3.180  -11.058 4.644   1.00 66.29 ? 1501 HOH A O   1 
HETATM 1473 O O   . HOH J 5 .   ? -5.863  5.041   11.472  1.00 29.87 ? 1502 HOH A O   1 
HETATM 1474 O O   . HOH J 5 .   ? -6.599  2.485   11.579  1.00 33.73 ? 1503 HOH A O   1 
HETATM 1475 O O   . HOH J 5 .   ? 10.499  14.280  -4.574  1.00 36.56 ? 1504 HOH A O   1 
HETATM 1476 O O   . HOH J 5 .   ? -7.797  -3.471  11.383  1.00 64.58 ? 1505 HOH A O   1 
HETATM 1477 O O   . HOH J 5 .   ? -13.891 -6.904  -12.718 1.00 55.31 ? 1506 HOH A O   1 
HETATM 1478 O O   . HOH J 5 .   ? -4.429  -13.714 -5.804  1.00 53.16 ? 1507 HOH A O   1 
HETATM 1479 O O   . HOH J 5 .   ? 3.631   8.948   -11.171 1.00 58.22 ? 1508 HOH A O   1 
HETATM 1480 O O   . HOH J 5 .   ? -2.185  5.084   13.755  1.00 45.99 ? 1509 HOH A O   1 
HETATM 1481 O O   . HOH J 5 .   ? -24.591 -8.401  -0.556  1.00 26.30 ? 1510 HOH A O   1 
HETATM 1482 O O   . HOH J 5 .   ? 9.807   -12.033 3.069   1.00 52.81 ? 1511 HOH A O   1 
HETATM 1483 O O   . HOH J 5 .   ? 17.675  -14.783 -7.664  1.00 50.83 ? 1512 HOH A O   1 
HETATM 1484 O O   . HOH J 5 .   ? -5.052  5.246   -11.278 1.00 41.34 ? 1513 HOH A O   1 
HETATM 1485 O O   . HOH J 5 .   ? 4.553   4.639   -10.720 1.00 46.84 ? 1514 HOH A O   1 
HETATM 1486 O O   . HOH J 5 .   ? -9.555  -4.175  9.684   1.00 59.45 ? 1515 HOH A O   1 
HETATM 1487 O O   . HOH J 5 .   ? -3.171  -9.046  -10.175 1.00 41.78 ? 1516 HOH A O   1 
HETATM 1488 O O   . HOH J 5 .   ? 16.410  5.961   7.837   1.00 53.93 ? 1517 HOH A O   1 
HETATM 1489 O O   . HOH J 5 .   ? -13.463 -8.924  6.684   1.00 63.19 ? 1518 HOH A O   1 
HETATM 1490 O O   . HOH J 5 .   ? -6.331  6.163   13.998  1.00 40.63 ? 1519 HOH A O   1 
HETATM 1491 O O   . HOH J 5 .   ? -3.245  -16.928 -2.524  1.00 47.27 ? 1520 HOH A O   1 
HETATM 1492 O O   . HOH J 5 .   ? -3.116  -16.480 -5.330  1.00 60.41 ? 1521 HOH A O   1 
HETATM 1493 O O   . HOH J 5 .   ? 1.397   6.753   -11.387 1.00 56.05 ? 1522 HOH A O   1 
# 
